data_6QEC
# 
_entry.id   6QEC 
# 
_audit_conform.dict_name       mmcif_pdbx.dic 
_audit_conform.dict_version    5.383 
_audit_conform.dict_location   http://mmcif.pdb.org/dictionaries/ascii/mmcif_pdbx.dic 
# 
loop_
_database_2.database_id 
_database_2.database_code 
_database_2.pdbx_database_accession 
_database_2.pdbx_DOI 
PDB   6QEC         pdb_00006qec 10.2210/pdb6qec/pdb 
WWPDB D_1292100043 ?            ?                   
# 
loop_
_pdbx_audit_revision_history.ordinal 
_pdbx_audit_revision_history.data_content_type 
_pdbx_audit_revision_history.major_revision 
_pdbx_audit_revision_history.minor_revision 
_pdbx_audit_revision_history.revision_date 
1 'Structure model' 1 0 2020-02-05 
2 'Structure model' 1 1 2020-08-26 
3 'Structure model' 1 2 2024-01-24 
# 
_pdbx_audit_revision_details.ordinal             1 
_pdbx_audit_revision_details.revision_ordinal    1 
_pdbx_audit_revision_details.data_content_type   'Structure model' 
_pdbx_audit_revision_details.provider            repository 
_pdbx_audit_revision_details.type                'Initial release' 
_pdbx_audit_revision_details.description         ? 
_pdbx_audit_revision_details.details             ? 
# 
loop_
_pdbx_audit_revision_group.ordinal 
_pdbx_audit_revision_group.revision_ordinal 
_pdbx_audit_revision_group.data_content_type 
_pdbx_audit_revision_group.group 
1 2 'Structure model' 'Database references'    
2 3 'Structure model' 'Data collection'        
3 3 'Structure model' 'Database references'    
4 3 'Structure model' 'Refinement description' 
# 
loop_
_pdbx_audit_revision_category.ordinal 
_pdbx_audit_revision_category.revision_ordinal 
_pdbx_audit_revision_category.data_content_type 
_pdbx_audit_revision_category.category 
1 2 'Structure model' citation                      
2 2 'Structure model' citation_author               
3 3 'Structure model' chem_comp_atom                
4 3 'Structure model' chem_comp_bond                
5 3 'Structure model' database_2                    
6 3 'Structure model' pdbx_initial_refinement_model 
# 
loop_
_pdbx_audit_revision_item.ordinal 
_pdbx_audit_revision_item.revision_ordinal 
_pdbx_audit_revision_item.data_content_type 
_pdbx_audit_revision_item.item 
1  2 'Structure model' '_citation.country'                   
2  2 'Structure model' '_citation.journal_abbrev'            
3  2 'Structure model' '_citation.journal_id_ASTM'           
4  2 'Structure model' '_citation.journal_id_CSD'            
5  2 'Structure model' '_citation.journal_id_ISSN'           
6  2 'Structure model' '_citation.journal_volume'            
7  2 'Structure model' '_citation.page_first'                
8  2 'Structure model' '_citation.page_last'                 
9  2 'Structure model' '_citation.pdbx_database_id_DOI'      
10 2 'Structure model' '_citation.pdbx_database_id_PubMed'   
11 2 'Structure model' '_citation.title'                     
12 2 'Structure model' '_citation.year'                      
13 3 'Structure model' '_database_2.pdbx_DOI'                
14 3 'Structure model' '_database_2.pdbx_database_accession' 
# 
_pdbx_database_status.status_code                     REL 
_pdbx_database_status.status_code_sf                  REL 
_pdbx_database_status.status_code_mr                  ? 
_pdbx_database_status.entry_id                        6QEC 
_pdbx_database_status.recvd_initial_deposition_date   2019-01-07 
_pdbx_database_status.SG_entry                        N 
_pdbx_database_status.deposit_site                    PDBE 
_pdbx_database_status.process_site                    PDBE 
_pdbx_database_status.status_code_cs                  ? 
_pdbx_database_status.methods_development_category    ? 
_pdbx_database_status.pdb_format_compatible           Y 
_pdbx_database_status.status_code_nmr_data            ? 
# 
_pdbx_database_related.db_name        PDB 
_pdbx_database_related.details        '5LXU is the selenomethionine derivatised protein with a different DNA' 
_pdbx_database_related.db_id          5LXU 
_pdbx_database_related.content_type   unspecified 
# 
loop_
_audit_author.name 
_audit_author.pdbx_ordinal 
_audit_author.identifier_ORCID 
'Zubieta, C.' 1 0000-0003-4558-9333 
'Nayak, A.'   2 0000-0001-9343-8551 
# 
_citation.abstract                  ? 
_citation.abstract_id_CAS           ? 
_citation.book_id_ISBN              ? 
_citation.book_publisher            ? 
_citation.book_publisher_city       ? 
_citation.book_title                ? 
_citation.coordinate_linkage        ? 
_citation.country                   US 
_citation.database_id_Medline       ? 
_citation.details                   ? 
_citation.id                        primary 
_citation.journal_abbrev            Proc.Natl.Acad.Sci.USA 
_citation.journal_id_ASTM           PNASA6 
_citation.journal_id_CSD            0040 
_citation.journal_id_ISSN           1091-6490 
_citation.journal_full              ? 
_citation.journal_issue             ? 
_citation.journal_volume            117 
_citation.language                  ? 
_citation.page_first                6901 
_citation.page_last                 6909 
_citation.title                     'Molecular mechanisms of Evening Complex activity inArabidopsis.' 
_citation.year                      2020 
_citation.database_id_CSD           ? 
_citation.pdbx_database_id_DOI      10.1073/pnas.1920972117 
_citation.pdbx_database_id_PubMed   32165537 
_citation.unpublished_flag          ? 
# 
loop_
_citation_author.citation_id 
_citation_author.name 
_citation_author.ordinal 
_citation_author.identifier_ORCID 
primary 'Silva, C.S.'           1  ?                   
primary 'Nayak, A.'             2  ?                   
primary 'Lai, X.'               3  ?                   
primary 'Hutin, S.'             4  ?                   
primary 'Hugouvieux, V.'        5  ?                   
primary 'Jung, J.H.'            6  ?                   
primary 'Lopez-Vidriero, I.'    7  ?                   
primary 'Franco-Zorrilla, J.M.' 8  0000-0001-6769-7349 
primary 'Panigrahi, K.C.S.'     9  ?                   
primary 'Nanao, M.H.'           10 ?                   
primary 'Wigge, P.A.'           11 ?                   
primary 'Zubieta, C.'           12 0000-0003-4558-9333 
# 
loop_
_entity.id 
_entity.type 
_entity.src_method 
_entity.pdbx_description 
_entity.formula_weight 
_entity.pdbx_number_of_molecules 
_entity.pdbx_ec 
_entity.pdbx_mutation 
_entity.pdbx_fragment 
_entity.details 
1 polymer     syn 
;DNA (5'-D(*AP*TP*TP*CP*GP*AP*AP*TP*AP*T*TP*AP*TP*AP*TP*TP*CP*GP*AP*A)-3')
;
3043.029 1   ? ? ? ? 
2 polymer     syn 
;DNA (5'-D(*AP*TP*TP*CP*GP*AP*AP*TP*AP*T*TP*AP*TP*AP*TP*TP*CP*GP*AP*A)-3')
;
3043.028 1   ? ? ? ? 
3 polymer     man 'Transcription factor LUX'                                                  7593.067 1   ? ? ? ? 
4 non-polymer syn GLYCEROL                                                                    92.094   2   ? ? ? ? 
5 water       nat water                                                                       18.015   137 ? ? ? ? 
# 
_entity_name_com.entity_id   3 
_entity_name_com.name        'Protein LUX ARRHYTHMO,Protein PHYTOCLOCK 1' 
# 
loop_
_entity_poly.entity_id 
_entity_poly.type 
_entity_poly.nstd_linkage 
_entity_poly.nstd_monomer 
_entity_poly.pdbx_seq_one_letter_code 
_entity_poly.pdbx_seq_one_letter_code_can 
_entity_poly.pdbx_strand_id 
_entity_poly.pdbx_target_identifier 
1 polydeoxyribonucleotide no no '(DA)(DT)(DT)(DC)(DG)(DA)(DA)(DT)(DA)(DT)'                        ATTCGAATAT U ? 
2 polydeoxyribonucleotide no no '(DT)(DA)(DT)(DA)(DT)(DT)(DC)(DG)(DA)(DA)'                        TATATTCGAA B ? 
3 'polypeptide(L)'        no no GRQGKTLKRPRLVWTPQLHKRFVDVVAHLGIKNAVPKTIMQLMNVEGLTRENVASHLQKYRLYLK 
GRQGKTLKRPRLVWTPQLHKRFVDVVAHLGIKNAVPKTIMQLMNVEGLTRENVASHLQKYRLYLK A ? 
# 
loop_
_pdbx_entity_nonpoly.entity_id 
_pdbx_entity_nonpoly.name 
_pdbx_entity_nonpoly.comp_id 
4 GLYCEROL GOL 
5 water    HOH 
# 
loop_
_entity_poly_seq.entity_id 
_entity_poly_seq.num 
_entity_poly_seq.mon_id 
_entity_poly_seq.hetero 
1 1  DA  n 
1 2  DT  n 
1 3  DT  n 
1 4  DC  n 
1 5  DG  n 
1 6  DA  n 
1 7  DA  n 
1 8  DT  n 
1 9  DA  n 
1 10 DT  n 
2 1  DT  n 
2 2  DA  n 
2 3  DT  n 
2 4  DA  n 
2 5  DT  n 
2 6  DT  n 
2 7  DC  n 
2 8  DG  n 
2 9  DA  n 
2 10 DA  n 
3 1  GLY n 
3 2  ARG n 
3 3  GLN n 
3 4  GLY n 
3 5  LYS n 
3 6  THR n 
3 7  LEU n 
3 8  LYS n 
3 9  ARG n 
3 10 PRO n 
3 11 ARG n 
3 12 LEU n 
3 13 VAL n 
3 14 TRP n 
3 15 THR n 
3 16 PRO n 
3 17 GLN n 
3 18 LEU n 
3 19 HIS n 
3 20 LYS n 
3 21 ARG n 
3 22 PHE n 
3 23 VAL n 
3 24 ASP n 
3 25 VAL n 
3 26 VAL n 
3 27 ALA n 
3 28 HIS n 
3 29 LEU n 
3 30 GLY n 
3 31 ILE n 
3 32 LYS n 
3 33 ASN n 
3 34 ALA n 
3 35 VAL n 
3 36 PRO n 
3 37 LYS n 
3 38 THR n 
3 39 ILE n 
3 40 MET n 
3 41 GLN n 
3 42 LEU n 
3 43 MET n 
3 44 ASN n 
3 45 VAL n 
3 46 GLU n 
3 47 GLY n 
3 48 LEU n 
3 49 THR n 
3 50 ARG n 
3 51 GLU n 
3 52 ASN n 
3 53 VAL n 
3 54 ALA n 
3 55 SER n 
3 56 HIS n 
3 57 LEU n 
3 58 GLN n 
3 59 LYS n 
3 60 TYR n 
3 61 ARG n 
3 62 LEU n 
3 63 TYR n 
3 64 LEU n 
3 65 LYS n 
# 
_entity_src_gen.entity_id                          3 
_entity_src_gen.pdbx_src_id                        1 
_entity_src_gen.pdbx_alt_source_flag               sample 
_entity_src_gen.pdbx_seq_type                      'Biological sequence' 
_entity_src_gen.pdbx_beg_seq_num                   1 
_entity_src_gen.pdbx_end_seq_num                   65 
_entity_src_gen.gene_src_common_name               'Mouse-ear cress' 
_entity_src_gen.gene_src_genus                     ? 
_entity_src_gen.pdbx_gene_src_gene                 'LUX, PCL1, At3g46640, F12A12.160' 
_entity_src_gen.gene_src_species                   ? 
_entity_src_gen.gene_src_strain                    ? 
_entity_src_gen.gene_src_tissue                    ? 
_entity_src_gen.gene_src_tissue_fraction           ? 
_entity_src_gen.gene_src_details                   ? 
_entity_src_gen.pdbx_gene_src_fragment             ? 
_entity_src_gen.pdbx_gene_src_scientific_name      'Arabidopsis thaliana' 
_entity_src_gen.pdbx_gene_src_ncbi_taxonomy_id     3702 
_entity_src_gen.pdbx_gene_src_variant              ? 
_entity_src_gen.pdbx_gene_src_cell_line            ? 
_entity_src_gen.pdbx_gene_src_atcc                 ? 
_entity_src_gen.pdbx_gene_src_organ                ? 
_entity_src_gen.pdbx_gene_src_organelle            ? 
_entity_src_gen.pdbx_gene_src_cell                 ? 
_entity_src_gen.pdbx_gene_src_cellular_location    ? 
_entity_src_gen.host_org_common_name               ? 
_entity_src_gen.pdbx_host_org_scientific_name      'Escherichia coli' 
_entity_src_gen.pdbx_host_org_ncbi_taxonomy_id     562 
_entity_src_gen.host_org_genus                     ? 
_entity_src_gen.pdbx_host_org_gene                 ? 
_entity_src_gen.pdbx_host_org_organ                ? 
_entity_src_gen.host_org_species                   ? 
_entity_src_gen.pdbx_host_org_tissue               ? 
_entity_src_gen.pdbx_host_org_tissue_fraction      ? 
_entity_src_gen.pdbx_host_org_strain               ? 
_entity_src_gen.pdbx_host_org_variant              ? 
_entity_src_gen.pdbx_host_org_cell_line            ? 
_entity_src_gen.pdbx_host_org_atcc                 ? 
_entity_src_gen.pdbx_host_org_culture_collection   ? 
_entity_src_gen.pdbx_host_org_cell                 ? 
_entity_src_gen.pdbx_host_org_organelle            ? 
_entity_src_gen.pdbx_host_org_cellular_location    ? 
_entity_src_gen.pdbx_host_org_vector_type          ? 
_entity_src_gen.pdbx_host_org_vector               ? 
_entity_src_gen.host_org_details                   ? 
_entity_src_gen.expression_system_id               ? 
_entity_src_gen.plasmid_name                       ? 
_entity_src_gen.plasmid_details                    ? 
_entity_src_gen.pdbx_description                   ? 
# 
loop_
_pdbx_entity_src_syn.entity_id 
_pdbx_entity_src_syn.pdbx_src_id 
_pdbx_entity_src_syn.pdbx_alt_source_flag 
_pdbx_entity_src_syn.pdbx_beg_seq_num 
_pdbx_entity_src_syn.pdbx_end_seq_num 
_pdbx_entity_src_syn.organism_scientific 
_pdbx_entity_src_syn.organism_common_name 
_pdbx_entity_src_syn.ncbi_taxonomy_id 
_pdbx_entity_src_syn.details 
1 1 sample 1 10 'Arabidopsis thaliana' ? 3702 ? 
2 1 sample 1 10 'Arabidopsis thaliana' ? 3702 ? 
# 
loop_
_chem_comp.id 
_chem_comp.type 
_chem_comp.mon_nstd_flag 
_chem_comp.name 
_chem_comp.pdbx_synonyms 
_chem_comp.formula 
_chem_comp.formula_weight 
ALA 'L-peptide linking' y ALANINE                              ?                               'C3 H7 N O2'      89.093  
ARG 'L-peptide linking' y ARGININE                             ?                               'C6 H15 N4 O2 1'  175.209 
ASN 'L-peptide linking' y ASPARAGINE                           ?                               'C4 H8 N2 O3'     132.118 
ASP 'L-peptide linking' y 'ASPARTIC ACID'                      ?                               'C4 H7 N O4'      133.103 
DA  'DNA linking'       y "2'-DEOXYADENOSINE-5'-MONOPHOSPHATE" ?                               'C10 H14 N5 O6 P' 331.222 
DC  'DNA linking'       y "2'-DEOXYCYTIDINE-5'-MONOPHOSPHATE"  ?                               'C9 H14 N3 O7 P'  307.197 
DG  'DNA linking'       y "2'-DEOXYGUANOSINE-5'-MONOPHOSPHATE" ?                               'C10 H14 N5 O7 P' 347.221 
DT  'DNA linking'       y "THYMIDINE-5'-MONOPHOSPHATE"         ?                               'C10 H15 N2 O8 P' 322.208 
GLN 'L-peptide linking' y GLUTAMINE                            ?                               'C5 H10 N2 O3'    146.144 
GLU 'L-peptide linking' y 'GLUTAMIC ACID'                      ?                               'C5 H9 N O4'      147.129 
GLY 'peptide linking'   y GLYCINE                              ?                               'C2 H5 N O2'      75.067  
GOL non-polymer         . GLYCEROL                             'GLYCERIN; PROPANE-1,2,3-TRIOL' 'C3 H8 O3'        92.094  
HIS 'L-peptide linking' y HISTIDINE                            ?                               'C6 H10 N3 O2 1'  156.162 
HOH non-polymer         . WATER                                ?                               'H2 O'            18.015  
ILE 'L-peptide linking' y ISOLEUCINE                           ?                               'C6 H13 N O2'     131.173 
LEU 'L-peptide linking' y LEUCINE                              ?                               'C6 H13 N O2'     131.173 
LYS 'L-peptide linking' y LYSINE                               ?                               'C6 H15 N2 O2 1'  147.195 
MET 'L-peptide linking' y METHIONINE                           ?                               'C5 H11 N O2 S'   149.211 
PHE 'L-peptide linking' y PHENYLALANINE                        ?                               'C9 H11 N O2'     165.189 
PRO 'L-peptide linking' y PROLINE                              ?                               'C5 H9 N O2'      115.130 
SER 'L-peptide linking' y SERINE                               ?                               'C3 H7 N O3'      105.093 
THR 'L-peptide linking' y THREONINE                            ?                               'C4 H9 N O3'      119.119 
TRP 'L-peptide linking' y TRYPTOPHAN                           ?                               'C11 H12 N2 O2'   204.225 
TYR 'L-peptide linking' y TYROSINE                             ?                               'C9 H11 N O3'     181.189 
VAL 'L-peptide linking' y VALINE                               ?                               'C5 H11 N O2'     117.146 
# 
loop_
_pdbx_poly_seq_scheme.asym_id 
_pdbx_poly_seq_scheme.entity_id 
_pdbx_poly_seq_scheme.seq_id 
_pdbx_poly_seq_scheme.mon_id 
_pdbx_poly_seq_scheme.ndb_seq_num 
_pdbx_poly_seq_scheme.pdb_seq_num 
_pdbx_poly_seq_scheme.auth_seq_num 
_pdbx_poly_seq_scheme.pdb_mon_id 
_pdbx_poly_seq_scheme.auth_mon_id 
_pdbx_poly_seq_scheme.pdb_strand_id 
_pdbx_poly_seq_scheme.pdb_ins_code 
_pdbx_poly_seq_scheme.hetero 
A 1 1  DA  1  18  18  DA  DA  U . n 
A 1 2  DT  2  19  19  DT  DT  U . n 
A 1 3  DT  3  20  20  DT  DT  U . n 
A 1 4  DC  4  21  21  DC  DC  U . n 
A 1 5  DG  5  22  22  DG  DG  U . n 
A 1 6  DA  6  23  23  DA  DA  U . n 
A 1 7  DA  7  24  24  DA  DA  U . n 
A 1 8  DT  8  25  25  DT  DT  U . n 
A 1 9  DA  9  26  26  DA  DA  U . n 
A 1 10 DT  10 27  27  DT  DT  U . n 
B 2 1  DT  1  37  37  DT  DT  B . n 
B 2 2  DA  2  38  38  DA  DA  B . n 
B 2 3  DT  3  39  39  DT  DT  B . n 
B 2 4  DA  4  40  40  DA  DA  B . n 
B 2 5  DT  5  41  41  DT  DT  B . n 
B 2 6  DT  6  42  42  DT  DT  B . n 
B 2 7  DC  7  43  43  DC  DC  B . n 
B 2 8  DG  8  44  44  DG  DG  B . n 
B 2 9  DA  9  45  45  DA  DA  B . n 
B 2 10 DA  10 46  46  DA  DA  B . n 
C 3 1  GLY 1  -3  -3  GLY GLY A . n 
C 3 2  ARG 2  -2  -2  ARG ARG A . n 
C 3 3  GLN 3  -1  -1  GLN GLN A . n 
C 3 4  GLY 4  139 139 GLY GLY A . n 
C 3 5  LYS 5  140 140 LYS LYS A . n 
C 3 6  THR 6  141 141 THR THR A . n 
C 3 7  LEU 7  142 142 LEU LEU A . n 
C 3 8  LYS 8  143 143 LYS LYS A . n 
C 3 9  ARG 9  144 144 ARG ARG A . n 
C 3 10 PRO 10 145 145 PRO PRO A . n 
C 3 11 ARG 11 146 146 ARG ARG A . n 
C 3 12 LEU 12 147 147 LEU LEU A . n 
C 3 13 VAL 13 148 148 VAL VAL A . n 
C 3 14 TRP 14 149 149 TRP TRP A . n 
C 3 15 THR 15 150 150 THR THR A . n 
C 3 16 PRO 16 151 151 PRO PRO A . n 
C 3 17 GLN 17 152 152 GLN GLN A . n 
C 3 18 LEU 18 153 153 LEU LEU A . n 
C 3 19 HIS 19 154 154 HIS HIS A . n 
C 3 20 LYS 20 155 155 LYS LYS A . n 
C 3 21 ARG 21 156 156 ARG ARG A . n 
C 3 22 PHE 22 157 157 PHE PHE A . n 
C 3 23 VAL 23 158 158 VAL VAL A . n 
C 3 24 ASP 24 159 159 ASP ASP A . n 
C 3 25 VAL 25 160 160 VAL VAL A . n 
C 3 26 VAL 26 161 161 VAL VAL A . n 
C 3 27 ALA 27 162 162 ALA ALA A . n 
C 3 28 HIS 28 163 163 HIS HIS A . n 
C 3 29 LEU 29 164 164 LEU LEU A . n 
C 3 30 GLY 30 165 165 GLY GLY A . n 
C 3 31 ILE 31 166 166 ILE ILE A . n 
C 3 32 LYS 32 167 167 LYS LYS A . n 
C 3 33 ASN 33 168 168 ASN ASN A . n 
C 3 34 ALA 34 169 169 ALA ALA A . n 
C 3 35 VAL 35 170 170 VAL VAL A . n 
C 3 36 PRO 36 171 171 PRO PRO A . n 
C 3 37 LYS 37 172 172 LYS LYS A . n 
C 3 38 THR 38 173 173 THR THR A . n 
C 3 39 ILE 39 174 174 ILE ILE A . n 
C 3 40 MET 40 175 175 MET MET A . n 
C 3 41 GLN 41 176 176 GLN GLN A . n 
C 3 42 LEU 42 177 177 LEU LEU A . n 
C 3 43 MET 43 178 178 MET MET A . n 
C 3 44 ASN 44 179 179 ASN ASN A . n 
C 3 45 VAL 45 180 180 VAL VAL A . n 
C 3 46 GLU 46 181 181 GLU GLU A . n 
C 3 47 GLY 47 182 182 GLY GLY A . n 
C 3 48 LEU 48 183 183 LEU LEU A . n 
C 3 49 THR 49 184 184 THR THR A . n 
C 3 50 ARG 50 185 185 ARG ARG A . n 
C 3 51 GLU 51 186 186 GLU GLU A . n 
C 3 52 ASN 52 187 187 ASN ASN A . n 
C 3 53 VAL 53 188 188 VAL VAL A . n 
C 3 54 ALA 54 189 189 ALA ALA A . n 
C 3 55 SER 55 190 190 SER SER A . n 
C 3 56 HIS 56 191 191 HIS HIS A . n 
C 3 57 LEU 57 192 192 LEU LEU A . n 
C 3 58 GLN 58 193 193 GLN GLN A . n 
C 3 59 LYS 59 194 194 LYS LYS A . n 
C 3 60 TYR 60 195 195 TYR TYR A . n 
C 3 61 ARG 61 196 196 ARG ARG A . n 
C 3 62 LEU 62 197 197 LEU LEU A . n 
C 3 63 TYR 63 198 198 TYR TYR A . n 
C 3 64 LEU 64 199 199 LEU LEU A . n 
C 3 65 LYS 65 200 200 LYS LYS A . n 
# 
loop_
_pdbx_nonpoly_scheme.asym_id 
_pdbx_nonpoly_scheme.entity_id 
_pdbx_nonpoly_scheme.mon_id 
_pdbx_nonpoly_scheme.ndb_seq_num 
_pdbx_nonpoly_scheme.pdb_seq_num 
_pdbx_nonpoly_scheme.auth_seq_num 
_pdbx_nonpoly_scheme.pdb_mon_id 
_pdbx_nonpoly_scheme.auth_mon_id 
_pdbx_nonpoly_scheme.pdb_strand_id 
_pdbx_nonpoly_scheme.pdb_ins_code 
D 4 GOL 1  301 1   GOL GOL A . 
E 4 GOL 1  302 2   GOL GOL A . 
F 5 HOH 1  101 52  HOH HOH U . 
F 5 HOH 2  102 121 HOH HOH U . 
F 5 HOH 3  103 88  HOH HOH U . 
F 5 HOH 4  104 39  HOH HOH U . 
F 5 HOH 5  105 20  HOH HOH U . 
F 5 HOH 6  106 5   HOH HOH U . 
F 5 HOH 7  107 129 HOH HOH U . 
F 5 HOH 8  108 51  HOH HOH U . 
F 5 HOH 9  109 43  HOH HOH U . 
F 5 HOH 10 110 104 HOH HOH U . 
F 5 HOH 11 111 40  HOH HOH U . 
F 5 HOH 12 112 8   HOH HOH U . 
F 5 HOH 13 113 12  HOH HOH U . 
F 5 HOH 14 114 47  HOH HOH U . 
F 5 HOH 15 115 82  HOH HOH U . 
F 5 HOH 16 116 38  HOH HOH U . 
F 5 HOH 17 117 83  HOH HOH U . 
F 5 HOH 18 118 103 HOH HOH U . 
F 5 HOH 19 119 4   HOH HOH U . 
F 5 HOH 20 120 37  HOH HOH U . 
F 5 HOH 21 121 45  HOH HOH U . 
F 5 HOH 22 122 90  HOH HOH U . 
F 5 HOH 23 123 84  HOH HOH U . 
F 5 HOH 24 124 31  HOH HOH U . 
F 5 HOH 25 125 100 HOH HOH U . 
F 5 HOH 26 126 123 HOH HOH U . 
F 5 HOH 27 127 115 HOH HOH U . 
F 5 HOH 28 128 76  HOH HOH U . 
F 5 HOH 29 129 113 HOH HOH U . 
F 5 HOH 30 130 116 HOH HOH U . 
F 5 HOH 31 131 128 HOH HOH U . 
G 5 HOH 1  101 109 HOH HOH B . 
G 5 HOH 2  102 25  HOH HOH B . 
G 5 HOH 3  103 53  HOH HOH B . 
G 5 HOH 4  104 107 HOH HOH B . 
G 5 HOH 5  105 21  HOH HOH B . 
G 5 HOH 6  106 32  HOH HOH B . 
G 5 HOH 7  107 15  HOH HOH B . 
G 5 HOH 8  108 7   HOH HOH B . 
G 5 HOH 9  109 24  HOH HOH B . 
G 5 HOH 10 110 13  HOH HOH B . 
G 5 HOH 11 111 93  HOH HOH B . 
G 5 HOH 12 112 56  HOH HOH B . 
G 5 HOH 13 113 9   HOH HOH B . 
G 5 HOH 14 114 99  HOH HOH B . 
G 5 HOH 15 115 41  HOH HOH B . 
G 5 HOH 16 116 80  HOH HOH B . 
G 5 HOH 17 117 133 HOH HOH B . 
G 5 HOH 18 118 106 HOH HOH B . 
G 5 HOH 19 119 105 HOH HOH B . 
G 5 HOH 20 120 91  HOH HOH B . 
G 5 HOH 21 121 58  HOH HOH B . 
G 5 HOH 22 122 126 HOH HOH B . 
G 5 HOH 23 123 46  HOH HOH B . 
G 5 HOH 24 124 27  HOH HOH B . 
G 5 HOH 25 125 112 HOH HOH B . 
G 5 HOH 26 126 102 HOH HOH B . 
G 5 HOH 27 127 74  HOH HOH B . 
G 5 HOH 28 128 97  HOH HOH B . 
H 5 HOH 1  401 111 HOH HOH A . 
H 5 HOH 2  402 101 HOH HOH A . 
H 5 HOH 3  403 136 HOH HOH A . 
H 5 HOH 4  404 3   HOH HOH A . 
H 5 HOH 5  405 57  HOH HOH A . 
H 5 HOH 6  406 86  HOH HOH A . 
H 5 HOH 7  407 81  HOH HOH A . 
H 5 HOH 8  408 22  HOH HOH A . 
H 5 HOH 9  409 49  HOH HOH A . 
H 5 HOH 10 410 55  HOH HOH A . 
H 5 HOH 11 411 48  HOH HOH A . 
H 5 HOH 12 412 79  HOH HOH A . 
H 5 HOH 13 413 28  HOH HOH A . 
H 5 HOH 14 414 75  HOH HOH A . 
H 5 HOH 15 415 2   HOH HOH A . 
H 5 HOH 16 416 110 HOH HOH A . 
H 5 HOH 17 417 66  HOH HOH A . 
H 5 HOH 18 418 62  HOH HOH A . 
H 5 HOH 19 419 36  HOH HOH A . 
H 5 HOH 20 420 34  HOH HOH A . 
H 5 HOH 21 421 23  HOH HOH A . 
H 5 HOH 22 422 10  HOH HOH A . 
H 5 HOH 23 423 69  HOH HOH A . 
H 5 HOH 24 424 119 HOH HOH A . 
H 5 HOH 25 425 60  HOH HOH A . 
H 5 HOH 26 426 19  HOH HOH A . 
H 5 HOH 27 427 6   HOH HOH A . 
H 5 HOH 28 428 1   HOH HOH A . 
H 5 HOH 29 429 59  HOH HOH A . 
H 5 HOH 30 430 30  HOH HOH A . 
H 5 HOH 31 431 33  HOH HOH A . 
H 5 HOH 32 432 11  HOH HOH A . 
H 5 HOH 33 433 42  HOH HOH A . 
H 5 HOH 34 434 72  HOH HOH A . 
H 5 HOH 35 435 89  HOH HOH A . 
H 5 HOH 36 436 78  HOH HOH A . 
H 5 HOH 37 437 87  HOH HOH A . 
H 5 HOH 38 438 35  HOH HOH A . 
H 5 HOH 39 439 26  HOH HOH A . 
H 5 HOH 40 440 95  HOH HOH A . 
H 5 HOH 41 441 117 HOH HOH A . 
H 5 HOH 42 442 44  HOH HOH A . 
H 5 HOH 43 443 61  HOH HOH A . 
H 5 HOH 44 444 18  HOH HOH A . 
H 5 HOH 45 445 85  HOH HOH A . 
H 5 HOH 46 446 94  HOH HOH A . 
H 5 HOH 47 447 137 HOH HOH A . 
H 5 HOH 48 448 118 HOH HOH A . 
H 5 HOH 49 449 14  HOH HOH A . 
H 5 HOH 50 450 77  HOH HOH A . 
H 5 HOH 51 451 108 HOH HOH A . 
H 5 HOH 52 452 73  HOH HOH A . 
H 5 HOH 53 453 124 HOH HOH A . 
H 5 HOH 54 454 67  HOH HOH A . 
H 5 HOH 55 455 70  HOH HOH A . 
H 5 HOH 56 456 125 HOH HOH A . 
H 5 HOH 57 457 122 HOH HOH A . 
H 5 HOH 58 458 63  HOH HOH A . 
H 5 HOH 59 459 17  HOH HOH A . 
H 5 HOH 60 460 64  HOH HOH A . 
H 5 HOH 61 461 54  HOH HOH A . 
H 5 HOH 62 462 132 HOH HOH A . 
H 5 HOH 63 463 96  HOH HOH A . 
H 5 HOH 64 464 98  HOH HOH A . 
H 5 HOH 65 465 16  HOH HOH A . 
H 5 HOH 66 466 134 HOH HOH A . 
H 5 HOH 67 467 131 HOH HOH A . 
H 5 HOH 68 468 68  HOH HOH A . 
H 5 HOH 69 469 114 HOH HOH A . 
H 5 HOH 70 470 29  HOH HOH A . 
H 5 HOH 71 471 50  HOH HOH A . 
H 5 HOH 72 472 135 HOH HOH A . 
H 5 HOH 73 473 71  HOH HOH A . 
H 5 HOH 74 474 65  HOH HOH A . 
H 5 HOH 75 475 120 HOH HOH A . 
H 5 HOH 76 476 92  HOH HOH A . 
H 5 HOH 77 477 130 HOH HOH A . 
H 5 HOH 78 478 127 HOH HOH A . 
# 
_pdbx_unobs_or_zero_occ_atoms.id               1 
_pdbx_unobs_or_zero_occ_atoms.PDB_model_num    1 
_pdbx_unobs_or_zero_occ_atoms.polymer_flag     Y 
_pdbx_unobs_or_zero_occ_atoms.occupancy_flag   1 
_pdbx_unobs_or_zero_occ_atoms.auth_asym_id     U 
_pdbx_unobs_or_zero_occ_atoms.auth_comp_id     DA 
_pdbx_unobs_or_zero_occ_atoms.auth_seq_id      18 
_pdbx_unobs_or_zero_occ_atoms.PDB_ins_code     ? 
_pdbx_unobs_or_zero_occ_atoms.auth_atom_id     "O5'" 
_pdbx_unobs_or_zero_occ_atoms.label_alt_id     ? 
_pdbx_unobs_or_zero_occ_atoms.label_asym_id    A 
_pdbx_unobs_or_zero_occ_atoms.label_comp_id    DA 
_pdbx_unobs_or_zero_occ_atoms.label_seq_id     1 
_pdbx_unobs_or_zero_occ_atoms.label_atom_id    "O5'" 
# 
loop_
_software.citation_id 
_software.classification 
_software.compiler_name 
_software.compiler_version 
_software.contact_author 
_software.contact_author_email 
_software.date 
_software.description 
_software.dependencies 
_software.hardware 
_software.language 
_software.location 
_software.mods 
_software.name 
_software.os 
_software.os_version 
_software.type 
_software.version 
_software.pdbx_ordinal 
? 'data reduction'  ? ? ? ? ? ? ? ? ? ? ? XDS         ? ? ? .         1 
? 'data scaling'    ? ? ? ? ? ? ? ? ? ? ? XSCALE      ? ? ? .         2 
? refinement        ? ? ? ? ? ? ? ? ? ? ? PHENIX      ? ? ? 1.12_2829 3 
? 'data extraction' ? ? ? ? ? ? ? ? ? ? ? PDB_EXTRACT ? ? ? 3.24      4 
? phasing           ? ? ? ? ? ? ? ? ? ? ? PHASER      ? ? ? .         5 
# 
_cell.angle_alpha                  90.000 
_cell.angle_alpha_esd              ? 
_cell.angle_beta                   110.550 
_cell.angle_beta_esd               ? 
_cell.angle_gamma                  90.000 
_cell.angle_gamma_esd              ? 
_cell.entry_id                     6QEC 
_cell.details                      ? 
_cell.formula_units_Z              ? 
_cell.length_a                     32.758 
_cell.length_a_esd                 ? 
_cell.length_b                     51.795 
_cell.length_b_esd                 ? 
_cell.length_c                     35.993 
_cell.length_c_esd                 ? 
_cell.volume                       ? 
_cell.volume_esd                   ? 
_cell.Z_PDB                        2 
_cell.reciprocal_angle_alpha       ? 
_cell.reciprocal_angle_beta        ? 
_cell.reciprocal_angle_gamma       ? 
_cell.reciprocal_angle_alpha_esd   ? 
_cell.reciprocal_angle_beta_esd    ? 
_cell.reciprocal_angle_gamma_esd   ? 
_cell.reciprocal_length_a          ? 
_cell.reciprocal_length_b          ? 
_cell.reciprocal_length_c          ? 
_cell.reciprocal_length_a_esd      ? 
_cell.reciprocal_length_b_esd      ? 
_cell.reciprocal_length_c_esd      ? 
_cell.pdbx_unique_axis             ? 
# 
_symmetry.entry_id                         6QEC 
_symmetry.cell_setting                     ? 
_symmetry.Int_Tables_number                4 
_symmetry.space_group_name_Hall            ? 
_symmetry.space_group_name_H-M             'P 1 21 1' 
_symmetry.pdbx_full_space_group_name_H-M   ? 
# 
_exptl.absorpt_coefficient_mu     ? 
_exptl.absorpt_correction_T_max   ? 
_exptl.absorpt_correction_T_min   ? 
_exptl.absorpt_correction_type    ? 
_exptl.absorpt_process_details    ? 
_exptl.entry_id                   6QEC 
_exptl.crystals_number            1 
_exptl.details                    ? 
_exptl.method                     'X-RAY DIFFRACTION' 
_exptl.method_details             ? 
# 
_exptl_crystal.colour                      ? 
_exptl_crystal.density_diffrn              ? 
_exptl_crystal.density_Matthews            2.08 
_exptl_crystal.density_method              ? 
_exptl_crystal.density_percent_sol         40.96 
_exptl_crystal.description                 ? 
_exptl_crystal.F_000                       ? 
_exptl_crystal.id                          1 
_exptl_crystal.preparation                 ? 
_exptl_crystal.size_max                    ? 
_exptl_crystal.size_mid                    ? 
_exptl_crystal.size_min                    ? 
_exptl_crystal.size_rad                    ? 
_exptl_crystal.colour_lustre               ? 
_exptl_crystal.colour_modifier             ? 
_exptl_crystal.colour_primary              ? 
_exptl_crystal.density_meas                ? 
_exptl_crystal.density_meas_esd            ? 
_exptl_crystal.density_meas_gt             ? 
_exptl_crystal.density_meas_lt             ? 
_exptl_crystal.density_meas_temp           ? 
_exptl_crystal.density_meas_temp_esd       ? 
_exptl_crystal.density_meas_temp_gt        ? 
_exptl_crystal.density_meas_temp_lt        ? 
_exptl_crystal.pdbx_crystal_image_url      ? 
_exptl_crystal.pdbx_crystal_image_format   ? 
_exptl_crystal.pdbx_mosaicity              ? 
_exptl_crystal.pdbx_mosaicity_esd          ? 
# 
_exptl_crystal_grow.apparatus       ? 
_exptl_crystal_grow.atmosphere      ? 
_exptl_crystal_grow.crystal_id      1 
_exptl_crystal_grow.details         ? 
_exptl_crystal_grow.method          'VAPOR DIFFUSION, HANGING DROP' 
_exptl_crystal_grow.method_ref      ? 
_exptl_crystal_grow.pH              6.5 
_exptl_crystal_grow.pressure        ? 
_exptl_crystal_grow.pressure_esd    ? 
_exptl_crystal_grow.seeding         ? 
_exptl_crystal_grow.seeding_ref     ? 
_exptl_crystal_grow.temp            293 
_exptl_crystal_grow.temp_details    ? 
_exptl_crystal_grow.temp_esd        ? 
_exptl_crystal_grow.time            ? 
_exptl_crystal_grow.pdbx_details    '0.1 M BisTris Propane, pH 6.5, 20% PEG 3350 and 0.2 M sodium malonate' 
_exptl_crystal_grow.pdbx_pH_range   ? 
# 
_diffrn.ambient_environment              ? 
_diffrn.ambient_temp                     100 
_diffrn.ambient_temp_details             ? 
_diffrn.ambient_temp_esd                 ? 
_diffrn.crystal_id                       1 
_diffrn.crystal_support                  ? 
_diffrn.crystal_treatment                ? 
_diffrn.details                          ? 
_diffrn.id                               1 
_diffrn.ambient_pressure                 ? 
_diffrn.ambient_pressure_esd             ? 
_diffrn.ambient_pressure_gt              ? 
_diffrn.ambient_pressure_lt              ? 
_diffrn.ambient_temp_gt                  ? 
_diffrn.ambient_temp_lt                  ? 
_diffrn.pdbx_serial_crystal_experiment   N 
# 
_diffrn_detector.details                      ? 
_diffrn_detector.detector                     PIXEL 
_diffrn_detector.diffrn_id                    1 
_diffrn_detector.type                         'DECTRIS PILATUS3 S 6M' 
_diffrn_detector.area_resol_mean              ? 
_diffrn_detector.dtime                        ? 
_diffrn_detector.pdbx_frames_total            ? 
_diffrn_detector.pdbx_collection_time_total   ? 
_diffrn_detector.pdbx_collection_date         2017-05-24 
_diffrn_detector.pdbx_frequency               ? 
# 
_diffrn_radiation.collimation                      ? 
_diffrn_radiation.diffrn_id                        1 
_diffrn_radiation.filter_edge                      ? 
_diffrn_radiation.inhomogeneity                    ? 
_diffrn_radiation.monochromator                    ? 
_diffrn_radiation.polarisn_norm                    ? 
_diffrn_radiation.polarisn_ratio                   ? 
_diffrn_radiation.probe                            ? 
_diffrn_radiation.type                             ? 
_diffrn_radiation.xray_symbol                      ? 
_diffrn_radiation.wavelength_id                    1 
_diffrn_radiation.pdbx_monochromatic_or_laue_m_l   M 
_diffrn_radiation.pdbx_wavelength_list             ? 
_diffrn_radiation.pdbx_wavelength                  ? 
_diffrn_radiation.pdbx_diffrn_protocol             'SINGLE WAVELENGTH' 
_diffrn_radiation.pdbx_analyzer                    ? 
_diffrn_radiation.pdbx_scattering_type             x-ray 
# 
_diffrn_radiation_wavelength.id           1 
_diffrn_radiation_wavelength.wavelength   0.9763 
_diffrn_radiation_wavelength.wt           1.0 
# 
_diffrn_source.current                     ? 
_diffrn_source.details                     ? 
_diffrn_source.diffrn_id                   1 
_diffrn_source.power                       ? 
_diffrn_source.size                        ? 
_diffrn_source.source                      SYNCHROTRON 
_diffrn_source.target                      ? 
_diffrn_source.type                        'ESRF BEAMLINE ID23-1' 
_diffrn_source.voltage                     ? 
_diffrn_source.take-off_angle              ? 
_diffrn_source.pdbx_wavelength_list        0.9763 
_diffrn_source.pdbx_wavelength             ? 
_diffrn_source.pdbx_synchrotron_beamline   ID23-1 
_diffrn_source.pdbx_synchrotron_site       ESRF 
# 
_reflns.B_iso_Wilson_estimate            ? 
_reflns.entry_id                         6QEC 
_reflns.data_reduction_details           ? 
_reflns.data_reduction_method            ? 
_reflns.d_resolution_high                1.660 
_reflns.d_resolution_low                 30.673 
_reflns.details                          ? 
_reflns.limit_h_max                      ? 
_reflns.limit_h_min                      ? 
_reflns.limit_k_max                      ? 
_reflns.limit_k_min                      ? 
_reflns.limit_l_max                      ? 
_reflns.limit_l_min                      ? 
_reflns.number_all                       ? 
_reflns.number_obs                       12519 
_reflns.observed_criterion               ? 
_reflns.observed_criterion_F_max         ? 
_reflns.observed_criterion_F_min         ? 
_reflns.observed_criterion_I_max         ? 
_reflns.observed_criterion_I_min         ? 
_reflns.observed_criterion_sigma_F       ? 
_reflns.observed_criterion_sigma_I       ? 
_reflns.percent_possible_obs             93.500 
_reflns.R_free_details                   ? 
_reflns.Rmerge_F_all                     ? 
_reflns.Rmerge_F_obs                     ? 
_reflns.Friedel_coverage                 ? 
_reflns.number_gt                        ? 
_reflns.threshold_expression             ? 
_reflns.pdbx_redundancy                  2.550 
_reflns.pdbx_Rmerge_I_obs                0.043 
_reflns.pdbx_Rmerge_I_all                ? 
_reflns.pdbx_Rsym_value                  ? 
_reflns.pdbx_netI_over_av_sigmaI         ? 
_reflns.pdbx_netI_over_sigmaI            9.010 
_reflns.pdbx_res_netI_over_av_sigmaI_2   ? 
_reflns.pdbx_res_netI_over_sigmaI_2      ? 
_reflns.pdbx_chi_squared                 1.061 
_reflns.pdbx_scaling_rejects             ? 
_reflns.pdbx_d_res_high_opt              ? 
_reflns.pdbx_d_res_low_opt               ? 
_reflns.pdbx_d_res_opt_method            ? 
_reflns.phase_calculation_details        ? 
_reflns.pdbx_Rrim_I_all                  0.053 
_reflns.pdbx_Rpim_I_all                  ? 
_reflns.pdbx_d_opt                       ? 
_reflns.pdbx_number_measured_all         ? 
_reflns.pdbx_diffrn_id                   1 
_reflns.pdbx_ordinal                     1 
_reflns.pdbx_CC_half                     0.998 
_reflns.pdbx_R_split                     ? 
# 
loop_
_reflns_shell.d_res_high 
_reflns_shell.d_res_low 
_reflns_shell.meanI_over_sigI_all 
_reflns_shell.meanI_over_sigI_obs 
_reflns_shell.number_measured_all 
_reflns_shell.number_measured_obs 
_reflns_shell.number_possible 
_reflns_shell.number_unique_all 
_reflns_shell.number_unique_obs 
_reflns_shell.percent_possible_all 
_reflns_shell.percent_possible_obs 
_reflns_shell.Rmerge_F_all 
_reflns_shell.Rmerge_F_obs 
_reflns_shell.Rmerge_I_all 
_reflns_shell.Rmerge_I_obs 
_reflns_shell.meanI_over_sigI_gt 
_reflns_shell.meanI_over_uI_all 
_reflns_shell.meanI_over_uI_gt 
_reflns_shell.number_measured_gt 
_reflns_shell.number_unique_gt 
_reflns_shell.percent_possible_gt 
_reflns_shell.Rmerge_F_gt 
_reflns_shell.Rmerge_I_gt 
_reflns_shell.pdbx_redundancy 
_reflns_shell.pdbx_Rsym_value 
_reflns_shell.pdbx_chi_squared 
_reflns_shell.pdbx_netI_over_sigmaI_all 
_reflns_shell.pdbx_netI_over_sigmaI_obs 
_reflns_shell.pdbx_Rrim_I_all 
_reflns_shell.pdbx_Rpim_I_all 
_reflns_shell.pdbx_rejects 
_reflns_shell.pdbx_ordinal 
_reflns_shell.pdbx_diffrn_id 
_reflns_shell.pdbx_CC_half 
_reflns_shell.pdbx_R_split 
1.660 1.710  ? 1.200  ? ? ? ? 790 79.200 ? ? ? ? 0.555 ? ? ? ? ? ? ? ? 1.935 ? ? ? ? 0.734 ? ? 1  1 0.812 ? 
1.710 1.750  ? 1.610  ? ? ? ? 873 93.400 ? ? ? ? 0.545 ? ? ? ? ? ? ? ? 2.417 ? ? ? ? 0.689 ? ? 2  1 0.854 ? 
1.750 1.800  ? 1.990  ? ? ? ? 924 97.300 ? ? ? ? 0.485 ? ? ? ? ? ? ? ? 2.622 ? ? ? ? 0.605 ? ? 3  1 0.883 ? 
1.800 1.860  ? 2.490  ? ? ? ? 870 97.100 ? ? ? ? 0.365 ? ? ? ? ? ? ? ? 2.651 ? ? ? ? 0.452 ? ? 4  1 0.931 ? 
1.860 1.920  ? 3.120  ? ? ? ? 861 97.000 ? ? ? ? 0.274 ? ? ? ? ? ? ? ? 2.588 ? ? ? ? 0.341 ? ? 5  1 0.946 ? 
1.920 1.990  ? 3.880  ? ? ? ? 808 95.700 ? ? ? ? 0.200 ? ? ? ? ? ? ? ? 2.494 ? ? ? ? 0.251 ? ? 6  1 0.968 ? 
1.990 2.060  ? 4.720  ? ? ? ? 792 97.100 ? ? ? ? 0.176 ? ? ? ? ? ? ? ? 2.567 ? ? ? ? 0.219 ? ? 7  1 0.976 ? 
2.060 2.150  ? 6.180  ? ? ? ? 757 96.400 ? ? ? ? 0.132 ? ? ? ? ? ? ? ? 2.666 ? ? ? ? 0.163 ? ? 8  1 0.986 ? 
2.150 2.240  ? 7.180  ? ? ? ? 738 96.900 ? ? ? ? 0.115 ? ? ? ? ? ? ? ? 2.610 ? ? ? ? 0.143 ? ? 9  1 0.988 ? 
2.240 2.350  ? 8.680  ? ? ? ? 697 95.200 ? ? ? ? 0.080 ? ? ? ? ? ? ? ? 2.557 ? ? ? ? 0.099 ? ? 10 1 0.994 ? 
2.350 2.480  ? 9.730  ? ? ? ? 642 93.400 ? ? ? ? 0.070 ? ? ? ? ? ? ? ? 2.441 ? ? ? ? 0.086 ? ? 11 1 0.995 ? 
2.480 2.630  ? 11.840 ? ? ? ? 631 96.200 ? ? ? ? 0.064 ? ? ? ? ? ? ? ? 2.677 ? ? ? ? 0.079 ? ? 12 1 0.995 ? 
2.630 2.810  ? 14.670 ? ? ? ? 571 93.300 ? ? ? ? 0.051 ? ? ? ? ? ? ? ? 2.667 ? ? ? ? 0.063 ? ? 13 1 0.995 ? 
2.810 3.030  ? 16.790 ? ? ? ? 537 92.000 ? ? ? ? 0.047 ? ? ? ? ? ? ? ? 2.575 ? ? ? ? 0.058 ? ? 14 1 0.996 ? 
3.030 3.320  ? 20.310 ? ? ? ? 459 86.300 ? ? ? ? 0.041 ? ? ? ? ? ? ? ? 2.582 ? ? ? ? 0.050 ? ? 15 1 0.997 ? 
3.320 3.720  ? 24.270 ? ? ? ? 443 93.500 ? ? ? ? 0.040 ? ? ? ? ? ? ? ? 2.743 ? ? ? ? 0.049 ? ? 16 1 0.995 ? 
3.720 4.290  ? 25.990 ? ? ? ? 391 92.000 ? ? ? ? 0.033 ? ? ? ? ? ? ? ? 2.673 ? ? ? ? 0.041 ? ? 17 1 0.996 ? 
4.290 5.260  ? 25.770 ? ? ? ? 332 90.700 ? ? ? ? 0.032 ? ? ? ? ? ? ? ? 2.560 ? ? ? ? 0.040 ? ? 18 1 0.997 ? 
5.260 7.430  ? 26.840 ? ? ? ? 260 92.500 ? ? ? ? 0.029 ? ? ? ? ? ? ? ? 2.773 ? ? ? ? 0.036 ? ? 19 1 0.997 ? 
7.430 30.673 ? 27.550 ? ? ? ? 143 87.700 ? ? ? ? 0.021 ? ? ? ? ? ? ? ? 2.622 ? ? ? ? 0.026 ? ? 20 1 0.999 ? 
# 
_refine.aniso_B[1][1]                            ? 
_refine.aniso_B[1][2]                            ? 
_refine.aniso_B[1][3]                            ? 
_refine.aniso_B[2][2]                            ? 
_refine.aniso_B[2][3]                            ? 
_refine.aniso_B[3][3]                            ? 
_refine.B_iso_max                                59.840 
_refine.B_iso_mean                               24.9614 
_refine.B_iso_min                                9.310 
_refine.correlation_coeff_Fo_to_Fc               ? 
_refine.correlation_coeff_Fo_to_Fc_free          ? 
_refine.details                                  
;anisotropy diffraction limit applied
Tickle, I.J., Flensburg, C., Keller, P., Paciorek, W., Sharff, A., Vonrhein, C., Bricogne, G. (2018). STARANISO (http://staraniso.globalphasing.org/cgi-bin/staraniso.cgi). Cambridge, United Kingdom: Global Phasing Ltd.
;
_refine.diff_density_max                         ? 
_refine.diff_density_max_esd                     ? 
_refine.diff_density_min                         ? 
_refine.diff_density_min_esd                     ? 
_refine.diff_density_rms                         ? 
_refine.diff_density_rms_esd                     ? 
_refine.entry_id                                 6QEC 
_refine.pdbx_refine_id                           'X-RAY DIFFRACTION' 
_refine.ls_abs_structure_details                 ? 
_refine.ls_abs_structure_Flack                   ? 
_refine.ls_abs_structure_Flack_esd               ? 
_refine.ls_abs_structure_Rogers                  ? 
_refine.ls_abs_structure_Rogers_esd              ? 
_refine.ls_d_res_high                            1.9000 
_refine.ls_d_res_low                             30.6730 
_refine.ls_extinction_coef                       ? 
_refine.ls_extinction_coef_esd                   ? 
_refine.ls_extinction_expression                 ? 
_refine.ls_extinction_method                     ? 
_refine.ls_goodness_of_fit_all                   ? 
_refine.ls_goodness_of_fit_all_esd               ? 
_refine.ls_goodness_of_fit_obs                   ? 
_refine.ls_goodness_of_fit_obs_esd               ? 
_refine.ls_hydrogen_treatment                    ? 
_refine.ls_matrix_type                           ? 
_refine.ls_number_constraints                    ? 
_refine.ls_number_parameters                     ? 
_refine.ls_number_reflns_all                     ? 
_refine.ls_number_reflns_obs                     7556 
_refine.ls_number_reflns_R_free                  363 
_refine.ls_number_reflns_R_work                  ? 
_refine.ls_number_restraints                     ? 
_refine.ls_percent_reflns_obs                    84.3100 
_refine.ls_percent_reflns_R_free                 4.8000 
_refine.ls_R_factor_all                          ? 
_refine.ls_R_factor_obs                          0.1942 
_refine.ls_R_factor_R_free                       0.2392 
_refine.ls_R_factor_R_free_error                 ? 
_refine.ls_R_factor_R_free_error_details         ? 
_refine.ls_R_factor_R_work                       0.1919 
_refine.ls_R_Fsqd_factor_obs                     ? 
_refine.ls_R_I_factor_obs                        ? 
_refine.ls_redundancy_reflns_all                 ? 
_refine.ls_redundancy_reflns_obs                 ? 
_refine.ls_restrained_S_all                      ? 
_refine.ls_restrained_S_obs                      ? 
_refine.ls_shift_over_esd_max                    ? 
_refine.ls_shift_over_esd_mean                   ? 
_refine.ls_structure_factor_coef                 ? 
_refine.ls_weighting_details                     ? 
_refine.ls_weighting_scheme                      ? 
_refine.ls_wR_factor_all                         ? 
_refine.ls_wR_factor_obs                         ? 
_refine.ls_wR_factor_R_free                      ? 
_refine.ls_wR_factor_R_work                      ? 
_refine.occupancy_max                            ? 
_refine.occupancy_min                            ? 
_refine.solvent_model_details                    ? 
_refine.solvent_model_param_bsol                 ? 
_refine.solvent_model_param_ksol                 ? 
_refine.ls_R_factor_gt                           ? 
_refine.ls_goodness_of_fit_gt                    ? 
_refine.ls_goodness_of_fit_ref                   ? 
_refine.ls_shift_over_su_max                     ? 
_refine.ls_shift_over_su_max_lt                  ? 
_refine.ls_shift_over_su_mean                    ? 
_refine.ls_shift_over_su_mean_lt                 ? 
_refine.pdbx_ls_sigma_I                          ? 
_refine.pdbx_ls_sigma_F                          1.340 
_refine.pdbx_ls_sigma_Fsqd                       ? 
_refine.pdbx_data_cutoff_high_absF               ? 
_refine.pdbx_data_cutoff_high_rms_absF           ? 
_refine.pdbx_data_cutoff_low_absF                ? 
_refine.pdbx_isotropic_thermal_model             ? 
_refine.pdbx_ls_cross_valid_method               THROUGHOUT 
_refine.pdbx_method_to_determine_struct          'MOLECULAR REPLACEMENT' 
_refine.pdbx_starting_model                      5LXU 
_refine.pdbx_stereochemistry_target_values       ? 
_refine.pdbx_R_Free_selection_details            ? 
_refine.pdbx_stereochem_target_val_spec_case     ? 
_refine.pdbx_overall_ESU_R                       ? 
_refine.pdbx_overall_ESU_R_Free                  ? 
_refine.pdbx_solvent_vdw_probe_radii             1.1100 
_refine.pdbx_solvent_ion_probe_radii             ? 
_refine.pdbx_solvent_shrinkage_radii             0.9000 
_refine.pdbx_real_space_R                        ? 
_refine.pdbx_density_correlation                 ? 
_refine.pdbx_pd_number_of_powder_patterns        ? 
_refine.pdbx_pd_number_of_points                 ? 
_refine.pdbx_pd_meas_number_of_points            ? 
_refine.pdbx_pd_proc_ls_prof_R_factor            ? 
_refine.pdbx_pd_proc_ls_prof_wR_factor           ? 
_refine.pdbx_pd_Marquardt_correlation_coeff      ? 
_refine.pdbx_pd_Fsqrd_R_factor                   ? 
_refine.pdbx_pd_ls_matrix_band_width             ? 
_refine.pdbx_overall_phase_error                 30.4800 
_refine.pdbx_overall_SU_R_free_Cruickshank_DPI   ? 
_refine.pdbx_overall_SU_R_free_Blow_DPI          ? 
_refine.pdbx_overall_SU_R_Blow_DPI               ? 
_refine.pdbx_TLS_residual_ADP_flag               ? 
_refine.pdbx_diffrn_id                           1 
_refine.overall_SU_B                             ? 
_refine.overall_SU_ML                            0.2900 
_refine.overall_SU_R_Cruickshank_DPI             ? 
_refine.overall_SU_R_free                        ? 
_refine.overall_FOM_free_R_set                   ? 
_refine.overall_FOM_work_R_set                   ? 
_refine.pdbx_average_fsc_overall                 ? 
_refine.pdbx_average_fsc_work                    ? 
_refine.pdbx_average_fsc_free                    ? 
# 
_refine_hist.cycle_id                         final 
_refine_hist.pdbx_refine_id                   'X-RAY DIFFRACTION' 
_refine_hist.d_res_high                       1.9000 
_refine_hist.d_res_low                        30.6730 
_refine_hist.pdbx_number_atoms_ligand         28 
_refine_hist.number_atoms_solvent             137 
_refine_hist.number_atoms_total               1102 
_refine_hist.pdbx_number_residues_total       85 
_refine_hist.pdbx_B_iso_mean_ligand           43.68 
_refine_hist.pdbx_B_iso_mean_solvent          29.80 
_refine_hist.pdbx_number_atoms_protein        534 
_refine_hist.pdbx_number_atoms_nucleic_acid   403 
# 
loop_
_refine_ls_restr.pdbx_refine_id 
_refine_ls_restr.criterion 
_refine_ls_restr.dev_ideal 
_refine_ls_restr.dev_ideal_target 
_refine_ls_restr.number 
_refine_ls_restr.rejects 
_refine_ls_restr.type 
_refine_ls_restr.weight 
_refine_ls_restr.pdbx_restraint_function 
'X-RAY DIFFRACTION' ? 0.008  ? 1011 ? f_bond_d           ? ? 
'X-RAY DIFFRACTION' ? 1.009  ? 1444 ? f_angle_d          ? ? 
'X-RAY DIFFRACTION' ? 0.050  ? 162  ? f_chiral_restr     ? ? 
'X-RAY DIFFRACTION' ? 0.006  ? 112  ? f_plane_restr      ? ? 
'X-RAY DIFFRACTION' ? 22.970 ? 538  ? f_dihedral_angle_d ? ? 
# 
loop_
_refine_ls_shell.pdbx_refine_id 
_refine_ls_shell.d_res_high 
_refine_ls_shell.d_res_low 
_refine_ls_shell.number_reflns_all 
_refine_ls_shell.number_reflns_obs 
_refine_ls_shell.number_reflns_R_free 
_refine_ls_shell.number_reflns_R_work 
_refine_ls_shell.percent_reflns_obs 
_refine_ls_shell.percent_reflns_R_free 
_refine_ls_shell.R_factor_all 
_refine_ls_shell.R_factor_obs 
_refine_ls_shell.R_factor_R_free 
_refine_ls_shell.R_factor_R_free_error 
_refine_ls_shell.R_factor_R_work 
_refine_ls_shell.redundancy_reflns_all 
_refine_ls_shell.redundancy_reflns_obs 
_refine_ls_shell.wR_factor_all 
_refine_ls_shell.wR_factor_obs 
_refine_ls_shell.wR_factor_R_free 
_refine_ls_shell.wR_factor_R_work 
_refine_ls_shell.pdbx_total_number_of_bins_used 
_refine_ls_shell.pdbx_phase_error 
_refine_ls_shell.pdbx_fsc_work 
_refine_ls_shell.pdbx_fsc_free 
'X-RAY DIFFRACTION' 1.9001 2.1750  2057 . 93  1964 69.0000 . . . 0.3322 0.0000 0.2492 . . . . . . 3 . . . 
'X-RAY DIFFRACTION' 2.1750 2.7400  2736 . 140 2596 92.0000 . . . 0.2738 0.0000 0.2358 . . . . . . 3 . . . 
'X-RAY DIFFRACTION' 2.7400 30.6770 2763 . 130 2633 91.0000 . . . 0.2048 0.0000 0.1611 . . . . . . 3 . . . 
# 
_struct.entry_id                     6QEC 
_struct.title                        'DNA binding domain of LUX ARRYTHMO in complex with DNA' 
_struct.pdbx_model_details           ? 
_struct.pdbx_formula_weight          ? 
_struct.pdbx_formula_weight_method   ? 
_struct.pdbx_model_type_details      ? 
_struct.pdbx_CASP_flag               N 
# 
_struct_keywords.entry_id        6QEC 
_struct_keywords.text            'protein-DNA complex Myb domain, CIRCADIAN CLOCK PROTEIN' 
_struct_keywords.pdbx_keywords   'CIRCADIAN CLOCK PROTEIN' 
# 
loop_
_struct_asym.id 
_struct_asym.pdbx_blank_PDB_chainid_flag 
_struct_asym.pdbx_modified 
_struct_asym.entity_id 
_struct_asym.details 
A N N 1 ? 
B N N 2 ? 
C N N 3 ? 
D N N 4 ? 
E N N 4 ? 
F N N 5 ? 
G N N 5 ? 
H N N 5 ? 
# 
loop_
_struct_ref.id 
_struct_ref.db_name 
_struct_ref.db_code 
_struct_ref.pdbx_db_accession 
_struct_ref.pdbx_db_isoform 
_struct_ref.entity_id 
_struct_ref.pdbx_seq_one_letter_code 
_struct_ref.pdbx_align_begin 
1 PDB 6QEC       6QEC   ? 1 ?                                                              1   
2 PDB 6QEC       6QEC   ? 2 ?                                                              1   
3 UNP PCL1_ARATH Q9SNB4 ? 3 GKTLKRPRLVWTPQLHKRFVDVVAHLGIKNAVPKTIMQLMNVEGLTRENVASHLQKYRLYLK 139 
# 
loop_
_struct_ref_seq.align_id 
_struct_ref_seq.ref_id 
_struct_ref_seq.pdbx_PDB_id_code 
_struct_ref_seq.pdbx_strand_id 
_struct_ref_seq.seq_align_beg 
_struct_ref_seq.pdbx_seq_align_beg_ins_code 
_struct_ref_seq.seq_align_end 
_struct_ref_seq.pdbx_seq_align_end_ins_code 
_struct_ref_seq.pdbx_db_accession 
_struct_ref_seq.db_align_beg 
_struct_ref_seq.pdbx_db_align_beg_ins_code 
_struct_ref_seq.db_align_end 
_struct_ref_seq.pdbx_db_align_end_ins_code 
_struct_ref_seq.pdbx_auth_seq_align_beg 
_struct_ref_seq.pdbx_auth_seq_align_end 
1 1 6QEC U 1 ? 10 ? 6QEC   18  ? 27  ? 18  27  
2 2 6QEC B 1 ? 10 ? 6QEC   37  ? 46  ? 37  46  
3 3 6QEC A 4 ? 65 ? Q9SNB4 139 ? 200 ? 139 200 
# 
loop_
_struct_ref_seq_dif.align_id 
_struct_ref_seq_dif.pdbx_pdb_id_code 
_struct_ref_seq_dif.mon_id 
_struct_ref_seq_dif.pdbx_pdb_strand_id 
_struct_ref_seq_dif.seq_num 
_struct_ref_seq_dif.pdbx_pdb_ins_code 
_struct_ref_seq_dif.pdbx_seq_db_name 
_struct_ref_seq_dif.pdbx_seq_db_accession_code 
_struct_ref_seq_dif.db_mon_id 
_struct_ref_seq_dif.pdbx_seq_db_seq_num 
_struct_ref_seq_dif.details 
_struct_ref_seq_dif.pdbx_auth_seq_num 
_struct_ref_seq_dif.pdbx_ordinal 
3 6QEC GLY A 1 ? UNP Q9SNB4 ? ? 'expression tag' -3 1 
3 6QEC ARG A 2 ? UNP Q9SNB4 ? ? 'expression tag' -2 2 
3 6QEC GLN A 3 ? UNP Q9SNB4 ? ? 'expression tag' -1 3 
# 
_pdbx_struct_assembly.id                   1 
_pdbx_struct_assembly.details              author_and_software_defined_assembly 
_pdbx_struct_assembly.method_details       PISA 
_pdbx_struct_assembly.oligomeric_details   trimeric 
_pdbx_struct_assembly.oligomeric_count     3 
# 
loop_
_pdbx_struct_assembly_prop.biol_id 
_pdbx_struct_assembly_prop.type 
_pdbx_struct_assembly_prop.value 
_pdbx_struct_assembly_prop.details 
1 'ABSA (A^2)' 2640 ? 
1 MORE         -8   ? 
1 'SSA (A^2)'  8060 ? 
# 
_pdbx_struct_assembly_gen.assembly_id       1 
_pdbx_struct_assembly_gen.oper_expression   1 
_pdbx_struct_assembly_gen.asym_id_list      A,B,C,D,E,F,G,H 
# 
_pdbx_struct_assembly_auth_evidence.id                     1 
_pdbx_struct_assembly_auth_evidence.assembly_id            1 
_pdbx_struct_assembly_auth_evidence.experimental_support   'gel filtration' 
_pdbx_struct_assembly_auth_evidence.details                ? 
# 
_pdbx_struct_oper_list.id                   1 
_pdbx_struct_oper_list.type                 'identity operation' 
_pdbx_struct_oper_list.name                 1_555 
_pdbx_struct_oper_list.symmetry_operation   x,y,z 
_pdbx_struct_oper_list.matrix[1][1]         1.0000000000 
_pdbx_struct_oper_list.matrix[1][2]         0.0000000000 
_pdbx_struct_oper_list.matrix[1][3]         0.0000000000 
_pdbx_struct_oper_list.vector[1]            0.0000000000 
_pdbx_struct_oper_list.matrix[2][1]         0.0000000000 
_pdbx_struct_oper_list.matrix[2][2]         1.0000000000 
_pdbx_struct_oper_list.matrix[2][3]         0.0000000000 
_pdbx_struct_oper_list.vector[2]            0.0000000000 
_pdbx_struct_oper_list.matrix[3][1]         0.0000000000 
_pdbx_struct_oper_list.matrix[3][2]         0.0000000000 
_pdbx_struct_oper_list.matrix[3][3]         1.0000000000 
_pdbx_struct_oper_list.vector[3]            0.0000000000 
# 
loop_
_struct_conf.conf_type_id 
_struct_conf.id 
_struct_conf.pdbx_PDB_helix_id 
_struct_conf.beg_label_comp_id 
_struct_conf.beg_label_asym_id 
_struct_conf.beg_label_seq_id 
_struct_conf.pdbx_beg_PDB_ins_code 
_struct_conf.end_label_comp_id 
_struct_conf.end_label_asym_id 
_struct_conf.end_label_seq_id 
_struct_conf.pdbx_end_PDB_ins_code 
_struct_conf.beg_auth_comp_id 
_struct_conf.beg_auth_asym_id 
_struct_conf.beg_auth_seq_id 
_struct_conf.end_auth_comp_id 
_struct_conf.end_auth_asym_id 
_struct_conf.end_auth_seq_id 
_struct_conf.pdbx_PDB_helix_class 
_struct_conf.details 
_struct_conf.pdbx_PDB_helix_length 
HELX_P HELX_P1 AA1 GLN C 3  ? LEU C 7  ? GLN A -1  LEU A 142 5 ? 5  
HELX_P HELX_P2 AA2 THR C 15 ? LEU C 29 ? THR A 150 LEU A 164 1 ? 15 
HELX_P HELX_P3 AA3 GLY C 30 ? ALA C 34 ? GLY A 165 ALA A 169 5 ? 5  
HELX_P HELX_P4 AA4 VAL C 35 ? ASN C 44 ? VAL A 170 ASN A 179 1 ? 10 
HELX_P HELX_P5 AA5 THR C 49 ? LYS C 65 ? THR A 184 LYS A 200 1 ? 17 
# 
_struct_conf_type.id          HELX_P 
_struct_conf_type.criteria    ? 
_struct_conf_type.reference   ? 
# 
loop_
_struct_conn.id 
_struct_conn.conn_type_id 
_struct_conn.pdbx_leaving_atom_flag 
_struct_conn.pdbx_PDB_id 
_struct_conn.ptnr1_label_asym_id 
_struct_conn.ptnr1_label_comp_id 
_struct_conn.ptnr1_label_seq_id 
_struct_conn.ptnr1_label_atom_id 
_struct_conn.pdbx_ptnr1_label_alt_id 
_struct_conn.pdbx_ptnr1_PDB_ins_code 
_struct_conn.pdbx_ptnr1_standard_comp_id 
_struct_conn.ptnr1_symmetry 
_struct_conn.ptnr2_label_asym_id 
_struct_conn.ptnr2_label_comp_id 
_struct_conn.ptnr2_label_seq_id 
_struct_conn.ptnr2_label_atom_id 
_struct_conn.pdbx_ptnr2_label_alt_id 
_struct_conn.pdbx_ptnr2_PDB_ins_code 
_struct_conn.ptnr1_auth_asym_id 
_struct_conn.ptnr1_auth_comp_id 
_struct_conn.ptnr1_auth_seq_id 
_struct_conn.ptnr2_auth_asym_id 
_struct_conn.ptnr2_auth_comp_id 
_struct_conn.ptnr2_auth_seq_id 
_struct_conn.ptnr2_symmetry 
_struct_conn.pdbx_ptnr3_label_atom_id 
_struct_conn.pdbx_ptnr3_label_seq_id 
_struct_conn.pdbx_ptnr3_label_comp_id 
_struct_conn.pdbx_ptnr3_label_asym_id 
_struct_conn.pdbx_ptnr3_label_alt_id 
_struct_conn.pdbx_ptnr3_PDB_ins_code 
_struct_conn.details 
_struct_conn.pdbx_dist_value 
_struct_conn.pdbx_value_order 
_struct_conn.pdbx_role 
hydrog1  hydrog ? ? A DT 2  N3 ? ? ? 1_555 B DA 10 N1 ? ? U DT 19 B DA 46 1_555 ? ? ? ? ? ? WATSON-CRICK ? ? ? 
hydrog2  hydrog ? ? A DT 2  O4 ? ? ? 1_555 B DA 10 N6 ? ? U DT 19 B DA 46 1_555 ? ? ? ? ? ? WATSON-CRICK ? ? ? 
hydrog3  hydrog ? ? A DT 3  N3 ? ? ? 1_555 B DA 9  N1 ? ? U DT 20 B DA 45 1_555 ? ? ? ? ? ? WATSON-CRICK ? ? ? 
hydrog4  hydrog ? ? A DT 3  O4 ? ? ? 1_555 B DA 9  N6 ? ? U DT 20 B DA 45 1_555 ? ? ? ? ? ? WATSON-CRICK ? ? ? 
hydrog5  hydrog ? ? A DC 4  N3 ? ? ? 1_555 B DG 8  N1 ? ? U DC 21 B DG 44 1_555 ? ? ? ? ? ? WATSON-CRICK ? ? ? 
hydrog6  hydrog ? ? A DC 4  N4 ? ? ? 1_555 B DG 8  O6 ? ? U DC 21 B DG 44 1_555 ? ? ? ? ? ? WATSON-CRICK ? ? ? 
hydrog7  hydrog ? ? A DC 4  O2 ? ? ? 1_555 B DG 8  N2 ? ? U DC 21 B DG 44 1_555 ? ? ? ? ? ? WATSON-CRICK ? ? ? 
hydrog8  hydrog ? ? A DG 5  N1 ? ? ? 1_555 B DC 7  N3 ? ? U DG 22 B DC 43 1_555 ? ? ? ? ? ? WATSON-CRICK ? ? ? 
hydrog9  hydrog ? ? A DG 5  N2 ? ? ? 1_555 B DC 7  O2 ? ? U DG 22 B DC 43 1_555 ? ? ? ? ? ? WATSON-CRICK ? ? ? 
hydrog10 hydrog ? ? A DG 5  O6 ? ? ? 1_555 B DC 7  N4 ? ? U DG 22 B DC 43 1_555 ? ? ? ? ? ? WATSON-CRICK ? ? ? 
hydrog11 hydrog ? ? A DA 6  N1 ? ? ? 1_555 B DT 6  N3 ? ? U DA 23 B DT 42 1_555 ? ? ? ? ? ? WATSON-CRICK ? ? ? 
hydrog12 hydrog ? ? A DA 6  N6 ? ? ? 1_555 B DT 6  O4 ? ? U DA 23 B DT 42 1_555 ? ? ? ? ? ? WATSON-CRICK ? ? ? 
hydrog13 hydrog ? ? A DA 7  N1 ? ? ? 1_555 B DT 5  N3 ? ? U DA 24 B DT 41 1_555 ? ? ? ? ? ? WATSON-CRICK ? ? ? 
hydrog14 hydrog ? ? A DA 7  N6 ? ? ? 1_555 B DT 5  O4 ? ? U DA 24 B DT 41 1_555 ? ? ? ? ? ? WATSON-CRICK ? ? ? 
hydrog15 hydrog ? ? A DT 8  N3 ? ? ? 1_555 B DA 4  N1 ? ? U DT 25 B DA 40 1_555 ? ? ? ? ? ? WATSON-CRICK ? ? ? 
hydrog16 hydrog ? ? A DT 8  O4 ? ? ? 1_555 B DA 4  N6 ? ? U DT 25 B DA 40 1_555 ? ? ? ? ? ? WATSON-CRICK ? ? ? 
hydrog17 hydrog ? ? A DA 9  N1 ? ? ? 1_555 B DT 3  N3 ? ? U DA 26 B DT 39 1_555 ? ? ? ? ? ? WATSON-CRICK ? ? ? 
hydrog18 hydrog ? ? A DA 9  N6 ? ? ? 1_555 B DT 3  O4 ? ? U DA 26 B DT 39 1_555 ? ? ? ? ? ? WATSON-CRICK ? ? ? 
hydrog19 hydrog ? ? A DT 10 N3 ? ? ? 1_555 B DA 2  N1 ? ? U DT 27 B DA 38 1_555 ? ? ? ? ? ? WATSON-CRICK ? ? ? 
hydrog20 hydrog ? ? A DT 10 O4 ? ? ? 1_555 B DA 2  N6 ? ? U DT 27 B DA 38 1_555 ? ? ? ? ? ? WATSON-CRICK ? ? ? 
# 
_struct_conn_type.id          hydrog 
_struct_conn_type.criteria    ? 
_struct_conn_type.reference   ? 
# 
loop_
_struct_site.id 
_struct_site.pdbx_evidence_code 
_struct_site.pdbx_auth_asym_id 
_struct_site.pdbx_auth_comp_id 
_struct_site.pdbx_auth_seq_id 
_struct_site.pdbx_auth_ins_code 
_struct_site.pdbx_num_residues 
_struct_site.details 
AC1 Software A GOL 301 ? 4 'binding site for residue GOL A 301' 
AC2 Software A GOL 302 ? 5 'binding site for residue GOL A 302' 
# 
loop_
_struct_site_gen.id 
_struct_site_gen.site_id 
_struct_site_gen.pdbx_num_res 
_struct_site_gen.label_comp_id 
_struct_site_gen.label_asym_id 
_struct_site_gen.label_seq_id 
_struct_site_gen.pdbx_auth_ins_code 
_struct_site_gen.auth_comp_id 
_struct_site_gen.auth_asym_id 
_struct_site_gen.auth_seq_id 
_struct_site_gen.label_atom_id 
_struct_site_gen.label_alt_id 
_struct_site_gen.symmetry 
_struct_site_gen.details 
1 AC1 4 ASN C 44 ? ASN A 179 . ? 1_555 ? 
2 AC1 4 GLU C 46 ? GLU A 181 . ? 1_555 ? 
3 AC1 4 GOL E .  ? GOL A 302 . ? 1_555 ? 
4 AC1 4 HOH H .  ? HOH A 405 . ? 1_555 ? 
5 AC2 5 ARG C 21 ? ARG A 156 . ? 1_555 ? 
6 AC2 5 ASN C 44 ? ASN A 179 . ? 1_555 ? 
7 AC2 5 GOL D .  ? GOL A 301 . ? 1_555 ? 
8 AC2 5 HOH H .  ? HOH A 424 . ? 1_555 ? 
9 AC2 5 HOH H .  ? HOH A 437 . ? 1_555 ? 
# 
loop_
_pdbx_validate_close_contact.id 
_pdbx_validate_close_contact.PDB_model_num 
_pdbx_validate_close_contact.auth_atom_id_1 
_pdbx_validate_close_contact.auth_asym_id_1 
_pdbx_validate_close_contact.auth_comp_id_1 
_pdbx_validate_close_contact.auth_seq_id_1 
_pdbx_validate_close_contact.PDB_ins_code_1 
_pdbx_validate_close_contact.label_alt_id_1 
_pdbx_validate_close_contact.auth_atom_id_2 
_pdbx_validate_close_contact.auth_asym_id_2 
_pdbx_validate_close_contact.auth_comp_id_2 
_pdbx_validate_close_contact.auth_seq_id_2 
_pdbx_validate_close_contact.PDB_ins_code_2 
_pdbx_validate_close_contact.label_alt_id_2 
_pdbx_validate_close_contact.dist 
1  1 O   A HOH 453 ? ? O A HOH 477 ? ? 1.83 
2  1 O   A HOH 430 ? ? O A HOH 452 ? ? 1.85 
3  1 O   A HOH 450 ? ? O A HOH 456 ? ? 2.00 
4  1 NE  A ARG 144 ? ? O A HOH 401 ? ? 2.02 
5  1 OP1 U DT  19  ? ? O U HOH 101 ? ? 2.07 
6  1 O   B HOH 109 ? ? O A HOH 458 ? ? 2.07 
7  1 NH1 A ARG 146 ? ? O A HOH 402 ? ? 2.10 
8  1 NZ  A LYS 140 ? ? O A HOH 403 ? ? 2.11 
9  1 O   B HOH 127 ? ? O A HOH 468 ? ? 2.14 
10 1 OP2 B DA  38  ? ? O B HOH 101 ? ? 2.17 
11 1 OE2 A GLU 186 ? ? O A HOH 404 ? ? 2.19 
# 
loop_
_pdbx_validate_symm_contact.id 
_pdbx_validate_symm_contact.PDB_model_num 
_pdbx_validate_symm_contact.auth_atom_id_1 
_pdbx_validate_symm_contact.auth_asym_id_1 
_pdbx_validate_symm_contact.auth_comp_id_1 
_pdbx_validate_symm_contact.auth_seq_id_1 
_pdbx_validate_symm_contact.PDB_ins_code_1 
_pdbx_validate_symm_contact.label_alt_id_1 
_pdbx_validate_symm_contact.site_symmetry_1 
_pdbx_validate_symm_contact.auth_atom_id_2 
_pdbx_validate_symm_contact.auth_asym_id_2 
_pdbx_validate_symm_contact.auth_comp_id_2 
_pdbx_validate_symm_contact.auth_seq_id_2 
_pdbx_validate_symm_contact.PDB_ins_code_2 
_pdbx_validate_symm_contact.label_alt_id_2 
_pdbx_validate_symm_contact.site_symmetry_2 
_pdbx_validate_symm_contact.dist 
1 1 O   B HOH 128 ? ? 1_555 O  A HOH 478 ? ? 2_458 2.00 
2 1 OP2 B DA  38  ? ? 1_555 NZ A LYS 143 ? ? 2_347 2.19 
# 
_pdbx_validate_rmsd_bond.id                        1 
_pdbx_validate_rmsd_bond.PDB_model_num             1 
_pdbx_validate_rmsd_bond.auth_atom_id_1            "O3'" 
_pdbx_validate_rmsd_bond.auth_asym_id_1            U 
_pdbx_validate_rmsd_bond.auth_comp_id_1            DT 
_pdbx_validate_rmsd_bond.auth_seq_id_1             20 
_pdbx_validate_rmsd_bond.PDB_ins_code_1            ? 
_pdbx_validate_rmsd_bond.label_alt_id_1            ? 
_pdbx_validate_rmsd_bond.auth_atom_id_2            "C3'" 
_pdbx_validate_rmsd_bond.auth_asym_id_2            U 
_pdbx_validate_rmsd_bond.auth_comp_id_2            DT 
_pdbx_validate_rmsd_bond.auth_seq_id_2             20 
_pdbx_validate_rmsd_bond.PDB_ins_code_2            ? 
_pdbx_validate_rmsd_bond.label_alt_id_2            ? 
_pdbx_validate_rmsd_bond.bond_value                1.373 
_pdbx_validate_rmsd_bond.bond_target_value         1.419 
_pdbx_validate_rmsd_bond.bond_deviation            -0.046 
_pdbx_validate_rmsd_bond.bond_standard_deviation   0.006 
_pdbx_validate_rmsd_bond.linker_flag               N 
# 
loop_
_pdbx_validate_rmsd_angle.id 
_pdbx_validate_rmsd_angle.PDB_model_num 
_pdbx_validate_rmsd_angle.auth_atom_id_1 
_pdbx_validate_rmsd_angle.auth_asym_id_1 
_pdbx_validate_rmsd_angle.auth_comp_id_1 
_pdbx_validate_rmsd_angle.auth_seq_id_1 
_pdbx_validate_rmsd_angle.PDB_ins_code_1 
_pdbx_validate_rmsd_angle.label_alt_id_1 
_pdbx_validate_rmsd_angle.auth_atom_id_2 
_pdbx_validate_rmsd_angle.auth_asym_id_2 
_pdbx_validate_rmsd_angle.auth_comp_id_2 
_pdbx_validate_rmsd_angle.auth_seq_id_2 
_pdbx_validate_rmsd_angle.PDB_ins_code_2 
_pdbx_validate_rmsd_angle.label_alt_id_2 
_pdbx_validate_rmsd_angle.auth_atom_id_3 
_pdbx_validate_rmsd_angle.auth_asym_id_3 
_pdbx_validate_rmsd_angle.auth_comp_id_3 
_pdbx_validate_rmsd_angle.auth_seq_id_3 
_pdbx_validate_rmsd_angle.PDB_ins_code_3 
_pdbx_validate_rmsd_angle.label_alt_id_3 
_pdbx_validate_rmsd_angle.angle_value 
_pdbx_validate_rmsd_angle.angle_target_value 
_pdbx_validate_rmsd_angle.angle_deviation 
_pdbx_validate_rmsd_angle.angle_standard_deviation 
_pdbx_validate_rmsd_angle.linker_flag 
1 1 "C3'" U DT 20 ? ? "C2'" U DT 20 ? ? "C1'" U DT 20 ? ? 97.50  102.40 -4.90 0.80 N 
2 1 "O4'" U DT 20 ? ? "C1'" U DT 20 ? ? N1    U DT 20 ? ? 110.36 108.30 2.06  0.30 N 
3 1 "O4'" B DT 37 ? ? "C1'" B DT 37 ? ? N1    B DT 37 ? ? 110.13 108.30 1.83  0.30 N 
4 1 "O4'" B DC 43 ? ? "C1'" B DC 43 ? ? N1    B DC 43 ? ? 110.69 108.30 2.39  0.30 N 
# 
_pdbx_distant_solvent_atoms.id                                1 
_pdbx_distant_solvent_atoms.PDB_model_num                     1 
_pdbx_distant_solvent_atoms.auth_atom_id                      O 
_pdbx_distant_solvent_atoms.label_alt_id                      ? 
_pdbx_distant_solvent_atoms.auth_asym_id                      A 
_pdbx_distant_solvent_atoms.auth_comp_id                      HOH 
_pdbx_distant_solvent_atoms.auth_seq_id                       478 
_pdbx_distant_solvent_atoms.PDB_ins_code                      ? 
_pdbx_distant_solvent_atoms.neighbor_macromolecule_distance   6.91 
_pdbx_distant_solvent_atoms.neighbor_ligand_distance          . 
# 
loop_
_chem_comp_atom.comp_id 
_chem_comp_atom.atom_id 
_chem_comp_atom.type_symbol 
_chem_comp_atom.pdbx_aromatic_flag 
_chem_comp_atom.pdbx_stereo_config 
_chem_comp_atom.pdbx_ordinal 
ALA N      N N N 1   
ALA CA     C N S 2   
ALA C      C N N 3   
ALA O      O N N 4   
ALA CB     C N N 5   
ALA OXT    O N N 6   
ALA H      H N N 7   
ALA H2     H N N 8   
ALA HA     H N N 9   
ALA HB1    H N N 10  
ALA HB2    H N N 11  
ALA HB3    H N N 12  
ALA HXT    H N N 13  
ARG N      N N N 14  
ARG CA     C N S 15  
ARG C      C N N 16  
ARG O      O N N 17  
ARG CB     C N N 18  
ARG CG     C N N 19  
ARG CD     C N N 20  
ARG NE     N N N 21  
ARG CZ     C N N 22  
ARG NH1    N N N 23  
ARG NH2    N N N 24  
ARG OXT    O N N 25  
ARG H      H N N 26  
ARG H2     H N N 27  
ARG HA     H N N 28  
ARG HB2    H N N 29  
ARG HB3    H N N 30  
ARG HG2    H N N 31  
ARG HG3    H N N 32  
ARG HD2    H N N 33  
ARG HD3    H N N 34  
ARG HE     H N N 35  
ARG HH11   H N N 36  
ARG HH12   H N N 37  
ARG HH21   H N N 38  
ARG HH22   H N N 39  
ARG HXT    H N N 40  
ASN N      N N N 41  
ASN CA     C N S 42  
ASN C      C N N 43  
ASN O      O N N 44  
ASN CB     C N N 45  
ASN CG     C N N 46  
ASN OD1    O N N 47  
ASN ND2    N N N 48  
ASN OXT    O N N 49  
ASN H      H N N 50  
ASN H2     H N N 51  
ASN HA     H N N 52  
ASN HB2    H N N 53  
ASN HB3    H N N 54  
ASN HD21   H N N 55  
ASN HD22   H N N 56  
ASN HXT    H N N 57  
ASP N      N N N 58  
ASP CA     C N S 59  
ASP C      C N N 60  
ASP O      O N N 61  
ASP CB     C N N 62  
ASP CG     C N N 63  
ASP OD1    O N N 64  
ASP OD2    O N N 65  
ASP OXT    O N N 66  
ASP H      H N N 67  
ASP H2     H N N 68  
ASP HA     H N N 69  
ASP HB2    H N N 70  
ASP HB3    H N N 71  
ASP HD2    H N N 72  
ASP HXT    H N N 73  
DA  OP3    O N N 74  
DA  P      P N N 75  
DA  OP1    O N N 76  
DA  OP2    O N N 77  
DA  "O5'"  O N N 78  
DA  "C5'"  C N N 79  
DA  "C4'"  C N R 80  
DA  "O4'"  O N N 81  
DA  "C3'"  C N S 82  
DA  "O3'"  O N N 83  
DA  "C2'"  C N N 84  
DA  "C1'"  C N R 85  
DA  N9     N Y N 86  
DA  C8     C Y N 87  
DA  N7     N Y N 88  
DA  C5     C Y N 89  
DA  C6     C Y N 90  
DA  N6     N N N 91  
DA  N1     N Y N 92  
DA  C2     C Y N 93  
DA  N3     N Y N 94  
DA  C4     C Y N 95  
DA  HOP3   H N N 96  
DA  HOP2   H N N 97  
DA  "H5'"  H N N 98  
DA  "H5''" H N N 99  
DA  "H4'"  H N N 100 
DA  "H3'"  H N N 101 
DA  "HO3'" H N N 102 
DA  "H2'"  H N N 103 
DA  "H2''" H N N 104 
DA  "H1'"  H N N 105 
DA  H8     H N N 106 
DA  H61    H N N 107 
DA  H62    H N N 108 
DA  H2     H N N 109 
DC  OP3    O N N 110 
DC  P      P N N 111 
DC  OP1    O N N 112 
DC  OP2    O N N 113 
DC  "O5'"  O N N 114 
DC  "C5'"  C N N 115 
DC  "C4'"  C N R 116 
DC  "O4'"  O N N 117 
DC  "C3'"  C N S 118 
DC  "O3'"  O N N 119 
DC  "C2'"  C N N 120 
DC  "C1'"  C N R 121 
DC  N1     N N N 122 
DC  C2     C N N 123 
DC  O2     O N N 124 
DC  N3     N N N 125 
DC  C4     C N N 126 
DC  N4     N N N 127 
DC  C5     C N N 128 
DC  C6     C N N 129 
DC  HOP3   H N N 130 
DC  HOP2   H N N 131 
DC  "H5'"  H N N 132 
DC  "H5''" H N N 133 
DC  "H4'"  H N N 134 
DC  "H3'"  H N N 135 
DC  "HO3'" H N N 136 
DC  "H2'"  H N N 137 
DC  "H2''" H N N 138 
DC  "H1'"  H N N 139 
DC  H41    H N N 140 
DC  H42    H N N 141 
DC  H5     H N N 142 
DC  H6     H N N 143 
DG  OP3    O N N 144 
DG  P      P N N 145 
DG  OP1    O N N 146 
DG  OP2    O N N 147 
DG  "O5'"  O N N 148 
DG  "C5'"  C N N 149 
DG  "C4'"  C N R 150 
DG  "O4'"  O N N 151 
DG  "C3'"  C N S 152 
DG  "O3'"  O N N 153 
DG  "C2'"  C N N 154 
DG  "C1'"  C N R 155 
DG  N9     N Y N 156 
DG  C8     C Y N 157 
DG  N7     N Y N 158 
DG  C5     C Y N 159 
DG  C6     C N N 160 
DG  O6     O N N 161 
DG  N1     N N N 162 
DG  C2     C N N 163 
DG  N2     N N N 164 
DG  N3     N N N 165 
DG  C4     C Y N 166 
DG  HOP3   H N N 167 
DG  HOP2   H N N 168 
DG  "H5'"  H N N 169 
DG  "H5''" H N N 170 
DG  "H4'"  H N N 171 
DG  "H3'"  H N N 172 
DG  "HO3'" H N N 173 
DG  "H2'"  H N N 174 
DG  "H2''" H N N 175 
DG  "H1'"  H N N 176 
DG  H8     H N N 177 
DG  H1     H N N 178 
DG  H21    H N N 179 
DG  H22    H N N 180 
DT  OP3    O N N 181 
DT  P      P N N 182 
DT  OP1    O N N 183 
DT  OP2    O N N 184 
DT  "O5'"  O N N 185 
DT  "C5'"  C N N 186 
DT  "C4'"  C N R 187 
DT  "O4'"  O N N 188 
DT  "C3'"  C N S 189 
DT  "O3'"  O N N 190 
DT  "C2'"  C N N 191 
DT  "C1'"  C N R 192 
DT  N1     N N N 193 
DT  C2     C N N 194 
DT  O2     O N N 195 
DT  N3     N N N 196 
DT  C4     C N N 197 
DT  O4     O N N 198 
DT  C5     C N N 199 
DT  C7     C N N 200 
DT  C6     C N N 201 
DT  HOP3   H N N 202 
DT  HOP2   H N N 203 
DT  "H5'"  H N N 204 
DT  "H5''" H N N 205 
DT  "H4'"  H N N 206 
DT  "H3'"  H N N 207 
DT  "HO3'" H N N 208 
DT  "H2'"  H N N 209 
DT  "H2''" H N N 210 
DT  "H1'"  H N N 211 
DT  H3     H N N 212 
DT  H71    H N N 213 
DT  H72    H N N 214 
DT  H73    H N N 215 
DT  H6     H N N 216 
GLN N      N N N 217 
GLN CA     C N S 218 
GLN C      C N N 219 
GLN O      O N N 220 
GLN CB     C N N 221 
GLN CG     C N N 222 
GLN CD     C N N 223 
GLN OE1    O N N 224 
GLN NE2    N N N 225 
GLN OXT    O N N 226 
GLN H      H N N 227 
GLN H2     H N N 228 
GLN HA     H N N 229 
GLN HB2    H N N 230 
GLN HB3    H N N 231 
GLN HG2    H N N 232 
GLN HG3    H N N 233 
GLN HE21   H N N 234 
GLN HE22   H N N 235 
GLN HXT    H N N 236 
GLU N      N N N 237 
GLU CA     C N S 238 
GLU C      C N N 239 
GLU O      O N N 240 
GLU CB     C N N 241 
GLU CG     C N N 242 
GLU CD     C N N 243 
GLU OE1    O N N 244 
GLU OE2    O N N 245 
GLU OXT    O N N 246 
GLU H      H N N 247 
GLU H2     H N N 248 
GLU HA     H N N 249 
GLU HB2    H N N 250 
GLU HB3    H N N 251 
GLU HG2    H N N 252 
GLU HG3    H N N 253 
GLU HE2    H N N 254 
GLU HXT    H N N 255 
GLY N      N N N 256 
GLY CA     C N N 257 
GLY C      C N N 258 
GLY O      O N N 259 
GLY OXT    O N N 260 
GLY H      H N N 261 
GLY H2     H N N 262 
GLY HA2    H N N 263 
GLY HA3    H N N 264 
GLY HXT    H N N 265 
GOL C1     C N N 266 
GOL O1     O N N 267 
GOL C2     C N N 268 
GOL O2     O N N 269 
GOL C3     C N N 270 
GOL O3     O N N 271 
GOL H11    H N N 272 
GOL H12    H N N 273 
GOL HO1    H N N 274 
GOL H2     H N N 275 
GOL HO2    H N N 276 
GOL H31    H N N 277 
GOL H32    H N N 278 
GOL HO3    H N N 279 
HIS N      N N N 280 
HIS CA     C N S 281 
HIS C      C N N 282 
HIS O      O N N 283 
HIS CB     C N N 284 
HIS CG     C Y N 285 
HIS ND1    N Y N 286 
HIS CD2    C Y N 287 
HIS CE1    C Y N 288 
HIS NE2    N Y N 289 
HIS OXT    O N N 290 
HIS H      H N N 291 
HIS H2     H N N 292 
HIS HA     H N N 293 
HIS HB2    H N N 294 
HIS HB3    H N N 295 
HIS HD1    H N N 296 
HIS HD2    H N N 297 
HIS HE1    H N N 298 
HIS HE2    H N N 299 
HIS HXT    H N N 300 
HOH O      O N N 301 
HOH H1     H N N 302 
HOH H2     H N N 303 
ILE N      N N N 304 
ILE CA     C N S 305 
ILE C      C N N 306 
ILE O      O N N 307 
ILE CB     C N S 308 
ILE CG1    C N N 309 
ILE CG2    C N N 310 
ILE CD1    C N N 311 
ILE OXT    O N N 312 
ILE H      H N N 313 
ILE H2     H N N 314 
ILE HA     H N N 315 
ILE HB     H N N 316 
ILE HG12   H N N 317 
ILE HG13   H N N 318 
ILE HG21   H N N 319 
ILE HG22   H N N 320 
ILE HG23   H N N 321 
ILE HD11   H N N 322 
ILE HD12   H N N 323 
ILE HD13   H N N 324 
ILE HXT    H N N 325 
LEU N      N N N 326 
LEU CA     C N S 327 
LEU C      C N N 328 
LEU O      O N N 329 
LEU CB     C N N 330 
LEU CG     C N N 331 
LEU CD1    C N N 332 
LEU CD2    C N N 333 
LEU OXT    O N N 334 
LEU H      H N N 335 
LEU H2     H N N 336 
LEU HA     H N N 337 
LEU HB2    H N N 338 
LEU HB3    H N N 339 
LEU HG     H N N 340 
LEU HD11   H N N 341 
LEU HD12   H N N 342 
LEU HD13   H N N 343 
LEU HD21   H N N 344 
LEU HD22   H N N 345 
LEU HD23   H N N 346 
LEU HXT    H N N 347 
LYS N      N N N 348 
LYS CA     C N S 349 
LYS C      C N N 350 
LYS O      O N N 351 
LYS CB     C N N 352 
LYS CG     C N N 353 
LYS CD     C N N 354 
LYS CE     C N N 355 
LYS NZ     N N N 356 
LYS OXT    O N N 357 
LYS H      H N N 358 
LYS H2     H N N 359 
LYS HA     H N N 360 
LYS HB2    H N N 361 
LYS HB3    H N N 362 
LYS HG2    H N N 363 
LYS HG3    H N N 364 
LYS HD2    H N N 365 
LYS HD3    H N N 366 
LYS HE2    H N N 367 
LYS HE3    H N N 368 
LYS HZ1    H N N 369 
LYS HZ2    H N N 370 
LYS HZ3    H N N 371 
LYS HXT    H N N 372 
MET N      N N N 373 
MET CA     C N S 374 
MET C      C N N 375 
MET O      O N N 376 
MET CB     C N N 377 
MET CG     C N N 378 
MET SD     S N N 379 
MET CE     C N N 380 
MET OXT    O N N 381 
MET H      H N N 382 
MET H2     H N N 383 
MET HA     H N N 384 
MET HB2    H N N 385 
MET HB3    H N N 386 
MET HG2    H N N 387 
MET HG3    H N N 388 
MET HE1    H N N 389 
MET HE2    H N N 390 
MET HE3    H N N 391 
MET HXT    H N N 392 
PHE N      N N N 393 
PHE CA     C N S 394 
PHE C      C N N 395 
PHE O      O N N 396 
PHE CB     C N N 397 
PHE CG     C Y N 398 
PHE CD1    C Y N 399 
PHE CD2    C Y N 400 
PHE CE1    C Y N 401 
PHE CE2    C Y N 402 
PHE CZ     C Y N 403 
PHE OXT    O N N 404 
PHE H      H N N 405 
PHE H2     H N N 406 
PHE HA     H N N 407 
PHE HB2    H N N 408 
PHE HB3    H N N 409 
PHE HD1    H N N 410 
PHE HD2    H N N 411 
PHE HE1    H N N 412 
PHE HE2    H N N 413 
PHE HZ     H N N 414 
PHE HXT    H N N 415 
PRO N      N N N 416 
PRO CA     C N S 417 
PRO C      C N N 418 
PRO O      O N N 419 
PRO CB     C N N 420 
PRO CG     C N N 421 
PRO CD     C N N 422 
PRO OXT    O N N 423 
PRO H      H N N 424 
PRO HA     H N N 425 
PRO HB2    H N N 426 
PRO HB3    H N N 427 
PRO HG2    H N N 428 
PRO HG3    H N N 429 
PRO HD2    H N N 430 
PRO HD3    H N N 431 
PRO HXT    H N N 432 
SER N      N N N 433 
SER CA     C N S 434 
SER C      C N N 435 
SER O      O N N 436 
SER CB     C N N 437 
SER OG     O N N 438 
SER OXT    O N N 439 
SER H      H N N 440 
SER H2     H N N 441 
SER HA     H N N 442 
SER HB2    H N N 443 
SER HB3    H N N 444 
SER HG     H N N 445 
SER HXT    H N N 446 
THR N      N N N 447 
THR CA     C N S 448 
THR C      C N N 449 
THR O      O N N 450 
THR CB     C N R 451 
THR OG1    O N N 452 
THR CG2    C N N 453 
THR OXT    O N N 454 
THR H      H N N 455 
THR H2     H N N 456 
THR HA     H N N 457 
THR HB     H N N 458 
THR HG1    H N N 459 
THR HG21   H N N 460 
THR HG22   H N N 461 
THR HG23   H N N 462 
THR HXT    H N N 463 
TRP N      N N N 464 
TRP CA     C N S 465 
TRP C      C N N 466 
TRP O      O N N 467 
TRP CB     C N N 468 
TRP CG     C Y N 469 
TRP CD1    C Y N 470 
TRP CD2    C Y N 471 
TRP NE1    N Y N 472 
TRP CE2    C Y N 473 
TRP CE3    C Y N 474 
TRP CZ2    C Y N 475 
TRP CZ3    C Y N 476 
TRP CH2    C Y N 477 
TRP OXT    O N N 478 
TRP H      H N N 479 
TRP H2     H N N 480 
TRP HA     H N N 481 
TRP HB2    H N N 482 
TRP HB3    H N N 483 
TRP HD1    H N N 484 
TRP HE1    H N N 485 
TRP HE3    H N N 486 
TRP HZ2    H N N 487 
TRP HZ3    H N N 488 
TRP HH2    H N N 489 
TRP HXT    H N N 490 
TYR N      N N N 491 
TYR CA     C N S 492 
TYR C      C N N 493 
TYR O      O N N 494 
TYR CB     C N N 495 
TYR CG     C Y N 496 
TYR CD1    C Y N 497 
TYR CD2    C Y N 498 
TYR CE1    C Y N 499 
TYR CE2    C Y N 500 
TYR CZ     C Y N 501 
TYR OH     O N N 502 
TYR OXT    O N N 503 
TYR H      H N N 504 
TYR H2     H N N 505 
TYR HA     H N N 506 
TYR HB2    H N N 507 
TYR HB3    H N N 508 
TYR HD1    H N N 509 
TYR HD2    H N N 510 
TYR HE1    H N N 511 
TYR HE2    H N N 512 
TYR HH     H N N 513 
TYR HXT    H N N 514 
VAL N      N N N 515 
VAL CA     C N S 516 
VAL C      C N N 517 
VAL O      O N N 518 
VAL CB     C N N 519 
VAL CG1    C N N 520 
VAL CG2    C N N 521 
VAL OXT    O N N 522 
VAL H      H N N 523 
VAL H2     H N N 524 
VAL HA     H N N 525 
VAL HB     H N N 526 
VAL HG11   H N N 527 
VAL HG12   H N N 528 
VAL HG13   H N N 529 
VAL HG21   H N N 530 
VAL HG22   H N N 531 
VAL HG23   H N N 532 
VAL HXT    H N N 533 
# 
loop_
_chem_comp_bond.comp_id 
_chem_comp_bond.atom_id_1 
_chem_comp_bond.atom_id_2 
_chem_comp_bond.value_order 
_chem_comp_bond.pdbx_aromatic_flag 
_chem_comp_bond.pdbx_stereo_config 
_chem_comp_bond.pdbx_ordinal 
ALA N     CA     sing N N 1   
ALA N     H      sing N N 2   
ALA N     H2     sing N N 3   
ALA CA    C      sing N N 4   
ALA CA    CB     sing N N 5   
ALA CA    HA     sing N N 6   
ALA C     O      doub N N 7   
ALA C     OXT    sing N N 8   
ALA CB    HB1    sing N N 9   
ALA CB    HB2    sing N N 10  
ALA CB    HB3    sing N N 11  
ALA OXT   HXT    sing N N 12  
ARG N     CA     sing N N 13  
ARG N     H      sing N N 14  
ARG N     H2     sing N N 15  
ARG CA    C      sing N N 16  
ARG CA    CB     sing N N 17  
ARG CA    HA     sing N N 18  
ARG C     O      doub N N 19  
ARG C     OXT    sing N N 20  
ARG CB    CG     sing N N 21  
ARG CB    HB2    sing N N 22  
ARG CB    HB3    sing N N 23  
ARG CG    CD     sing N N 24  
ARG CG    HG2    sing N N 25  
ARG CG    HG3    sing N N 26  
ARG CD    NE     sing N N 27  
ARG CD    HD2    sing N N 28  
ARG CD    HD3    sing N N 29  
ARG NE    CZ     sing N N 30  
ARG NE    HE     sing N N 31  
ARG CZ    NH1    sing N N 32  
ARG CZ    NH2    doub N N 33  
ARG NH1   HH11   sing N N 34  
ARG NH1   HH12   sing N N 35  
ARG NH2   HH21   sing N N 36  
ARG NH2   HH22   sing N N 37  
ARG OXT   HXT    sing N N 38  
ASN N     CA     sing N N 39  
ASN N     H      sing N N 40  
ASN N     H2     sing N N 41  
ASN CA    C      sing N N 42  
ASN CA    CB     sing N N 43  
ASN CA    HA     sing N N 44  
ASN C     O      doub N N 45  
ASN C     OXT    sing N N 46  
ASN CB    CG     sing N N 47  
ASN CB    HB2    sing N N 48  
ASN CB    HB3    sing N N 49  
ASN CG    OD1    doub N N 50  
ASN CG    ND2    sing N N 51  
ASN ND2   HD21   sing N N 52  
ASN ND2   HD22   sing N N 53  
ASN OXT   HXT    sing N N 54  
ASP N     CA     sing N N 55  
ASP N     H      sing N N 56  
ASP N     H2     sing N N 57  
ASP CA    C      sing N N 58  
ASP CA    CB     sing N N 59  
ASP CA    HA     sing N N 60  
ASP C     O      doub N N 61  
ASP C     OXT    sing N N 62  
ASP CB    CG     sing N N 63  
ASP CB    HB2    sing N N 64  
ASP CB    HB3    sing N N 65  
ASP CG    OD1    doub N N 66  
ASP CG    OD2    sing N N 67  
ASP OD2   HD2    sing N N 68  
ASP OXT   HXT    sing N N 69  
DA  OP3   P      sing N N 70  
DA  OP3   HOP3   sing N N 71  
DA  P     OP1    doub N N 72  
DA  P     OP2    sing N N 73  
DA  P     "O5'"  sing N N 74  
DA  OP2   HOP2   sing N N 75  
DA  "O5'" "C5'"  sing N N 76  
DA  "C5'" "C4'"  sing N N 77  
DA  "C5'" "H5'"  sing N N 78  
DA  "C5'" "H5''" sing N N 79  
DA  "C4'" "O4'"  sing N N 80  
DA  "C4'" "C3'"  sing N N 81  
DA  "C4'" "H4'"  sing N N 82  
DA  "O4'" "C1'"  sing N N 83  
DA  "C3'" "O3'"  sing N N 84  
DA  "C3'" "C2'"  sing N N 85  
DA  "C3'" "H3'"  sing N N 86  
DA  "O3'" "HO3'" sing N N 87  
DA  "C2'" "C1'"  sing N N 88  
DA  "C2'" "H2'"  sing N N 89  
DA  "C2'" "H2''" sing N N 90  
DA  "C1'" N9     sing N N 91  
DA  "C1'" "H1'"  sing N N 92  
DA  N9    C8     sing Y N 93  
DA  N9    C4     sing Y N 94  
DA  C8    N7     doub Y N 95  
DA  C8    H8     sing N N 96  
DA  N7    C5     sing Y N 97  
DA  C5    C6     sing Y N 98  
DA  C5    C4     doub Y N 99  
DA  C6    N6     sing N N 100 
DA  C6    N1     doub Y N 101 
DA  N6    H61    sing N N 102 
DA  N6    H62    sing N N 103 
DA  N1    C2     sing Y N 104 
DA  C2    N3     doub Y N 105 
DA  C2    H2     sing N N 106 
DA  N3    C4     sing Y N 107 
DC  OP3   P      sing N N 108 
DC  OP3   HOP3   sing N N 109 
DC  P     OP1    doub N N 110 
DC  P     OP2    sing N N 111 
DC  P     "O5'"  sing N N 112 
DC  OP2   HOP2   sing N N 113 
DC  "O5'" "C5'"  sing N N 114 
DC  "C5'" "C4'"  sing N N 115 
DC  "C5'" "H5'"  sing N N 116 
DC  "C5'" "H5''" sing N N 117 
DC  "C4'" "O4'"  sing N N 118 
DC  "C4'" "C3'"  sing N N 119 
DC  "C4'" "H4'"  sing N N 120 
DC  "O4'" "C1'"  sing N N 121 
DC  "C3'" "O3'"  sing N N 122 
DC  "C3'" "C2'"  sing N N 123 
DC  "C3'" "H3'"  sing N N 124 
DC  "O3'" "HO3'" sing N N 125 
DC  "C2'" "C1'"  sing N N 126 
DC  "C2'" "H2'"  sing N N 127 
DC  "C2'" "H2''" sing N N 128 
DC  "C1'" N1     sing N N 129 
DC  "C1'" "H1'"  sing N N 130 
DC  N1    C2     sing N N 131 
DC  N1    C6     sing N N 132 
DC  C2    O2     doub N N 133 
DC  C2    N3     sing N N 134 
DC  N3    C4     doub N N 135 
DC  C4    N4     sing N N 136 
DC  C4    C5     sing N N 137 
DC  N4    H41    sing N N 138 
DC  N4    H42    sing N N 139 
DC  C5    C6     doub N N 140 
DC  C5    H5     sing N N 141 
DC  C6    H6     sing N N 142 
DG  OP3   P      sing N N 143 
DG  OP3   HOP3   sing N N 144 
DG  P     OP1    doub N N 145 
DG  P     OP2    sing N N 146 
DG  P     "O5'"  sing N N 147 
DG  OP2   HOP2   sing N N 148 
DG  "O5'" "C5'"  sing N N 149 
DG  "C5'" "C4'"  sing N N 150 
DG  "C5'" "H5'"  sing N N 151 
DG  "C5'" "H5''" sing N N 152 
DG  "C4'" "O4'"  sing N N 153 
DG  "C4'" "C3'"  sing N N 154 
DG  "C4'" "H4'"  sing N N 155 
DG  "O4'" "C1'"  sing N N 156 
DG  "C3'" "O3'"  sing N N 157 
DG  "C3'" "C2'"  sing N N 158 
DG  "C3'" "H3'"  sing N N 159 
DG  "O3'" "HO3'" sing N N 160 
DG  "C2'" "C1'"  sing N N 161 
DG  "C2'" "H2'"  sing N N 162 
DG  "C2'" "H2''" sing N N 163 
DG  "C1'" N9     sing N N 164 
DG  "C1'" "H1'"  sing N N 165 
DG  N9    C8     sing Y N 166 
DG  N9    C4     sing Y N 167 
DG  C8    N7     doub Y N 168 
DG  C8    H8     sing N N 169 
DG  N7    C5     sing Y N 170 
DG  C5    C6     sing N N 171 
DG  C5    C4     doub Y N 172 
DG  C6    O6     doub N N 173 
DG  C6    N1     sing N N 174 
DG  N1    C2     sing N N 175 
DG  N1    H1     sing N N 176 
DG  C2    N2     sing N N 177 
DG  C2    N3     doub N N 178 
DG  N2    H21    sing N N 179 
DG  N2    H22    sing N N 180 
DG  N3    C4     sing N N 181 
DT  OP3   P      sing N N 182 
DT  OP3   HOP3   sing N N 183 
DT  P     OP1    doub N N 184 
DT  P     OP2    sing N N 185 
DT  P     "O5'"  sing N N 186 
DT  OP2   HOP2   sing N N 187 
DT  "O5'" "C5'"  sing N N 188 
DT  "C5'" "C4'"  sing N N 189 
DT  "C5'" "H5'"  sing N N 190 
DT  "C5'" "H5''" sing N N 191 
DT  "C4'" "O4'"  sing N N 192 
DT  "C4'" "C3'"  sing N N 193 
DT  "C4'" "H4'"  sing N N 194 
DT  "O4'" "C1'"  sing N N 195 
DT  "C3'" "O3'"  sing N N 196 
DT  "C3'" "C2'"  sing N N 197 
DT  "C3'" "H3'"  sing N N 198 
DT  "O3'" "HO3'" sing N N 199 
DT  "C2'" "C1'"  sing N N 200 
DT  "C2'" "H2'"  sing N N 201 
DT  "C2'" "H2''" sing N N 202 
DT  "C1'" N1     sing N N 203 
DT  "C1'" "H1'"  sing N N 204 
DT  N1    C2     sing N N 205 
DT  N1    C6     sing N N 206 
DT  C2    O2     doub N N 207 
DT  C2    N3     sing N N 208 
DT  N3    C4     sing N N 209 
DT  N3    H3     sing N N 210 
DT  C4    O4     doub N N 211 
DT  C4    C5     sing N N 212 
DT  C5    C7     sing N N 213 
DT  C5    C6     doub N N 214 
DT  C7    H71    sing N N 215 
DT  C7    H72    sing N N 216 
DT  C7    H73    sing N N 217 
DT  C6    H6     sing N N 218 
GLN N     CA     sing N N 219 
GLN N     H      sing N N 220 
GLN N     H2     sing N N 221 
GLN CA    C      sing N N 222 
GLN CA    CB     sing N N 223 
GLN CA    HA     sing N N 224 
GLN C     O      doub N N 225 
GLN C     OXT    sing N N 226 
GLN CB    CG     sing N N 227 
GLN CB    HB2    sing N N 228 
GLN CB    HB3    sing N N 229 
GLN CG    CD     sing N N 230 
GLN CG    HG2    sing N N 231 
GLN CG    HG3    sing N N 232 
GLN CD    OE1    doub N N 233 
GLN CD    NE2    sing N N 234 
GLN NE2   HE21   sing N N 235 
GLN NE2   HE22   sing N N 236 
GLN OXT   HXT    sing N N 237 
GLU N     CA     sing N N 238 
GLU N     H      sing N N 239 
GLU N     H2     sing N N 240 
GLU CA    C      sing N N 241 
GLU CA    CB     sing N N 242 
GLU CA    HA     sing N N 243 
GLU C     O      doub N N 244 
GLU C     OXT    sing N N 245 
GLU CB    CG     sing N N 246 
GLU CB    HB2    sing N N 247 
GLU CB    HB3    sing N N 248 
GLU CG    CD     sing N N 249 
GLU CG    HG2    sing N N 250 
GLU CG    HG3    sing N N 251 
GLU CD    OE1    doub N N 252 
GLU CD    OE2    sing N N 253 
GLU OE2   HE2    sing N N 254 
GLU OXT   HXT    sing N N 255 
GLY N     CA     sing N N 256 
GLY N     H      sing N N 257 
GLY N     H2     sing N N 258 
GLY CA    C      sing N N 259 
GLY CA    HA2    sing N N 260 
GLY CA    HA3    sing N N 261 
GLY C     O      doub N N 262 
GLY C     OXT    sing N N 263 
GLY OXT   HXT    sing N N 264 
GOL C1    O1     sing N N 265 
GOL C1    C2     sing N N 266 
GOL C1    H11    sing N N 267 
GOL C1    H12    sing N N 268 
GOL O1    HO1    sing N N 269 
GOL C2    O2     sing N N 270 
GOL C2    C3     sing N N 271 
GOL C2    H2     sing N N 272 
GOL O2    HO2    sing N N 273 
GOL C3    O3     sing N N 274 
GOL C3    H31    sing N N 275 
GOL C3    H32    sing N N 276 
GOL O3    HO3    sing N N 277 
HIS N     CA     sing N N 278 
HIS N     H      sing N N 279 
HIS N     H2     sing N N 280 
HIS CA    C      sing N N 281 
HIS CA    CB     sing N N 282 
HIS CA    HA     sing N N 283 
HIS C     O      doub N N 284 
HIS C     OXT    sing N N 285 
HIS CB    CG     sing N N 286 
HIS CB    HB2    sing N N 287 
HIS CB    HB3    sing N N 288 
HIS CG    ND1    sing Y N 289 
HIS CG    CD2    doub Y N 290 
HIS ND1   CE1    doub Y N 291 
HIS ND1   HD1    sing N N 292 
HIS CD2   NE2    sing Y N 293 
HIS CD2   HD2    sing N N 294 
HIS CE1   NE2    sing Y N 295 
HIS CE1   HE1    sing N N 296 
HIS NE2   HE2    sing N N 297 
HIS OXT   HXT    sing N N 298 
HOH O     H1     sing N N 299 
HOH O     H2     sing N N 300 
ILE N     CA     sing N N 301 
ILE N     H      sing N N 302 
ILE N     H2     sing N N 303 
ILE CA    C      sing N N 304 
ILE CA    CB     sing N N 305 
ILE CA    HA     sing N N 306 
ILE C     O      doub N N 307 
ILE C     OXT    sing N N 308 
ILE CB    CG1    sing N N 309 
ILE CB    CG2    sing N N 310 
ILE CB    HB     sing N N 311 
ILE CG1   CD1    sing N N 312 
ILE CG1   HG12   sing N N 313 
ILE CG1   HG13   sing N N 314 
ILE CG2   HG21   sing N N 315 
ILE CG2   HG22   sing N N 316 
ILE CG2   HG23   sing N N 317 
ILE CD1   HD11   sing N N 318 
ILE CD1   HD12   sing N N 319 
ILE CD1   HD13   sing N N 320 
ILE OXT   HXT    sing N N 321 
LEU N     CA     sing N N 322 
LEU N     H      sing N N 323 
LEU N     H2     sing N N 324 
LEU CA    C      sing N N 325 
LEU CA    CB     sing N N 326 
LEU CA    HA     sing N N 327 
LEU C     O      doub N N 328 
LEU C     OXT    sing N N 329 
LEU CB    CG     sing N N 330 
LEU CB    HB2    sing N N 331 
LEU CB    HB3    sing N N 332 
LEU CG    CD1    sing N N 333 
LEU CG    CD2    sing N N 334 
LEU CG    HG     sing N N 335 
LEU CD1   HD11   sing N N 336 
LEU CD1   HD12   sing N N 337 
LEU CD1   HD13   sing N N 338 
LEU CD2   HD21   sing N N 339 
LEU CD2   HD22   sing N N 340 
LEU CD2   HD23   sing N N 341 
LEU OXT   HXT    sing N N 342 
LYS N     CA     sing N N 343 
LYS N     H      sing N N 344 
LYS N     H2     sing N N 345 
LYS CA    C      sing N N 346 
LYS CA    CB     sing N N 347 
LYS CA    HA     sing N N 348 
LYS C     O      doub N N 349 
LYS C     OXT    sing N N 350 
LYS CB    CG     sing N N 351 
LYS CB    HB2    sing N N 352 
LYS CB    HB3    sing N N 353 
LYS CG    CD     sing N N 354 
LYS CG    HG2    sing N N 355 
LYS CG    HG3    sing N N 356 
LYS CD    CE     sing N N 357 
LYS CD    HD2    sing N N 358 
LYS CD    HD3    sing N N 359 
LYS CE    NZ     sing N N 360 
LYS CE    HE2    sing N N 361 
LYS CE    HE3    sing N N 362 
LYS NZ    HZ1    sing N N 363 
LYS NZ    HZ2    sing N N 364 
LYS NZ    HZ3    sing N N 365 
LYS OXT   HXT    sing N N 366 
MET N     CA     sing N N 367 
MET N     H      sing N N 368 
MET N     H2     sing N N 369 
MET CA    C      sing N N 370 
MET CA    CB     sing N N 371 
MET CA    HA     sing N N 372 
MET C     O      doub N N 373 
MET C     OXT    sing N N 374 
MET CB    CG     sing N N 375 
MET CB    HB2    sing N N 376 
MET CB    HB3    sing N N 377 
MET CG    SD     sing N N 378 
MET CG    HG2    sing N N 379 
MET CG    HG3    sing N N 380 
MET SD    CE     sing N N 381 
MET CE    HE1    sing N N 382 
MET CE    HE2    sing N N 383 
MET CE    HE3    sing N N 384 
MET OXT   HXT    sing N N 385 
PHE N     CA     sing N N 386 
PHE N     H      sing N N 387 
PHE N     H2     sing N N 388 
PHE CA    C      sing N N 389 
PHE CA    CB     sing N N 390 
PHE CA    HA     sing N N 391 
PHE C     O      doub N N 392 
PHE C     OXT    sing N N 393 
PHE CB    CG     sing N N 394 
PHE CB    HB2    sing N N 395 
PHE CB    HB3    sing N N 396 
PHE CG    CD1    doub Y N 397 
PHE CG    CD2    sing Y N 398 
PHE CD1   CE1    sing Y N 399 
PHE CD1   HD1    sing N N 400 
PHE CD2   CE2    doub Y N 401 
PHE CD2   HD2    sing N N 402 
PHE CE1   CZ     doub Y N 403 
PHE CE1   HE1    sing N N 404 
PHE CE2   CZ     sing Y N 405 
PHE CE2   HE2    sing N N 406 
PHE CZ    HZ     sing N N 407 
PHE OXT   HXT    sing N N 408 
PRO N     CA     sing N N 409 
PRO N     CD     sing N N 410 
PRO N     H      sing N N 411 
PRO CA    C      sing N N 412 
PRO CA    CB     sing N N 413 
PRO CA    HA     sing N N 414 
PRO C     O      doub N N 415 
PRO C     OXT    sing N N 416 
PRO CB    CG     sing N N 417 
PRO CB    HB2    sing N N 418 
PRO CB    HB3    sing N N 419 
PRO CG    CD     sing N N 420 
PRO CG    HG2    sing N N 421 
PRO CG    HG3    sing N N 422 
PRO CD    HD2    sing N N 423 
PRO CD    HD3    sing N N 424 
PRO OXT   HXT    sing N N 425 
SER N     CA     sing N N 426 
SER N     H      sing N N 427 
SER N     H2     sing N N 428 
SER CA    C      sing N N 429 
SER CA    CB     sing N N 430 
SER CA    HA     sing N N 431 
SER C     O      doub N N 432 
SER C     OXT    sing N N 433 
SER CB    OG     sing N N 434 
SER CB    HB2    sing N N 435 
SER CB    HB3    sing N N 436 
SER OG    HG     sing N N 437 
SER OXT   HXT    sing N N 438 
THR N     CA     sing N N 439 
THR N     H      sing N N 440 
THR N     H2     sing N N 441 
THR CA    C      sing N N 442 
THR CA    CB     sing N N 443 
THR CA    HA     sing N N 444 
THR C     O      doub N N 445 
THR C     OXT    sing N N 446 
THR CB    OG1    sing N N 447 
THR CB    CG2    sing N N 448 
THR CB    HB     sing N N 449 
THR OG1   HG1    sing N N 450 
THR CG2   HG21   sing N N 451 
THR CG2   HG22   sing N N 452 
THR CG2   HG23   sing N N 453 
THR OXT   HXT    sing N N 454 
TRP N     CA     sing N N 455 
TRP N     H      sing N N 456 
TRP N     H2     sing N N 457 
TRP CA    C      sing N N 458 
TRP CA    CB     sing N N 459 
TRP CA    HA     sing N N 460 
TRP C     O      doub N N 461 
TRP C     OXT    sing N N 462 
TRP CB    CG     sing N N 463 
TRP CB    HB2    sing N N 464 
TRP CB    HB3    sing N N 465 
TRP CG    CD1    doub Y N 466 
TRP CG    CD2    sing Y N 467 
TRP CD1   NE1    sing Y N 468 
TRP CD1   HD1    sing N N 469 
TRP CD2   CE2    doub Y N 470 
TRP CD2   CE3    sing Y N 471 
TRP NE1   CE2    sing Y N 472 
TRP NE1   HE1    sing N N 473 
TRP CE2   CZ2    sing Y N 474 
TRP CE3   CZ3    doub Y N 475 
TRP CE3   HE3    sing N N 476 
TRP CZ2   CH2    doub Y N 477 
TRP CZ2   HZ2    sing N N 478 
TRP CZ3   CH2    sing Y N 479 
TRP CZ3   HZ3    sing N N 480 
TRP CH2   HH2    sing N N 481 
TRP OXT   HXT    sing N N 482 
TYR N     CA     sing N N 483 
TYR N     H      sing N N 484 
TYR N     H2     sing N N 485 
TYR CA    C      sing N N 486 
TYR CA    CB     sing N N 487 
TYR CA    HA     sing N N 488 
TYR C     O      doub N N 489 
TYR C     OXT    sing N N 490 
TYR CB    CG     sing N N 491 
TYR CB    HB2    sing N N 492 
TYR CB    HB3    sing N N 493 
TYR CG    CD1    doub Y N 494 
TYR CG    CD2    sing Y N 495 
TYR CD1   CE1    sing Y N 496 
TYR CD1   HD1    sing N N 497 
TYR CD2   CE2    doub Y N 498 
TYR CD2   HD2    sing N N 499 
TYR CE1   CZ     doub Y N 500 
TYR CE1   HE1    sing N N 501 
TYR CE2   CZ     sing Y N 502 
TYR CE2   HE2    sing N N 503 
TYR CZ    OH     sing N N 504 
TYR OH    HH     sing N N 505 
TYR OXT   HXT    sing N N 506 
VAL N     CA     sing N N 507 
VAL N     H      sing N N 508 
VAL N     H2     sing N N 509 
VAL CA    C      sing N N 510 
VAL CA    CB     sing N N 511 
VAL CA    HA     sing N N 512 
VAL C     O      doub N N 513 
VAL C     OXT    sing N N 514 
VAL CB    CG1    sing N N 515 
VAL CB    CG2    sing N N 516 
VAL CB    HB     sing N N 517 
VAL CG1   HG11   sing N N 518 
VAL CG1   HG12   sing N N 519 
VAL CG1   HG13   sing N N 520 
VAL CG2   HG21   sing N N 521 
VAL CG2   HG22   sing N N 522 
VAL CG2   HG23   sing N N 523 
VAL OXT   HXT    sing N N 524 
# 
loop_
_ndb_struct_conf_na.entry_id 
_ndb_struct_conf_na.feature 
6QEC 'double helix'        
6QEC 'b-form double helix' 
# 
loop_
_ndb_struct_na_base_pair.model_number 
_ndb_struct_na_base_pair.i_label_asym_id 
_ndb_struct_na_base_pair.i_label_comp_id 
_ndb_struct_na_base_pair.i_label_seq_id 
_ndb_struct_na_base_pair.i_symmetry 
_ndb_struct_na_base_pair.j_label_asym_id 
_ndb_struct_na_base_pair.j_label_comp_id 
_ndb_struct_na_base_pair.j_label_seq_id 
_ndb_struct_na_base_pair.j_symmetry 
_ndb_struct_na_base_pair.shear 
_ndb_struct_na_base_pair.stretch 
_ndb_struct_na_base_pair.stagger 
_ndb_struct_na_base_pair.buckle 
_ndb_struct_na_base_pair.propeller 
_ndb_struct_na_base_pair.opening 
_ndb_struct_na_base_pair.pair_number 
_ndb_struct_na_base_pair.pair_name 
_ndb_struct_na_base_pair.i_auth_asym_id 
_ndb_struct_na_base_pair.i_auth_seq_id 
_ndb_struct_na_base_pair.i_PDB_ins_code 
_ndb_struct_na_base_pair.j_auth_asym_id 
_ndb_struct_na_base_pair.j_auth_seq_id 
_ndb_struct_na_base_pair.j_PDB_ins_code 
_ndb_struct_na_base_pair.hbond_type_28 
_ndb_struct_na_base_pair.hbond_type_12 
1 A DT 2  1_555 B DA 10 1_555 -0.115 0.019  0.077  -7.489 -12.946 5.705  1 U_DT19:DA46_B U 19 ? B 46 ? 20 1 
1 A DT 3  1_555 B DA 9  1_555 0.109  -0.152 -0.286 7.014  -7.803  0.768  2 U_DT20:DA45_B U 20 ? B 45 ? 20 1 
1 A DC 4  1_555 B DG 8  1_555 0.132  -0.110 0.128  -5.874 -11.859 1.290  3 U_DC21:DG44_B U 21 ? B 44 ? 19 1 
1 A DG 5  1_555 B DC 7  1_555 -0.378 -0.183 0.047  4.028  -1.810  2.037  4 U_DG22:DC43_B U 22 ? B 43 ? 19 1 
1 A DA 6  1_555 B DT 6  1_555 0.029  0.033  0.126  7.847  -17.534 -1.034 5 U_DA23:DT42_B U 23 ? B 42 ? 20 1 
1 A DA 7  1_555 B DT 5  1_555 0.197  -0.039 0.387  9.704  -16.618 -0.411 6 U_DA24:DT41_B U 24 ? B 41 ? 20 1 
1 A DT 8  1_555 B DA 4  1_555 0.130  -0.082 0.355  7.977  -11.549 5.260  7 U_DT25:DA40_B U 25 ? B 40 ? 20 1 
1 A DA 9  1_555 B DT 3  1_555 -0.076 -0.152 0.218  -5.418 -10.086 -2.255 8 U_DA26:DT39_B U 26 ? B 39 ? 20 1 
1 A DT 10 1_555 B DA 2  1_555 -0.129 -0.201 -0.278 4.044  -15.207 -3.811 9 U_DT27:DA38_B U 27 ? B 38 ? 20 1 
# 
loop_
_ndb_struct_na_base_pair_step.model_number 
_ndb_struct_na_base_pair_step.i_label_asym_id_1 
_ndb_struct_na_base_pair_step.i_label_comp_id_1 
_ndb_struct_na_base_pair_step.i_label_seq_id_1 
_ndb_struct_na_base_pair_step.i_symmetry_1 
_ndb_struct_na_base_pair_step.j_label_asym_id_1 
_ndb_struct_na_base_pair_step.j_label_comp_id_1 
_ndb_struct_na_base_pair_step.j_label_seq_id_1 
_ndb_struct_na_base_pair_step.j_symmetry_1 
_ndb_struct_na_base_pair_step.i_label_asym_id_2 
_ndb_struct_na_base_pair_step.i_label_comp_id_2 
_ndb_struct_na_base_pair_step.i_label_seq_id_2 
_ndb_struct_na_base_pair_step.i_symmetry_2 
_ndb_struct_na_base_pair_step.j_label_asym_id_2 
_ndb_struct_na_base_pair_step.j_label_comp_id_2 
_ndb_struct_na_base_pair_step.j_label_seq_id_2 
_ndb_struct_na_base_pair_step.j_symmetry_2 
_ndb_struct_na_base_pair_step.shift 
_ndb_struct_na_base_pair_step.slide 
_ndb_struct_na_base_pair_step.rise 
_ndb_struct_na_base_pair_step.tilt 
_ndb_struct_na_base_pair_step.roll 
_ndb_struct_na_base_pair_step.twist 
_ndb_struct_na_base_pair_step.x_displacement 
_ndb_struct_na_base_pair_step.y_displacement 
_ndb_struct_na_base_pair_step.helical_rise 
_ndb_struct_na_base_pair_step.inclination 
_ndb_struct_na_base_pair_step.tip 
_ndb_struct_na_base_pair_step.helical_twist 
_ndb_struct_na_base_pair_step.step_number 
_ndb_struct_na_base_pair_step.step_name 
_ndb_struct_na_base_pair_step.i_auth_asym_id_1 
_ndb_struct_na_base_pair_step.i_auth_seq_id_1 
_ndb_struct_na_base_pair_step.i_PDB_ins_code_1 
_ndb_struct_na_base_pair_step.j_auth_asym_id_1 
_ndb_struct_na_base_pair_step.j_auth_seq_id_1 
_ndb_struct_na_base_pair_step.j_PDB_ins_code_1 
_ndb_struct_na_base_pair_step.i_auth_asym_id_2 
_ndb_struct_na_base_pair_step.i_auth_seq_id_2 
_ndb_struct_na_base_pair_step.i_PDB_ins_code_2 
_ndb_struct_na_base_pair_step.j_auth_asym_id_2 
_ndb_struct_na_base_pair_step.j_auth_seq_id_2 
_ndb_struct_na_base_pair_step.j_PDB_ins_code_2 
1 A DT 2 1_555 B DA 10 1_555 A DT 3  1_555 B DA 9 1_555 0.023  -0.126 2.932 2.172  0.954  32.027 -0.381 0.307  2.923 1.726  -3.930 
32.112 1 UU_DT19DT20:DA45DA46_BB U 19 ? B 46 ? U 20 ? B 45 ? 
1 A DT 3 1_555 B DA 9  1_555 A DC 4  1_555 B DG 8 1_555 -0.316 -0.311 3.578 -4.781 -2.613 39.845 -0.125 -0.139 3.603 -3.812 6.976  
40.200 2 UU_DT20DC21:DG44DA45_BB U 20 ? B 45 ? U 21 ? B 44 ? 
1 A DC 4 1_555 B DG 8  1_555 A DG 5  1_555 B DC 7 1_555 0.726  0.840  3.058 2.852  5.792  32.548 0.530  -0.809 3.206 10.208 -5.028 
33.165 3 UU_DC21DG22:DC43DG44_BB U 21 ? B 44 ? U 22 ? B 43 ? 
1 A DG 5 1_555 B DC 7  1_555 A DA 6  1_555 B DT 6 1_555 -1.121 1.166  3.337 -3.104 2.908  36.590 1.432  1.333  3.496 4.612  4.924  
36.828 4 UU_DG22DA23:DT42DC43_BB U 22 ? B 43 ? U 23 ? B 42 ? 
1 A DA 6 1_555 B DT 6  1_555 A DA 7  1_555 B DT 5 1_555 0.310  -0.369 3.102 -1.245 -5.188 37.986 0.058  -0.621 3.112 -7.923 1.902  
38.345 5 UU_DA23DA24:DT41DT42_BB U 23 ? B 42 ? U 24 ? B 41 ? 
1 A DA 7 1_555 B DT 5  1_555 A DT 8  1_555 B DA 4 1_555 0.819  -0.774 3.281 0.919  -2.446 31.193 -0.966 -1.341 3.353 -4.538 -1.704 
31.300 6 UU_DA24DT25:DA40DT41_BB U 24 ? B 41 ? U 25 ? B 40 ? 
1 A DT 8 1_555 B DA 4  1_555 A DA 9  1_555 B DT 3 1_555 -0.269 -0.633 3.409 0.633  2.541  38.501 -1.283 0.488  3.357 3.849  -0.959 
38.587 7 UU_DT25DA26:DT39DA40_BB U 25 ? B 40 ? U 26 ? B 39 ? 
1 A DA 9 1_555 B DT 3  1_555 A DT 10 1_555 B DA 2 1_555 -0.340 -0.506 3.028 5.055  -1.866 32.753 -0.598 1.378  2.967 -3.282 -8.888 
33.181 8 UU_DA26DT27:DA38DT39_BB U 26 ? B 39 ? U 27 ? B 38 ? 
# 
_pdbx_audit_support.funding_organization   ? 
_pdbx_audit_support.country                France 
_pdbx_audit_support.grant_number           ATIP-Avenir 
_pdbx_audit_support.ordinal                1 
# 
_pdbx_initial_refinement_model.id               1 
_pdbx_initial_refinement_model.entity_id_list   ? 
_pdbx_initial_refinement_model.type             'experimental model' 
_pdbx_initial_refinement_model.source_name      PDB 
_pdbx_initial_refinement_model.accession_code   5LXU 
_pdbx_initial_refinement_model.details          ? 
# 
_atom_sites.entry_id                    6QEC 
_atom_sites.fract_transf_matrix[1][1]   0.00954574 
_atom_sites.fract_transf_matrix[1][2]   -0.01641996 
_atom_sites.fract_transf_matrix[1][3]   -0.02649854 
_atom_sites.fract_transf_matrix[2][1]   0.01801626 
_atom_sites.fract_transf_matrix[2][2]   0.00648603 
_atom_sites.fract_transf_matrix[2][3]   0.00247102 
_atom_sites.fract_transf_matrix[3][1]   0.00884536 
_atom_sites.fract_transf_matrix[3][2]   -0.02735977 
_atom_sites.fract_transf_matrix[3][3]   0.00732327 
_atom_sites.fract_transf_vector[1]      -0.778751 
_atom_sites.fract_transf_vector[2]      -1.213534 
_atom_sites.fract_transf_vector[3]      0.858929 
# 
loop_
_atom_type.symbol 
C 
H 
N 
O 
P 
S 
# 
loop_
_atom_site.group_PDB 
_atom_site.id 
_atom_site.type_symbol 
_atom_site.label_atom_id 
_atom_site.label_alt_id 
_atom_site.label_comp_id 
_atom_site.label_asym_id 
_atom_site.label_entity_id 
_atom_site.label_seq_id 
_atom_site.pdbx_PDB_ins_code 
_atom_site.Cartn_x 
_atom_site.Cartn_y 
_atom_site.Cartn_z 
_atom_site.occupancy 
_atom_site.B_iso_or_equiv 
_atom_site.pdbx_formal_charge 
_atom_site.auth_seq_id 
_atom_site.auth_comp_id 
_atom_site.auth_asym_id 
_atom_site.auth_atom_id 
_atom_site.pdbx_PDB_model_num 
ATOM   1    C "C5'" . DA  A 1 1  ? 17.624  -8.387  -15.482 1.00 24.37 ? 18  DA  U "C5'" 1 
ATOM   2    C "C4'" . DA  A 1 1  ? 16.263  -7.715  -15.572 1.00 21.08 ? 18  DA  U "C4'" 1 
ATOM   3    O "O4'" . DA  A 1 1  ? 15.244  -8.722  -15.773 1.00 20.65 ? 18  DA  U "O4'" 1 
ATOM   4    C "C3'" . DA  A 1 1  ? 15.835  -6.958  -14.318 1.00 20.11 ? 18  DA  U "C3'" 1 
ATOM   5    O "O3'" . DA  A 1 1  ? 14.971  -5.872  -14.659 1.00 18.44 ? 18  DA  U "O3'" 1 
ATOM   6    C "C2'" . DA  A 1 1  ? 15.100  -8.026  -13.520 1.00 19.49 ? 18  DA  U "C2'" 1 
ATOM   7    C "C1'" . DA  A 1 1  ? 14.398  -8.791  -14.634 1.00 21.89 ? 18  DA  U "C1'" 1 
ATOM   8    N N9    . DA  A 1 1  ? 14.158  -10.196 -14.319 1.00 22.84 ? 18  DA  U N9    1 
ATOM   9    C C8    . DA  A 1 1  ? 12.949  -10.824 -14.271 1.00 24.58 ? 18  DA  U C8    1 
ATOM   10   N N7    . DA  A 1 1  ? 13.023  -12.092 -13.955 1.00 22.44 ? 18  DA  U N7    1 
ATOM   11   C C5    . DA  A 1 1  ? 14.376  -12.307 -13.772 1.00 21.95 ? 18  DA  U C5    1 
ATOM   12   C C6    . DA  A 1 1  ? 15.109  -13.463 -13.427 1.00 24.36 ? 18  DA  U C6    1 
ATOM   13   N N6    . DA  A 1 1  ? 14.538  -14.656 -13.192 1.00 26.15 ? 18  DA  U N6    1 
ATOM   14   N N1    . DA  A 1 1  ? 16.442  -13.345 -13.330 1.00 24.82 ? 18  DA  U N1    1 
ATOM   15   C C2    . DA  A 1 1  ? 17.006  -12.144 -13.559 1.00 27.98 ? 18  DA  U C2    1 
ATOM   16   N N3    . DA  A 1 1  ? 16.421  -10.990 -13.894 1.00 25.01 ? 18  DA  U N3    1 
ATOM   17   C C4    . DA  A 1 1  ? 15.092  -11.149 -13.994 1.00 20.44 ? 18  DA  U C4    1 
ATOM   18   P P     . DT  A 1 2  ? 14.354  -4.954  -13.499 1.00 19.87 ? 19  DT  U P     1 
ATOM   19   O OP1   . DT  A 1 2  ? 13.902  -3.635  -14.038 1.00 14.63 ? 19  DT  U OP1   1 
ATOM   20   O OP2   . DT  A 1 2  ? 15.278  -5.060  -12.349 1.00 17.61 ? 19  DT  U OP2   1 
ATOM   21   O "O5'" . DT  A 1 2  ? 13.046  -5.745  -13.057 1.00 21.40 ? 19  DT  U "O5'" 1 
ATOM   22   C "C5'" . DT  A 1 2  ? 11.955  -5.828  -13.938 1.00 25.49 ? 19  DT  U "C5'" 1 
ATOM   23   C "C4'" . DT  A 1 2  ? 10.807  -6.558  -13.285 1.00 24.79 ? 19  DT  U "C4'" 1 
ATOM   24   O "O4'" . DT  A 1 2  ? 11.177  -7.926  -13.061 1.00 20.36 ? 19  DT  U "O4'" 1 
ATOM   25   C "C3'" . DT  A 1 2  ? 10.385  -6.006  -11.919 1.00 26.70 ? 19  DT  U "C3'" 1 
ATOM   26   O "O3'" . DT  A 1 2  ? 9.007   -5.681  -11.967 1.00 32.09 ? 19  DT  U "O3'" 1 
ATOM   27   C "C2'" . DT  A 1 2  ? 10.669  -7.161  -10.945 1.00 22.72 ? 19  DT  U "C2'" 1 
ATOM   28   C "C1'" . DT  A 1 2  ? 10.572  -8.351  -11.872 1.00 23.86 ? 19  DT  U "C1'" 1 
ATOM   29   N N1    . DT  A 1 2  ? 11.277  -9.579  -11.409 1.00 20.84 ? 19  DT  U N1    1 
ATOM   30   C C2    . DT  A 1 2  ? 10.550  -10.727 -11.187 1.00 22.26 ? 19  DT  U C2    1 
ATOM   31   O O2    . DT  A 1 2  ? 9.341   -10.792 -11.309 1.00 24.39 ? 19  DT  U O2    1 
ATOM   32   N N3    . DT  A 1 2  ? 11.289  -11.802 -10.797 1.00 21.11 ? 19  DT  U N3    1 
ATOM   33   C C4    . DT  A 1 2  ? 12.653  -11.851 -10.614 1.00 18.88 ? 19  DT  U C4    1 
ATOM   34   O O4    . DT  A 1 2  ? 13.217  -12.871 -10.258 1.00 21.96 ? 19  DT  U O4    1 
ATOM   35   C C5    . DT  A 1 2  ? 13.360  -10.621 -10.870 1.00 21.49 ? 19  DT  U C5    1 
ATOM   36   C C7    . DT  A 1 2  ? 14.849  -10.556 -10.708 1.00 20.55 ? 19  DT  U C7    1 
ATOM   37   C C6    . DT  A 1 2  ? 12.644  -9.554  -11.254 1.00 22.99 ? 19  DT  U C6    1 
ATOM   38   P P     . DT  A 1 3  ? 8.377   -4.632  -10.938 1.00 38.80 ? 20  DT  U P     1 
ATOM   39   O OP1   . DT  A 1 3  ? 7.464   -3.807  -11.753 1.00 42.68 ? 20  DT  U OP1   1 
ATOM   40   O OP2   . DT  A 1 3  ? 9.443   -4.021  -10.109 1.00 28.03 ? 20  DT  U OP2   1 
ATOM   41   O "O5'" . DT  A 1 3  ? 7.510   -5.554  -9.973  1.00 33.08 ? 20  DT  U "O5'" 1 
ATOM   42   C "C5'" . DT  A 1 3  ? 6.698   -6.542  -10.529 1.00 26.10 ? 20  DT  U "C5'" 1 
ATOM   43   C "C4'" . DT  A 1 3  ? 6.287   -7.556  -9.486  1.00 24.88 ? 20  DT  U "C4'" 1 
ATOM   44   O "O4'" . DT  A 1 3  ? 7.270   -8.636  -9.417  1.00 22.57 ? 20  DT  U "O4'" 1 
ATOM   45   C "C3'" . DT  A 1 3  ? 6.173   -7.018  -8.047  1.00 19.52 ? 20  DT  U "C3'" 1 
ATOM   46   O "O3'" . DT  A 1 3  ? 5.188   -7.735  -7.414  1.00 23.88 ? 20  DT  U "O3'" 1 
ATOM   47   C "C2'" . DT  A 1 3  ? 7.517   -7.437  -7.472  1.00 21.40 ? 20  DT  U "C2'" 1 
ATOM   48   C "C1'" . DT  A 1 3  ? 7.557   -8.836  -8.060  1.00 19.70 ? 20  DT  U "C1'" 1 
ATOM   49   N N1    . DT  A 1 3  ? 8.843   -9.568  -7.904  1.00 20.74 ? 20  DT  U N1    1 
ATOM   50   C C2    . DT  A 1 3  ? 8.801   -10.946 -7.835  1.00 16.52 ? 20  DT  U C2    1 
ATOM   51   O O2    . DT  A 1 3  ? 7.764   -11.588 -7.918  1.00 16.73 ? 20  DT  U O2    1 
ATOM   52   N N3    . DT  A 1 3  ? 10.003  -11.543 -7.681  1.00 16.63 ? 20  DT  U N3    1 
ATOM   53   C C4    . DT  A 1 3  ? 11.236  -10.923 -7.592  1.00 19.90 ? 20  DT  U C4    1 
ATOM   54   O O4    . DT  A 1 3  ? 12.274  -11.562 -7.456  1.00 16.42 ? 20  DT  U O4    1 
ATOM   55   C C5    . DT  A 1 3  ? 11.214  -9.474  -7.668  1.00 17.82 ? 20  DT  U C5    1 
ATOM   56   C C7    . DT  A 1 3  ? 12.495  -8.696  -7.577  1.00 22.83 ? 20  DT  U C7    1 
ATOM   57   C C6    . DT  A 1 3  ? 10.029  -8.872  -7.817  1.00 19.03 ? 20  DT  U C6    1 
ATOM   58   P P     . DC  A 1 4  ? 3.829   -7.083  -6.880  1.00 20.04 ? 21  DC  U P     1 
ATOM   59   O OP1   . DC  A 1 4  ? 3.237   -6.280  -7.961  1.00 26.43 ? 21  DC  U OP1   1 
ATOM   60   O OP2   . DC  A 1 4  ? 4.156   -6.516  -5.553  1.00 22.45 ? 21  DC  U OP2   1 
ATOM   61   O "O5'" . DC  A 1 4  ? 2.938   -8.390  -6.632  1.00 21.36 ? 21  DC  U "O5'" 1 
ATOM   62   C "C5'" . DC  A 1 4  ? 3.099   -9.509  -7.513  1.00 19.54 ? 21  DC  U "C5'" 1 
ATOM   63   C "C4'" . DC  A 1 4  ? 3.123   -10.840 -6.766  1.00 19.08 ? 21  DC  U "C4'" 1 
ATOM   64   O "O4'" . DC  A 1 4  ? 4.481   -11.311 -6.593  1.00 20.95 ? 21  DC  U "O4'" 1 
ATOM   65   C "C3'" . DC  A 1 4  ? 2.479   -10.855 -5.388  1.00 16.60 ? 21  DC  U "C3'" 1 
ATOM   66   O "O3'" . DC  A 1 4  ? 1.564   -11.929 -5.338  1.00 16.81 ? 21  DC  U "O3'" 1 
ATOM   67   C "C2'" . DC  A 1 4  ? 3.653   -11.071 -4.423  1.00 16.86 ? 21  DC  U "C2'" 1 
ATOM   68   C "C1'" . DC  A 1 4  ? 4.663   -11.808 -5.295  1.00 16.18 ? 21  DC  U "C1'" 1 
ATOM   69   N N1    . DC  A 1 4  ? 6.083   -11.561 -4.947  1.00 15.10 ? 21  DC  U N1    1 
ATOM   70   C C2    . DC  A 1 4  ? 6.920   -12.637 -4.614  1.00 18.22 ? 21  DC  U C2    1 
ATOM   71   O O2    . DC  A 1 4  ? 6.448   -13.778 -4.566  1.00 17.53 ? 21  DC  U O2    1 
ATOM   72   N N3    . DC  A 1 4  ? 8.229   -12.391 -4.341  1.00 16.48 ? 21  DC  U N3    1 
ATOM   73   C C4    . DC  A 1 4  ? 8.701   -11.144 -4.409  1.00 19.80 ? 21  DC  U C4    1 
ATOM   74   N N4    . DC  A 1 4  ? 10.000  -10.944 -4.144  1.00 18.65 ? 21  DC  U N4    1 
ATOM   75   C C5    . DC  A 1 4  ? 7.866   -10.047 -4.752  1.00 16.54 ? 21  DC  U C5    1 
ATOM   76   C C6    . DC  A 1 4  ? 6.583   -10.299 -5.019  1.00 15.41 ? 21  DC  U C6    1 
ATOM   77   P P     . DG  A 1 5  ? 0.397   -11.937 -4.255  1.00 16.13 ? 22  DG  U P     1 
ATOM   78   O OP1   . DG  A 1 5  ? -0.674  -12.780 -4.837  1.00 13.82 ? 22  DG  U OP1   1 
ATOM   79   O OP2   . DG  A 1 5  ? 0.075   -10.527 -3.864  1.00 14.66 ? 22  DG  U OP2   1 
ATOM   80   O "O5'" . DG  A 1 5  ? 1.038   -12.702 -3.031  1.00 13.96 ? 22  DG  U "O5'" 1 
ATOM   81   C "C5'" . DG  A 1 5  ? 1.373   -14.070 -3.155  1.00 17.01 ? 22  DG  U "C5'" 1 
ATOM   82   C "C4'" . DG  A 1 5  ? 2.017   -14.554 -1.874  1.00 18.77 ? 22  DG  U "C4'" 1 
ATOM   83   O "O4'" . DG  A 1 5  ? 3.422   -14.169 -1.861  1.00 20.86 ? 22  DG  U "O4'" 1 
ATOM   84   C "C3'" . DG  A 1 5  ? 1.422   -13.969 -0.584  1.00 18.08 ? 22  DG  U "C3'" 1 
ATOM   85   O "O3'" . DG  A 1 5  ? 1.496   -14.937 0.435   1.00 21.96 ? 22  DG  U "O3'" 1 
ATOM   86   C "C2'" . DG  A 1 5  ? 2.377   -12.823 -0.289  1.00 20.14 ? 22  DG  U "C2'" 1 
ATOM   87   C "C1'" . DG  A 1 5  ? 3.694   -13.483 -0.656  1.00 18.42 ? 22  DG  U "C1'" 1 
ATOM   88   N N9    . DG  A 1 5  ? 4.782   -12.534 -0.877  1.00 20.19 ? 22  DG  U N9    1 
ATOM   89   C C8    . DG  A 1 5  ? 4.661   -11.192 -1.164  1.00 14.96 ? 22  DG  U C8    1 
ATOM   90   N N7    . DG  A 1 5  ? 5.807   -10.590 -1.307  1.00 17.76 ? 22  DG  U N7    1 
ATOM   91   C C5    . DG  A 1 5  ? 6.751   -11.601 -1.103  1.00 16.35 ? 22  DG  U C5    1 
ATOM   92   C C6    . DG  A 1 5  ? 8.165   -11.544 -1.125  1.00 16.78 ? 22  DG  U C6    1 
ATOM   93   O O6    . DG  A 1 5  ? 8.890   -10.560 -1.339  1.00 15.15 ? 22  DG  U O6    1 
ATOM   94   N N1    . DG  A 1 5  ? 8.742   -12.788 -0.855  1.00 18.06 ? 22  DG  U N1    1 
ATOM   95   C C2    . DG  A 1 5  ? 8.037   -13.932 -0.589  1.00 15.51 ? 22  DG  U C2    1 
ATOM   96   N N2    . DG  A 1 5  ? 8.762   -15.029 -0.354  1.00 18.67 ? 22  DG  U N2    1 
ATOM   97   N N3    . DG  A 1 5  ? 6.708   -13.997 -0.570  1.00 19.34 ? 22  DG  U N3    1 
ATOM   98   C C4    . DG  A 1 5  ? 6.137   -12.798 -0.832  1.00 14.72 ? 22  DG  U C4    1 
ATOM   99   P P     . DA  A 1 6  ? 0.306   -15.127 1.513   1.00 23.34 ? 23  DA  U P     1 
ATOM   100  O OP1   . DA  A 1 6  ? -0.923  -15.574 0.825   1.00 26.98 ? 23  DA  U OP1   1 
ATOM   101  O OP2   . DA  A 1 6  ? 0.225   -13.892 2.319   1.00 16.24 ? 23  DA  U OP2   1 
ATOM   102  O "O5'" . DA  A 1 6  ? 0.864   -16.362 2.363   1.00 23.44 ? 23  DA  U "O5'" 1 
ATOM   103  C "C5'" . DA  A 1 6  ? 1.412   -17.467 1.654   1.00 19.80 ? 23  DA  U "C5'" 1 
ATOM   104  C "C4'" . DA  A 1 6  ? 2.626   -18.033 2.371   1.00 27.73 ? 23  DA  U "C4'" 1 
ATOM   105  O "O4'" . DA  A 1 6  ? 3.784   -17.187 2.153   1.00 24.48 ? 23  DA  U "O4'" 1 
ATOM   106  C "C3'" . DA  A 1 6  ? 2.502   -18.162 3.882   1.00 26.49 ? 23  DA  U "C3'" 1 
ATOM   107  O "O3'" . DA  A 1 6  ? 3.319   -19.251 4.302   1.00 32.53 ? 23  DA  U "O3'" 1 
ATOM   108  C "C2'" . DA  A 1 6  ? 3.057   -16.825 4.356   1.00 21.67 ? 23  DA  U "C2'" 1 
ATOM   109  C "C1'" . DA  A 1 6  ? 4.216   -16.633 3.385   1.00 22.02 ? 23  DA  U "C1'" 1 
ATOM   110  N N9    . DA  A 1 6  ? 4.561   -15.228 3.149   1.00 20.85 ? 23  DA  U N9    1 
ATOM   111  C C8    . DA  A 1 6  ? 3.694   -14.189 3.000   1.00 16.69 ? 23  DA  U C8    1 
ATOM   112  N N7    . DA  A 1 6  ? 4.283   -13.033 2.785   1.00 17.10 ? 23  DA  U N7    1 
ATOM   113  C C5    . DA  A 1 6  ? 5.629   -13.338 2.771   1.00 18.13 ? 23  DA  U C5    1 
ATOM   114  C C6    . DA  A 1 6  ? 6.783   -12.546 2.577   1.00 17.97 ? 23  DA  U C6    1 
ATOM   115  N N6    . DA  A 1 6  ? 6.748   -11.229 2.353   1.00 11.98 ? 23  DA  U N6    1 
ATOM   116  N N1    . DA  A 1 6  ? 7.977   -13.165 2.638   1.00 18.41 ? 23  DA  U N1    1 
ATOM   117  C C2    . DA  A 1 6  ? 8.008   -14.485 2.869   1.00 17.16 ? 23  DA  U C2    1 
ATOM   118  N N3    . DA  A 1 6  ? 6.996   -15.327 3.056   1.00 20.39 ? 23  DA  U N3    1 
ATOM   119  C C4    . DA  A 1 6  ? 5.823   -14.689 2.996   1.00 21.17 ? 23  DA  U C4    1 
ATOM   120  P P     . DA  A 1 7  ? 3.379   -19.723 5.837   1.00 33.62 ? 24  DA  U P     1 
ATOM   121  O OP1   . DA  A 1 7  ? 3.396   -21.205 5.817   1.00 38.13 ? 24  DA  U OP1   1 
ATOM   122  O OP2   . DA  A 1 7  ? 2.379   -19.000 6.641   1.00 30.27 ? 24  DA  U OP2   1 
ATOM   123  O "O5'" . DA  A 1 7  ? 4.834   -19.260 6.301   1.00 27.97 ? 24  DA  U "O5'" 1 
ATOM   124  C "C5'" . DA  A 1 7  ? 5.980   -19.713 5.586   1.00 24.08 ? 24  DA  U "C5'" 1 
ATOM   125  C "C4'" . DA  A 1 7  ? 7.230   -19.019 6.102   1.00 24.15 ? 24  DA  U "C4'" 1 
ATOM   126  O "O4'" . DA  A 1 7  ? 7.234   -17.630 5.688   1.00 27.40 ? 24  DA  U "O4'" 1 
ATOM   127  C "C3'" . DA  A 1 7  ? 7.403   -19.019 7.626   1.00 24.69 ? 24  DA  U "C3'" 1 
ATOM   128  O "O3'" . DA  A 1 7  ? 8.713   -19.469 7.934   1.00 25.24 ? 24  DA  U "O3'" 1 
ATOM   129  C "C2'" . DA  A 1 7  ? 7.186   -17.551 8.022   1.00 25.32 ? 24  DA  U "C2'" 1 
ATOM   130  C "C1'" . DA  A 1 7  ? 7.636   -16.816 6.764   1.00 25.04 ? 24  DA  U "C1'" 1 
ATOM   131  N N9    . DA  A 1 7  ? 7.017   -15.507 6.588   1.00 21.09 ? 24  DA  U N9    1 
ATOM   132  C C8    . DA  A 1 7  ? 5.687   -15.204 6.694   1.00 20.03 ? 24  DA  U C8    1 
ATOM   133  N N7    . DA  A 1 7  ? 5.412   -13.938 6.457   1.00 20.74 ? 24  DA  U N7    1 
ATOM   134  C C5    . DA  A 1 7  ? 6.653   -13.373 6.178   1.00 21.96 ? 24  DA  U C5    1 
ATOM   135  C C6    . DA  A 1 7  ? 7.052   -12.056 5.844   1.00 18.31 ? 24  DA  U C6    1 
ATOM   136  N N6    . DA  A 1 7  ? 6.201   -11.036 5.742   1.00 15.11 ? 24  DA  U N6    1 
ATOM   137  N N1    . DA  A 1 7  ? 8.370   -11.836 5.615   1.00 18.61 ? 24  DA  U N1    1 
ATOM   138  C C2    . DA  A 1 7  ? 9.215   -12.873 5.717   1.00 21.18 ? 24  DA  U C2    1 
ATOM   139  N N3    . DA  A 1 7  ? 8.952   -14.144 6.021   1.00 19.05 ? 24  DA  U N3    1 
ATOM   140  C C4    . DA  A 1 7  ? 7.649   -14.330 6.238   1.00 20.04 ? 24  DA  U C4    1 
ATOM   141  P P     . DT  A 1 8  ? 9.190   -19.751 9.444   1.00 31.94 ? 25  DT  U P     1 
ATOM   142  O OP1   . DT  A 1 8  ? 10.140  -20.877 9.325   1.00 36.44 ? 25  DT  U OP1   1 
ATOM   143  O OP2   . DT  A 1 8  ? 8.073   -19.759 10.416  1.00 27.83 ? 25  DT  U OP2   1 
ATOM   144  O "O5'" . DT  A 1 8  ? 10.047  -18.471 9.811   1.00 29.81 ? 25  DT  U "O5'" 1 
ATOM   145  C "C5'" . DT  A 1 8  ? 10.982  -18.000 8.895   1.00 26.39 ? 25  DT  U "C5'" 1 
ATOM   146  C "C4'" . DT  A 1 8  ? 11.319  -16.560 9.195   1.00 30.44 ? 25  DT  U "C4'" 1 
ATOM   147  O "O4'" . DT  A 1 8  ? 10.199  -15.711 8.884   1.00 27.53 ? 25  DT  U "O4'" 1 
ATOM   148  C "C3'" . DT  A 1 8  ? 11.644  -16.267 10.657  1.00 35.50 ? 25  DT  U "C3'" 1 
ATOM   149  O "O3'" . DT  A 1 8  ? 13.045  -16.085 10.777  1.00 33.32 ? 25  DT  U "O3'" 1 
ATOM   150  C "C2'" . DT  A 1 8  ? 10.844  -14.975 10.983  1.00 29.15 ? 25  DT  U "C2'" 1 
ATOM   151  C "C1'" . DT  A 1 8  ? 10.385  -14.521 9.599   1.00 27.05 ? 25  DT  U "C1'" 1 
ATOM   152  N N1    . DT  A 1 8  ? 9.093   -13.728 9.554   1.00 24.38 ? 25  DT  U N1    1 
ATOM   153  C C2    . DT  A 1 8  ? 9.127   -12.408 9.149   1.00 21.97 ? 25  DT  U C2    1 
ATOM   154  O O2    . DT  A 1 8  ? 10.154  -11.811 8.864   1.00 22.07 ? 25  DT  U O2    1 
ATOM   155  N N3    . DT  A 1 8  ? 7.916   -11.796 9.106   1.00 18.93 ? 25  DT  U N3    1 
ATOM   156  C C4    . DT  A 1 8  ? 6.694   -12.343 9.416   1.00 23.09 ? 25  DT  U C4    1 
ATOM   157  O O4    . DT  A 1 8  ? 5.660   -11.702 9.338   1.00 22.18 ? 25  DT  U O4    1 
ATOM   158  C C5    . DT  A 1 8  ? 6.712   -13.729 9.807   1.00 22.46 ? 25  DT  U C5    1 
ATOM   159  C C7    . DT  A 1 8  ? 5.427   -14.422 10.155  1.00 25.98 ? 25  DT  U C7    1 
ATOM   160  C C6    . DT  A 1 8  ? 7.898   -14.352 9.856   1.00 24.29 ? 25  DT  U C6    1 
ATOM   161  P P     . DA  A 1 9  ? 13.703  -15.610 12.158  1.00 40.18 ? 26  DA  U P     1 
ATOM   162  O OP1   . DA  A 1 9  ? 15.081  -16.146 12.150  1.00 40.41 ? 26  DA  U OP1   1 
ATOM   163  O OP2   . DA  A 1 9  ? 12.760  -15.930 13.259  1.00 39.87 ? 26  DA  U OP2   1 
ATOM   164  O "O5'" . DA  A 1 9  ? 13.777  -14.023 12.006  1.00 34.66 ? 26  DA  U "O5'" 1 
ATOM   165  C "C5'" . DA  A 1 9  ? 14.539  -13.463 10.952  1.00 32.19 ? 26  DA  U "C5'" 1 
ATOM   166  C "C4'" . DA  A 1 9  ? 14.455  -11.958 10.986  1.00 28.43 ? 26  DA  U "C4'" 1 
ATOM   167  O "O4'" . DA  A 1 9  ? 13.081  -11.549 10.799  1.00 29.38 ? 26  DA  U "O4'" 1 
ATOM   168  C "C3'" . DA  A 1 9  ? 14.901  -11.325 12.298  1.00 30.80 ? 26  DA  U "C3'" 1 
ATOM   169  O "O3'" . DA  A 1 9  ? 15.672  -10.183 12.004  1.00 33.26 ? 26  DA  U "O3'" 1 
ATOM   170  C "C2'" . DA  A 1 9  ? 13.573  -10.973 12.994  1.00 29.80 ? 26  DA  U "C2'" 1 
ATOM   171  C "C1'" . DA  A 1 9  ? 12.724  -10.612 11.797  1.00 26.83 ? 26  DA  U "C1'" 1 
ATOM   172  N N9    . DA  A 1 9  ? 11.275  -10.695 11.984  1.00 24.44 ? 26  DA  U N9    1 
ATOM   173  C C8    . DA  A 1 9  ? 10.534  -11.811 12.263  1.00 26.55 ? 26  DA  U C8    1 
ATOM   174  N N7    . DA  A 1 9  ? 9.236   -11.592 12.294  1.00 28.61 ? 26  DA  U N7    1 
ATOM   175  C C5    . DA  A 1 9  ? 9.121   -10.236 12.002  1.00 23.73 ? 26  DA  U C5    1 
ATOM   176  C C6    . DA  A 1 9  ? 8.010   -9.377  11.879  1.00 20.40 ? 26  DA  U C6    1 
ATOM   177  N N6    . DA  A 1 9  ? 6.742   -9.777  12.053  1.00 18.75 ? 26  DA  U N6    1 
ATOM   178  N N1    . DA  A 1 9  ? 8.249   -8.084  11.558  1.00 21.80 ? 26  DA  U N1    1 
ATOM   179  C C2    . DA  A 1 9  ? 9.510   -7.684  11.383  1.00 20.69 ? 26  DA  U C2    1 
ATOM   180  N N3    . DA  A 1 9  ? 10.631  -8.397  11.469  1.00 24.00 ? 26  DA  U N3    1 
ATOM   181  C C4    . DA  A 1 9  ? 10.364  -9.676  11.789  1.00 23.20 ? 26  DA  U C4    1 
ATOM   182  P P     . DT  A 1 10 ? 16.677  -9.584  13.100  1.00 38.34 ? 27  DT  U P     1 
ATOM   183  O OP1   . DT  A 1 10 ? 17.916  -9.184  12.400  1.00 37.28 ? 27  DT  U OP1   1 
ATOM   184  O OP2   . DT  A 1 10 ? 16.672  -10.542 14.233  1.00 30.83 ? 27  DT  U OP2   1 
ATOM   185  O "O5'" . DT  A 1 10 ? 15.942  -8.256  13.586  1.00 30.84 ? 27  DT  U "O5'" 1 
ATOM   186  C "C5'" . DT  A 1 10 ? 15.749  -7.195  12.678  1.00 27.39 ? 27  DT  U "C5'" 1 
ATOM   187  C "C4'" . DT  A 1 10 ? 14.789  -6.173  13.248  1.00 28.52 ? 27  DT  U "C4'" 1 
ATOM   188  O "O4'" . DT  A 1 10 ? 13.456  -6.720  13.268  1.00 26.46 ? 27  DT  U "O4'" 1 
ATOM   189  C "C3'" . DT  A 1 10 ? 15.079  -5.738  14.693  1.00 32.93 ? 27  DT  U "C3'" 1 
ATOM   190  O "O3'" . DT  A 1 10 ? 15.354  -4.334  14.724  1.00 36.19 ? 27  DT  U "O3'" 1 
ATOM   191  C "C2'" . DT  A 1 10 ? 13.786  -6.083  15.462  1.00 28.56 ? 27  DT  U "C2'" 1 
ATOM   192  C "C1'" . DT  A 1 10 ? 12.767  -6.133  14.339  1.00 27.65 ? 27  DT  U "C1'" 1 
ATOM   193  N N1    . DT  A 1 10 ? 11.566  -6.947  14.622  1.00 26.29 ? 27  DT  U N1    1 
ATOM   194  C C2    . DT  A 1 10 ? 10.347  -6.445  14.278  1.00 21.42 ? 27  DT  U C2    1 
ATOM   195  O O2    . DT  A 1 10 ? 10.214  -5.362  13.767  1.00 25.55 ? 27  DT  U O2    1 
ATOM   196  N N3    . DT  A 1 10 ? 9.281   -7.266  14.540  1.00 24.39 ? 27  DT  U N3    1 
ATOM   197  C C4    . DT  A 1 10 ? 9.326   -8.525  15.099  1.00 24.50 ? 27  DT  U C4    1 
ATOM   198  O O4    . DT  A 1 10 ? 8.315   -9.180  15.310  1.00 28.00 ? 27  DT  U O4    1 
ATOM   199  C C5    . DT  A 1 10 ? 10.645  -9.000  15.443  1.00 23.76 ? 27  DT  U C5    1 
ATOM   200  C C7    . DT  A 1 10 ? 10.821  -10.355 16.063  1.00 34.30 ? 27  DT  U C7    1 
ATOM   201  C C6    . DT  A 1 10 ? 11.694  -8.201  15.181  1.00 26.02 ? 27  DT  U C6    1 
ATOM   202  O "O5'" . DT  B 2 1  ? -2.183  -8.065  19.652  1.00 41.16 ? 37  DT  B "O5'" 1 
ATOM   203  C "C5'" . DT  B 2 1  ? -2.232  -7.974  18.214  1.00 40.36 ? 37  DT  B "C5'" 1 
ATOM   204  C "C4'" . DT  B 2 1  ? -1.422  -6.787  17.733  1.00 38.46 ? 37  DT  B "C4'" 1 
ATOM   205  O "O4'" . DT  B 2 1  ? -0.190  -6.732  18.488  1.00 33.08 ? 37  DT  B "O4'" 1 
ATOM   206  C "C3'" . DT  B 2 1  ? -0.964  -6.854  16.282  1.00 37.05 ? 37  DT  B "C3'" 1 
ATOM   207  O "O3'" . DT  B 2 1  ? -1.957  -6.349  15.407  1.00 53.34 ? 37  DT  B "O3'" 1 
ATOM   208  C "C2'" . DT  B 2 1  ? 0.240   -5.944  16.292  1.00 35.93 ? 37  DT  B "C2'" 1 
ATOM   209  C "C1'" . DT  B 2 1  ? 0.827   -6.191  17.671  1.00 30.41 ? 37  DT  B "C1'" 1 
ATOM   210  N N1    . DT  B 2 1  ? 1.995   -7.086  17.658  1.00 26.55 ? 37  DT  B N1    1 
ATOM   211  C C2    . DT  B 2 1  ? 3.221   -6.513  17.576  1.00 21.50 ? 37  DT  B C2    1 
ATOM   212  O O2    . DT  B 2 1  ? 3.372   -5.320  17.524  1.00 26.57 ? 37  DT  B O2    1 
ATOM   213  N N3    . DT  B 2 1  ? 4.266   -7.377  17.571  1.00 24.98 ? 37  DT  B N3    1 
ATOM   214  C C4    . DT  B 2 1  ? 4.204   -8.752  17.638  1.00 24.91 ? 37  DT  B C4    1 
ATOM   215  O O4    . DT  B 2 1  ? 5.212   -9.456  17.622  1.00 31.96 ? 37  DT  B O4    1 
ATOM   216  C C5    . DT  B 2 1  ? 2.876   -9.303  17.708  1.00 27.92 ? 37  DT  B C5    1 
ATOM   217  C C7    . DT  B 2 1  ? 2.685   -10.790 17.777  1.00 32.00 ? 37  DT  B C7    1 
ATOM   218  C C6    . DT  B 2 1  ? 1.838   -8.447  17.716  1.00 27.48 ? 37  DT  B C6    1 
ATOM   219  P P     . DA  B 2 2  ? -2.289  -4.779  15.378  1.00 50.73 ? 38  DA  B P     1 
ATOM   220  O OP1   . DA  B 2 2  ? -2.365  -4.345  16.791  1.00 46.36 ? 38  DA  B OP1   1 
ATOM   221  O OP2   . DA  B 2 2  ? -3.430  -4.576  14.460  1.00 42.36 ? 38  DA  B OP2   1 
ATOM   222  O "O5'" . DA  B 2 2  ? -1.017  -4.077  14.703  1.00 34.47 ? 38  DA  B "O5'" 1 
ATOM   223  C "C5'" . DA  B 2 2  ? -0.673  -2.758  15.127  1.00 34.84 ? 38  DA  B "C5'" 1 
ATOM   224  C "C4'" . DA  B 2 2  ? 0.603   -2.255  14.484  1.00 26.43 ? 38  DA  B "C4'" 1 
ATOM   225  O "O4'" . DA  B 2 2  ? 1.685   -3.153  14.769  1.00 29.03 ? 38  DA  B "O4'" 1 
ATOM   226  C "C3'" . DA  B 2 2  ? 0.558   -2.103  12.972  1.00 28.41 ? 38  DA  B "C3'" 1 
ATOM   227  O "O3'" . DA  B 2 2  ? 1.147   -0.852  12.636  1.00 23.34 ? 38  DA  B "O3'" 1 
ATOM   228  C "C2'" . DA  B 2 2  ? 1.388   -3.301  12.475  1.00 20.82 ? 38  DA  B "C2'" 1 
ATOM   229  C "C1'" . DA  B 2 2  ? 2.407   -3.426  13.589  1.00 24.90 ? 38  DA  B "C1'" 1 
ATOM   230  N N9    . DA  B 2 2  ? 2.986   -4.758  13.758  1.00 22.48 ? 38  DA  B N9    1 
ATOM   231  C C8    . DA  B 2 2  ? 2.303   -5.932  13.881  1.00 21.96 ? 38  DA  B C8    1 
ATOM   232  N N7    . DA  B 2 2  ? 3.070   -6.972  14.094  1.00 25.38 ? 38  DA  B N7    1 
ATOM   233  C C5    . DA  B 2 2  ? 4.346   -6.447  14.145  1.00 23.23 ? 38  DA  B C5    1 
ATOM   234  C C6    . DA  B 2 2  ? 5.606   -7.043  14.342  1.00 19.45 ? 38  DA  B C6    1 
ATOM   235  N N6    . DA  B 2 2  ? 5.772   -8.354  14.528  1.00 21.19 ? 38  DA  B N6    1 
ATOM   236  N N1    . DA  B 2 2  ? 6.695   -6.232  14.336  1.00 24.28 ? 38  DA  B N1    1 
ATOM   237  C C2    . DA  B 2 2  ? 6.517   -4.913  14.132  1.00 22.29 ? 38  DA  B C2    1 
ATOM   238  N N3    . DA  B 2 2  ? 5.378   -4.241  13.934  1.00 20.77 ? 38  DA  B N3    1 
ATOM   239  C C4    . DA  B 2 2  ? 4.319   -5.075  13.947  1.00 23.35 ? 38  DA  B C4    1 
ATOM   240  P P     . DT  B 2 3  ? 0.997   -0.233  11.163  1.00 18.93 ? 39  DT  B P     1 
ATOM   241  O OP1   . DT  B 2 3  ? 0.863   1.231   11.361  1.00 18.32 ? 39  DT  B OP1   1 
ATOM   242  O OP2   . DT  B 2 3  ? -0.036  -0.964  10.421  1.00 15.93 ? 39  DT  B OP2   1 
ATOM   243  O "O5'" . DT  B 2 3  ? 2.413   -0.531  10.491  1.00 14.48 ? 39  DT  B "O5'" 1 
ATOM   244  C "C5'" . DT  B 2 3  ? 3.560   0.080   11.006  1.00 13.42 ? 39  DT  B "C5'" 1 
ATOM   245  C "C4'" . DT  B 2 3  ? 4.821   -0.636  10.552  1.00 17.62 ? 39  DT  B "C4'" 1 
ATOM   246  O "O4'" . DT  B 2 3  ? 4.853   -1.992  11.057  1.00 15.95 ? 39  DT  B "O4'" 1 
ATOM   247  C "C3'" . DT  B 2 3  ? 5.007   -0.748  9.032   1.00 17.93 ? 39  DT  B "C3'" 1 
ATOM   248  O "O3'" . DT  B 2 3  ? 6.150   0.004   8.673   1.00 13.19 ? 39  DT  B "O3'" 1 
ATOM   249  C "C2'" . DT  B 2 3  ? 5.207   -2.251  8.789   1.00 14.71 ? 39  DT  B "C2'" 1 
ATOM   250  C "C1'" . DT  B 2 3  ? 5.625   -2.748  10.168  1.00 19.27 ? 39  DT  B "C1'" 1 
ATOM   251  N N1    . DT  B 2 3  ? 5.363   -4.227  10.408  1.00 17.67 ? 39  DT  B N1    1 
ATOM   252  C C2    . DT  B 2 3  ? 6.420   -5.087  10.709  1.00 17.91 ? 39  DT  B C2    1 
ATOM   253  O O2    . DT  B 2 3  ? 7.584   -4.725  10.805  1.00 14.72 ? 39  DT  B O2    1 
ATOM   254  N N3    . DT  B 2 3  ? 6.051   -6.405  10.901  1.00 19.13 ? 39  DT  B N3    1 
ATOM   255  C C4    . DT  B 2 3  ? 4.777   -6.930  10.825  1.00 17.83 ? 39  DT  B C4    1 
ATOM   256  O O4    . DT  B 2 3  ? 4.541   -8.112  11.012  1.00 21.17 ? 39  DT  B O4    1 
ATOM   257  C C5    . DT  B 2 3  ? 3.735   -5.988  10.508  1.00 19.04 ? 39  DT  B C5    1 
ATOM   258  C C7    . DT  B 2 3  ? 2.314   -6.461  10.392  1.00 23.20 ? 39  DT  B C7    1 
ATOM   259  C C6    . DT  B 2 3  ? 4.073   -4.697  10.322  1.00 17.45 ? 39  DT  B C6    1 
ATOM   260  P P     . DA  B 2 4  ? 6.894   -0.203  7.265   1.00 15.07 ? 40  DA  B P     1 
ATOM   261  O OP1   . DA  B 2 4  ? 7.575   1.061   7.001   1.00 13.09 ? 40  DA  B OP1   1 
ATOM   262  O OP2   . DA  B 2 4  ? 5.945   -0.664  6.230   1.00 10.52 ? 40  DA  B OP2   1 
ATOM   263  O "O5'" . DA  B 2 4  ? 7.992   -1.307  7.576   1.00 14.69 ? 40  DA  B "O5'" 1 
ATOM   264  C "C5'" . DA  B 2 4  ? 9.051   -1.006  8.495   1.00 14.98 ? 40  DA  B "C5'" 1 
ATOM   265  C "C4'" . DA  B 2 4  ? 10.191  -2.020  8.388   1.00 17.70 ? 40  DA  B "C4'" 1 
ATOM   266  O "O4'" . DA  B 2 4  ? 9.752   -3.358  8.784   1.00 16.37 ? 40  DA  B "O4'" 1 
ATOM   267  C "C3'" . DA  B 2 4  ? 10.799  -2.187  7.001   1.00 16.69 ? 40  DA  B "C3'" 1 
ATOM   268  O "O3'" . DA  B 2 4  ? 12.175  -2.447  7.148   1.00 21.29 ? 40  DA  B "O3'" 1 
ATOM   269  C "C2'" . DA  B 2 4  ? 10.056  -3.408  6.449   1.00 15.34 ? 40  DA  B "C2'" 1 
ATOM   270  C "C1'" . DA  B 2 4  ? 9.938   -4.274  7.689   1.00 18.03 ? 40  DA  B "C1'" 1 
ATOM   271  N N9    . DA  B 2 4  ? 8.779   -5.172  7.664   1.00 16.04 ? 40  DA  B N9    1 
ATOM   272  C C8    . DA  B 2 4  ? 7.467   -4.804  7.501   1.00 16.45 ? 40  DA  B C8    1 
ATOM   273  N N7    . DA  B 2 4  ? 6.618   -5.807  7.559   1.00 17.38 ? 40  DA  B N7    1 
ATOM   274  C C5    . DA  B 2 4  ? 7.428   -6.908  7.786   1.00 17.03 ? 40  DA  B C5    1 
ATOM   275  C C6    . DA  B 2 4  ? 7.136   -8.267  7.949   1.00 15.50 ? 40  DA  B C6    1 
ATOM   276  N N6    . DA  B 2 4  ? 5.898   -8.761  7.886   1.00 17.38 ? 40  DA  B N6    1 
ATOM   277  N N1    . DA  B 2 4  ? 8.172   -9.109  8.145   1.00 22.42 ? 40  DA  B N1    1 
ATOM   278  C C2    . DA  B 2 4  ? 9.420   -8.609  8.191   1.00 18.66 ? 40  DA  B C2    1 
ATOM   279  N N3    . DA  B 2 4  ? 9.817   -7.344  8.055   1.00 20.72 ? 40  DA  B N3    1 
ATOM   280  C C4    . DA  B 2 4  ? 8.765   -6.535  7.856   1.00 17.40 ? 40  DA  B C4    1 
ATOM   281  P P     . DT  B 2 5  ? 13.166  -2.402  5.888   1.00 21.99 ? 41  DT  B P     1 
ATOM   282  O OP1   . DT  B 2 5  ? 14.359  -1.666  6.329   1.00 21.28 ? 41  DT  B OP1   1 
ATOM   283  O OP2   . DT  B 2 5  ? 12.441  -1.990  4.666   1.00 22.28 ? 41  DT  B OP2   1 
ATOM   284  O "O5'" . DT  B 2 5  ? 13.568  -3.920  5.732   1.00 22.37 ? 41  DT  B "O5'" 1 
ATOM   285  C "C5'" . DT  B 2 5  ? 14.046  -4.591  6.837   1.00 21.80 ? 41  DT  B "C5'" 1 
ATOM   286  C "C4'" . DT  B 2 5  ? 14.191  -6.050  6.522   1.00 23.22 ? 41  DT  B "C4'" 1 
ATOM   287  O "O4'" . DT  B 2 5  ? 12.888  -6.687  6.516   1.00 19.77 ? 41  DT  B "O4'" 1 
ATOM   288  C "C3'" . DT  B 2 5  ? 14.818  -6.347  5.161   1.00 23.51 ? 41  DT  B "C3'" 1 
ATOM   289  O "O3'" . DT  B 2 5  ? 15.851  -7.280  5.351   1.00 26.84 ? 41  DT  B "O3'" 1 
ATOM   290  C "C2'" . DT  B 2 5  ? 13.652  -6.928  4.342   1.00 22.47 ? 41  DT  B "C2'" 1 
ATOM   291  C "C1'" . DT  B 2 5  ? 12.839  -7.591  5.438   1.00 20.40 ? 41  DT  B "C1'" 1 
ATOM   292  N N1    . DT  B 2 5  ? 11.396  -7.853  5.123   1.00 17.19 ? 41  DT  B N1    1 
ATOM   293  C C2    . DT  B 2 5  ? 10.912  -9.120  5.293   1.00 18.67 ? 41  DT  B C2    1 
ATOM   294  O O2    . DT  B 2 5  ? 11.613  -10.054 5.625   1.00 20.54 ? 41  DT  B O2    1 
ATOM   295  N N3    . DT  B 2 5  ? 9.572   -9.272  5.029   1.00 16.62 ? 41  DT  B N3    1 
ATOM   296  C C4    . DT  B 2 5  ? 8.680   -8.290  4.654   1.00 18.22 ? 41  DT  B C4    1 
ATOM   297  O O4    . DT  B 2 5  ? 7.495   -8.529  4.452   1.00 11.98 ? 41  DT  B O4    1 
ATOM   298  C C5    . DT  B 2 5  ? 9.252   -6.966  4.498   1.00 17.88 ? 41  DT  B C5    1 
ATOM   299  C C7    . DT  B 2 5  ? 8.387   -5.813  4.088   1.00 16.34 ? 41  DT  B C7    1 
ATOM   300  C C6    . DT  B 2 5  ? 10.564  -6.811  4.756   1.00 17.49 ? 41  DT  B C6    1 
ATOM   301  P P     . DT  B 2 6  ? 16.758  -7.768  4.123   1.00 26.19 ? 42  DT  B P     1 
ATOM   302  O OP1   . DT  B 2 6  ? 18.147  -7.688  4.600   1.00 31.00 ? 42  DT  B OP1   1 
ATOM   303  O OP2   . DT  B 2 6  ? 16.363  -7.103  2.854   1.00 19.42 ? 42  DT  B OP2   1 
ATOM   304  O "O5'" . DT  B 2 6  ? 16.404  -9.323  4.050   1.00 25.39 ? 42  DT  B "O5'" 1 
ATOM   305  C "C5'" . DT  B 2 6  ? 16.368  -10.070 5.252   1.00 21.46 ? 42  DT  B "C5'" 1 
ATOM   306  C "C4'" . DT  B 2 6  ? 15.808  -11.445 5.003   1.00 24.81 ? 42  DT  B "C4'" 1 
ATOM   307  O "O4'" . DT  B 2 6  ? 14.388  -11.361 4.757   1.00 26.37 ? 42  DT  B "O4'" 1 
ATOM   308  C "C3'" . DT  B 2 6  ? 16.392  -12.169 3.791   1.00 26.31 ? 42  DT  B "C3'" 1 
ATOM   309  O "O3'" . DT  B 2 6  ? 16.569  -13.526 4.135   1.00 31.11 ? 42  DT  B "O3'" 1 
ATOM   310  C "C2'" . DT  B 2 6  ? 15.299  -11.991 2.723   1.00 24.25 ? 42  DT  B "C2'" 1 
ATOM   311  C "C1'" . DT  B 2 6  ? 14.067  -12.103 3.591   1.00 22.90 ? 42  DT  B "C1'" 1 
ATOM   312  N N1    . DT  B 2 6  ? 12.812  -11.519 3.008   1.00 21.52 ? 42  DT  B N1    1 
ATOM   313  C C2    . DT  B 2 6  ? 11.636  -12.249 3.065   1.00 22.99 ? 42  DT  B C2    1 
ATOM   314  O O2    . DT  B 2 6  ? 11.562  -13.380 3.531   1.00 21.88 ? 42  DT  B O2    1 
ATOM   315  N N3    . DT  B 2 6  ? 10.545  -11.613 2.549   1.00 16.04 ? 42  DT  B N3    1 
ATOM   316  C C4    . DT  B 2 6  ? 10.493  -10.355 1.998   1.00 19.11 ? 42  DT  B C4    1 
ATOM   317  O O4    . DT  B 2 6  ? 9.447   -9.881  1.566   1.00 21.53 ? 42  DT  B O4    1 
ATOM   318  C C5    . DT  B 2 6  ? 11.753  -9.632  1.980   1.00 20.22 ? 42  DT  B C5    1 
ATOM   319  C C7    . DT  B 2 6  ? 11.827  -8.249  1.408   1.00 19.51 ? 42  DT  B C7    1 
ATOM   320  C C6    . DT  B 2 6  ? 12.836  -10.246 2.482   1.00 20.38 ? 42  DT  B C6    1 
ATOM   321  P P     . DC  B 2 7  ? 17.754  -14.385 3.480   1.00 33.40 ? 43  DC  B P     1 
ATOM   322  O OP1   . DC  B 2 7  ? 18.310  -15.276 4.524   1.00 36.18 ? 43  DC  B OP1   1 
ATOM   323  O OP2   . DC  B 2 7  ? 18.610  -13.459 2.709   1.00 28.01 ? 43  DC  B OP2   1 
ATOM   324  O "O5'" . DC  B 2 7  ? 16.982  -15.322 2.439   1.00 36.37 ? 43  DC  B "O5'" 1 
ATOM   325  C "C5'" . DC  B 2 7  ? 15.982  -16.225 2.899   1.00 30.25 ? 43  DC  B "C5'" 1 
ATOM   326  C "C4'" . DC  B 2 7  ? 15.070  -16.630 1.758   1.00 31.66 ? 43  DC  B "C4'" 1 
ATOM   327  O "O4'" . DC  B 2 7  ? 14.137  -15.547 1.474   1.00 31.33 ? 43  DC  B "O4'" 1 
ATOM   328  C "C3'" . DC  B 2 7  ? 15.793  -16.907 0.427   1.00 30.47 ? 43  DC  B "C3'" 1 
ATOM   329  O "O3'" . DC  B 2 7  ? 15.219  -18.034 -0.198  1.00 38.35 ? 43  DC  B "O3'" 1 
ATOM   330  C "C2'" . DC  B 2 7  ? 15.496  -15.645 -0.383  1.00 31.85 ? 43  DC  B "C2'" 1 
ATOM   331  C "C1'" . DC  B 2 7  ? 14.078  -15.403 0.073   1.00 27.45 ? 43  DC  B "C1'" 1 
ATOM   332  N N1    . DC  B 2 7  ? 13.503  -14.075 -0.297  1.00 25.98 ? 43  DC  B N1    1 
ATOM   333  C C2    . DC  B 2 7  ? 12.114  -13.949 -0.421  1.00 22.59 ? 43  DC  B C2    1 
ATOM   334  O O2    . DC  B 2 7  ? 11.400  -14.936 -0.191  1.00 18.94 ? 43  DC  B O2    1 
ATOM   335  N N3    . DC  B 2 7  ? 11.590  -12.752 -0.770  1.00 19.32 ? 43  DC  B N3    1 
ATOM   336  C C4    . DC  B 2 7  ? 12.394  -11.723 -0.995  1.00 19.96 ? 43  DC  B C4    1 
ATOM   337  N N4    . DC  B 2 7  ? 11.838  -10.560 -1.344  1.00 18.71 ? 43  DC  B N4    1 
ATOM   338  C C5    . DC  B 2 7  ? 13.815  -11.837 -0.894  1.00 24.22 ? 43  DC  B C5    1 
ATOM   339  C C6    . DC  B 2 7  ? 14.319  -13.023 -0.553  1.00 22.78 ? 43  DC  B C6    1 
ATOM   340  P P     . DG  B 2 8  ? 16.130  -19.281 -0.629  1.00 34.60 ? 44  DG  B P     1 
ATOM   341  O OP1   . DG  B 2 8  ? 16.771  -19.792 0.609   1.00 33.84 ? 44  DG  B OP1   1 
ATOM   342  O OP2   . DG  B 2 8  ? 16.953  -18.867 -1.775  1.00 25.89 ? 44  DG  B OP2   1 
ATOM   343  O "O5'" . DG  B 2 8  ? 15.064  -20.350 -1.148  1.00 28.26 ? 44  DG  B "O5'" 1 
ATOM   344  C "C5'" . DG  B 2 8  ? 13.970  -20.708 -0.310  1.00 31.34 ? 44  DG  B "C5'" 1 
ATOM   345  C "C4'" . DG  B 2 8  ? 12.674  -20.743 -1.101  1.00 36.43 ? 44  DG  B "C4'" 1 
ATOM   346  O "O4'" . DG  B 2 8  ? 12.191  -19.390 -1.316  1.00 28.70 ? 44  DG  B "O4'" 1 
ATOM   347  C "C3'" . DG  B 2 8  ? 12.774  -21.381 -2.486  1.00 31.58 ? 44  DG  B "C3'" 1 
ATOM   348  O "O3'" . DG  B 2 8  ? 11.625  -22.144 -2.715  1.00 34.86 ? 44  DG  B "O3'" 1 
ATOM   349  C "C2'" . DG  B 2 8  ? 12.832  -20.176 -3.419  1.00 31.00 ? 44  DG  B "C2'" 1 
ATOM   350  C "C1'" . DG  B 2 8  ? 11.926  -19.198 -2.678  1.00 28.40 ? 44  DG  B "C1'" 1 
ATOM   351  N N9    . DG  B 2 8  ? 12.189  -17.805 -2.985  1.00 24.18 ? 44  DG  B N9    1 
ATOM   352  C C8    . DG  B 2 8  ? 13.415  -17.202 -3.103  1.00 24.70 ? 44  DG  B C8    1 
ATOM   353  N N7    . DG  B 2 8  ? 13.341  -15.928 -3.372  1.00 23.81 ? 44  DG  B N7    1 
ATOM   354  C C5    . DG  B 2 8  ? 11.982  -15.674 -3.435  1.00 19.94 ? 44  DG  B C5    1 
ATOM   355  C C6    . DG  B 2 8  ? 11.294  -14.467 -3.704  1.00 19.63 ? 44  DG  B C6    1 
ATOM   356  O O6    . DG  B 2 8  ? 11.773  -13.348 -3.934  1.00 17.37 ? 44  DG  B O6    1 
ATOM   357  N N1    . DG  B 2 8  ? 9.907   -14.644 -3.676  1.00 18.94 ? 44  DG  B N1    1 
ATOM   358  C C2    . DG  B 2 8  ? 9.270   -15.839 -3.411  1.00 21.14 ? 44  DG  B C2    1 
ATOM   359  N N2    . DG  B 2 8  ? 7.925   -15.817 -3.429  1.00 20.06 ? 44  DG  B N2    1 
ATOM   360  N N3    . DG  B 2 8  ? 9.910   -16.984 -3.167  1.00 22.73 ? 44  DG  B N3    1 
ATOM   361  C C4    . DG  B 2 8  ? 11.258  -16.821 -3.189  1.00 21.08 ? 44  DG  B C4    1 
ATOM   362  P P     . DA  B 2 9  ? 11.371  -22.792 -4.157  1.00 39.46 ? 45  DA  B P     1 
ATOM   363  O OP1   . DA  B 2 9  ? 10.992  -24.195 -3.876  1.00 34.08 ? 45  DA  B OP1   1 
ATOM   364  O OP2   . DA  B 2 9  ? 12.517  -22.436 -5.026  1.00 35.85 ? 45  DA  B OP2   1 
ATOM   365  O "O5'" . DA  B 2 9  ? 10.127  -21.975 -4.742  1.00 33.26 ? 45  DA  B "O5'" 1 
ATOM   366  C "C5'" . DA  B 2 9  ? 8.968   -21.769 -3.938  1.00 35.03 ? 45  DA  B "C5'" 1 
ATOM   367  C "C4'" . DA  B 2 9  ? 7.952   -20.958 -4.706  1.00 33.92 ? 45  DA  B "C4'" 1 
ATOM   368  O "O4'" . DA  B 2 9  ? 8.424   -19.590 -4.818  1.00 27.23 ? 45  DA  B "O4'" 1 
ATOM   369  C "C3'" . DA  B 2 9  ? 7.701   -21.456 -6.128  1.00 31.52 ? 45  DA  B "C3'" 1 
ATOM   370  O "O3'" . DA  B 2 9  ? 6.294   -21.541 -6.372  1.00 31.49 ? 45  DA  B "O3'" 1 
ATOM   371  C "C2'" . DA  B 2 9  ? 8.396   -20.418 -7.021  1.00 26.65 ? 45  DA  B "C2'" 1 
ATOM   372  C "C1'" . DA  B 2 9  ? 8.363   -19.160 -6.156  1.00 25.56 ? 45  DA  B "C1'" 1 
ATOM   373  N N9    . DA  B 2 9  ? 9.481   -18.239 -6.379  1.00 24.01 ? 45  DA  B N9    1 
ATOM   374  C C8    . DA  B 2 9  ? 10.815  -18.531 -6.345  1.00 23.59 ? 45  DA  B C8    1 
ATOM   375  N N7    . DA  B 2 9  ? 11.590  -17.489 -6.568  1.00 24.87 ? 45  DA  B N7    1 
ATOM   376  C C5    . DA  B 2 9  ? 10.702  -16.439 -6.741  1.00 23.49 ? 45  DA  B C5    1 
ATOM   377  C C6    . DA  B 2 9  ? 10.890  -15.059 -7.003  1.00 20.47 ? 45  DA  B C6    1 
ATOM   378  N N6    . DA  B 2 9  ? 12.090  -14.485 -7.137  1.00 19.63 ? 45  DA  B N6    1 
ATOM   379  N N1    . DA  B 2 9  ? 9.784   -14.291 -7.124  1.00 19.63 ? 45  DA  B N1    1 
ATOM   380  C C2    . DA  B 2 9  ? 8.582   -14.868 -6.984  1.00 20.66 ? 45  DA  B C2    1 
ATOM   381  N N3    . DA  B 2 9  ? 8.285   -16.145 -6.735  1.00 23.63 ? 45  DA  B N3    1 
ATOM   382  C C4    . DA  B 2 9  ? 9.400   -16.881 -6.617  1.00 20.50 ? 45  DA  B C4    1 
ATOM   383  P P     . DA  B 2 10 ? 5.726   -22.147 -7.754  1.00 39.59 ? 46  DA  B P     1 
ATOM   384  O OP1   . DA  B 2 10 ? 4.552   -22.977 -7.401  1.00 38.79 ? 46  DA  B OP1   1 
ATOM   385  O OP2   . DA  B 2 10 ? 6.858   -22.690 -8.543  1.00 29.70 ? 46  DA  B OP2   1 
ATOM   386  O "O5'" . DA  B 2 10 ? 5.204   -20.857 -8.572  1.00 30.86 ? 46  DA  B "O5'" 1 
ATOM   387  C "C5'" . DA  B 2 10 ? 4.296   -19.922 -7.968  1.00 30.18 ? 46  DA  B "C5'" 1 
ATOM   388  C "C4'" . DA  B 2 10 ? 4.190   -18.665 -8.818  1.00 23.82 ? 46  DA  B "C4'" 1 
ATOM   389  O "O4'" . DA  B 2 10 ? 5.440   -17.917 -8.741  1.00 24.75 ? 46  DA  B "O4'" 1 
ATOM   390  C "C3'" . DA  B 2 10 ? 3.942   -18.918 -10.306 1.00 24.97 ? 46  DA  B "C3'" 1 
ATOM   391  O "O3'" . DA  B 2 10 ? 2.954   -18.019 -10.810 1.00 28.91 ? 46  DA  B "O3'" 1 
ATOM   392  C "C2'" . DA  B 2 10 ? 5.309   -18.657 -10.935 1.00 29.02 ? 46  DA  B "C2'" 1 
ATOM   393  C "C1'" . DA  B 2 10 ? 5.829   -17.549 -10.038 1.00 24.39 ? 46  DA  B "C1'" 1 
ATOM   394  N N9    . DA  B 2 10 ? 7.284   -17.392 -10.080 1.00 25.75 ? 46  DA  B N9    1 
ATOM   395  C C8    . DA  B 2 10 ? 8.221   -18.384 -10.058 1.00 23.69 ? 46  DA  B C8    1 
ATOM   396  N N7    . DA  B 2 10 ? 9.463   -17.943 -10.101 1.00 22.02 ? 46  DA  B N7    1 
ATOM   397  C C5    . DA  B 2 10 ? 9.328   -16.566 -10.171 1.00 25.33 ? 46  DA  B C5    1 
ATOM   398  C C6    . DA  B 2 10 ? 10.271  -15.523 -10.244 1.00 24.54 ? 46  DA  B C6    1 
ATOM   399  N N6    . DA  B 2 10 ? 11.584  -15.729 -10.260 1.00 23.96 ? 46  DA  B N6    1 
ATOM   400  N N1    . DA  B 2 10 ? 9.807   -14.256 -10.301 1.00 21.21 ? 46  DA  B N1    1 
ATOM   401  C C2    . DA  B 2 10 ? 8.489   -14.060 -10.274 1.00 24.24 ? 46  DA  B C2    1 
ATOM   402  N N3    . DA  B 2 10 ? 7.508   -14.960 -10.207 1.00 22.74 ? 46  DA  B N3    1 
ATOM   403  C C4    . DA  B 2 10 ? 7.997   -16.203 -10.161 1.00 21.20 ? 46  DA  B C4    1 
ATOM   404  N N     . GLY C 3 1  ? 22.734  12.403  -2.552  1.00 21.10 ? -3  GLY A N     1 
ATOM   405  C CA    . GLY C 3 1  ? 22.535  11.278  -1.652  1.00 20.58 ? -3  GLY A CA    1 
ATOM   406  C C     . GLY C 3 1  ? 21.472  10.333  -2.172  1.00 22.07 ? -3  GLY A C     1 
ATOM   407  O O     . GLY C 3 1  ? 21.134  10.366  -3.363  1.00 22.72 ? -3  GLY A O     1 
ATOM   408  N N     . ARG C 3 2  ? 20.961  9.469   -1.298  1.00 20.30 ? -2  ARG A N     1 
ATOM   409  C CA    . ARG C 3 2  ? 19.902  8.562   -1.719  1.00 27.57 ? -2  ARG A CA    1 
ATOM   410  C C     . ARG C 3 2  ? 18.715  9.367   -2.223  1.00 23.90 ? -2  ARG A C     1 
ATOM   411  O O     . ARG C 3 2  ? 18.553  10.540  -1.892  1.00 29.49 ? -2  ARG A O     1 
ATOM   412  C CB    . ARG C 3 2  ? 19.471  7.651   -0.570  1.00 27.04 ? -2  ARG A CB    1 
ATOM   413  C CG    . ARG C 3 2  ? 20.558  6.710   -0.060  1.00 27.54 ? -2  ARG A CG    1 
ATOM   414  C CD    . ARG C 3 2  ? 20.126  6.098   1.261   1.00 28.09 ? -2  ARG A CD    1 
ATOM   415  N NE    . ARG C 3 2  ? 21.023  5.036   1.686   1.00 30.43 ? -2  ARG A NE    1 
ATOM   416  C CZ    . ARG C 3 2  ? 20.850  3.750   1.396   1.00 30.30 ? -2  ARG A CZ    1 
ATOM   417  N NH1   . ARG C 3 2  ? 19.801  3.358   0.676   1.00 29.91 ? -2  ARG A NH1   1 
ATOM   418  N NH2   . ARG C 3 2  ? 21.723  2.855   1.833   1.00 28.09 ? -2  ARG A NH2   1 
ATOM   419  N N     . GLN C 3 3  ? 17.876  8.727   -3.038  1.00 25.18 ? -1  GLN A N     1 
ATOM   420  C CA    . GLN C 3 3  ? 16.691  9.409   -3.544  1.00 29.73 ? -1  GLN A CA    1 
ATOM   421  C C     . GLN C 3 3  ? 15.795  8.408   -4.263  1.00 29.62 ? -1  GLN A C     1 
ATOM   422  O O     . GLN C 3 3  ? 16.219  7.305   -4.623  1.00 26.33 ? -1  GLN A O     1 
ATOM   423  C CB    . GLN C 3 3  ? 17.070  10.583  -4.465  1.00 32.98 ? -1  GLN A CB    1 
ATOM   424  C CG    . GLN C 3 3  ? 17.909  10.221  -5.695  1.00 31.02 ? -1  GLN A CG    1 
ATOM   425  C CD    . GLN C 3 3  ? 18.585  11.445  -6.321  1.00 34.60 ? -1  GLN A CD    1 
ATOM   426  O OE1   . GLN C 3 3  ? 18.844  12.441  -5.637  1.00 31.72 ? -1  GLN A OE1   1 
ATOM   427  N NE2   . GLN C 3 3  ? 18.875  11.371  -7.628  1.00 35.85 ? -1  GLN A NE2   1 
ATOM   428  N N     . GLY C 3 4  ? 14.549  8.805   -4.456  1.00 32.14 ? 139 GLY A N     1 
ATOM   429  C CA    . GLY C 3 4  ? 13.608  7.909   -5.106  1.00 31.00 ? 139 GLY A CA    1 
ATOM   430  C C     . GLY C 3 4  ? 13.563  6.582   -4.371  1.00 26.99 ? 139 GLY A C     1 
ATOM   431  O O     . GLY C 3 4  ? 13.341  6.529   -3.153  1.00 27.35 ? 139 GLY A O     1 
ATOM   432  N N     . LYS C 3 5  ? 13.809  5.495   -5.112  1.00 30.08 ? 140 LYS A N     1 
ATOM   433  C CA    . LYS C 3 5  ? 13.634  4.134   -4.598  1.00 29.58 ? 140 LYS A CA    1 
ATOM   434  C C     . LYS C 3 5  ? 14.607  3.771   -3.485  1.00 29.78 ? 140 LYS A C     1 
ATOM   435  O O     . LYS C 3 5  ? 14.350  2.809   -2.748  1.00 28.11 ? 140 LYS A O     1 
ATOM   436  C CB    . LYS C 3 5  ? 13.786  3.120   -5.735  1.00 35.16 ? 140 LYS A CB    1 
ATOM   437  C CG    . LYS C 3 5  ? 12.571  3.003   -6.640  1.00 40.06 ? 140 LYS A CG    1 
ATOM   438  C CD    . LYS C 3 5  ? 12.839  2.068   -7.822  1.00 44.70 ? 140 LYS A CD    1 
ATOM   439  C CE    . LYS C 3 5  ? 11.682  2.122   -8.822  1.00 50.84 ? 140 LYS A CE    1 
ATOM   440  N NZ    . LYS C 3 5  ? 12.050  1.635   -10.187 1.00 59.84 ? 140 LYS A NZ    1 
ATOM   441  N N     . THR C 3 6  ? 15.725  4.485   -3.360  1.00 27.12 ? 141 THR A N     1 
ATOM   442  C CA    . THR C 3 6  ? 16.745  4.158   -2.375  1.00 24.27 ? 141 THR A CA    1 
ATOM   443  C C     . THR C 3 6  ? 16.640  5.009   -1.110  1.00 28.05 ? 141 THR A C     1 
ATOM   444  O O     . THR C 3 6  ? 17.352  4.743   -0.136  1.00 30.23 ? 141 THR A O     1 
ATOM   445  C CB    . THR C 3 6  ? 18.148  4.288   -3.007  1.00 27.71 ? 141 THR A CB    1 
ATOM   446  O OG1   . THR C 3 6  ? 18.493  5.666   -3.189  1.00 24.01 ? 141 THR A OG1   1 
ATOM   447  C CG2   . THR C 3 6  ? 18.192  3.587   -4.375  1.00 22.01 ? 141 THR A CG2   1 
ATOM   448  N N     . LEU C 3 7  ? 15.748  5.997   -1.090  1.00 27.85 ? 142 LEU A N     1 
ATOM   449  C CA    . LEU C 3 7  ? 15.567  6.842   0.083   1.00 27.72 ? 142 LEU A CA    1 
ATOM   450  C C     . LEU C 3 7  ? 15.184  5.997   1.298   1.00 27.50 ? 142 LEU A C     1 
ATOM   451  O O     . LEU C 3 7  ? 14.334  5.113   1.205   1.00 26.52 ? 142 LEU A O     1 
ATOM   452  C CB    . LEU C 3 7  ? 14.488  7.880   -0.222  1.00 27.66 ? 142 LEU A CB    1 
ATOM   453  C CG    . LEU C 3 7  ? 14.520  9.276   0.400   1.00 33.43 ? 142 LEU A CG    1 
ATOM   454  C CD1   . LEU C 3 7  ? 15.940  9.800   0.525   1.00 33.87 ? 142 LEU A CD1   1 
ATOM   455  C CD2   . LEU C 3 7  ? 13.677  10.219  -0.458  1.00 32.56 ? 142 LEU A CD2   1 
ATOM   456  N N     . LYS C 3 8  ? 15.821  6.268   2.443   1.00 27.43 ? 143 LYS A N     1 
ATOM   457  C CA    . LYS C 3 8  ? 15.620  5.476   3.667   1.00 25.09 ? 143 LYS A CA    1 
ATOM   458  C C     . LYS C 3 8  ? 14.545  6.107   4.557   1.00 30.20 ? 143 LYS A C     1 
ATOM   459  O O     . LYS C 3 8  ? 14.815  6.644   5.635   1.00 28.24 ? 143 LYS A O     1 
ATOM   460  C CB    . LYS C 3 8  ? 16.929  5.326   4.430   1.00 33.73 ? 143 LYS A CB    1 
ATOM   461  C CG    . LYS C 3 8  ? 17.717  4.088   4.058   1.00 34.09 ? 143 LYS A CG    1 
ATOM   462  C CD    . LYS C 3 8  ? 18.604  3.654   5.205   1.00 33.20 ? 143 LYS A CD    1 
ATOM   463  C CE    . LYS C 3 8  ? 19.659  4.689   5.509   1.00 41.98 ? 143 LYS A CE    1 
ATOM   464  N NZ    . LYS C 3 8  ? 20.245  4.445   6.855   1.00 49.97 ? 143 LYS A NZ    1 
ATOM   465  N N     . ARG C 3 9  ? 13.297  5.975   4.105   1.00 26.49 ? 144 ARG A N     1 
ATOM   466  C CA    . ARG C 3 9  ? 12.182  6.672   4.732   1.00 27.98 ? 144 ARG A CA    1 
ATOM   467  C C     . ARG C 3 9  ? 11.852  6.090   6.109   1.00 23.88 ? 144 ARG A C     1 
ATOM   468  O O     . ARG C 3 9  ? 12.139  4.923   6.394   1.00 19.71 ? 144 ARG A O     1 
ATOM   469  C CB    . ARG C 3 9  ? 10.950  6.595   3.837   1.00 24.72 ? 144 ARG A CB    1 
ATOM   470  C CG    . ARG C 3 9  ? 11.126  7.270   2.481   1.00 25.20 ? 144 ARG A CG    1 
ATOM   471  C CD    . ARG C 3 9  ? 9.879   7.060   1.626   1.00 23.70 ? 144 ARG A CD    1 
ATOM   472  N NE    . ARG C 3 9  ? 9.865   7.862   0.403   1.00 29.21 ? 144 ARG A NE    1 
ATOM   473  C CZ    . ARG C 3 9  ? 10.403  7.474   -0.750  1.00 31.44 ? 144 ARG A CZ    1 
ATOM   474  N NH1   . ARG C 3 9  ? 11.020  6.300   -0.827  1.00 30.67 ? 144 ARG A NH1   1 
ATOM   475  N NH2   . ARG C 3 9  ? 10.339  8.257   -1.823  1.00 29.85 ? 144 ARG A NH2   1 
ATOM   476  N N     . PRO C 3 10 ? 11.235  6.891   6.977   1.00 19.76 ? 145 PRO A N     1 
ATOM   477  C CA    . PRO C 3 10 ? 10.798  6.381   8.280   1.00 23.37 ? 145 PRO A CA    1 
ATOM   478  C C     . PRO C 3 10 ? 9.735   5.300   8.138   1.00 17.85 ? 145 PRO A C     1 
ATOM   479  O O     . PRO C 3 10 ? 9.145   5.082   7.078   1.00 20.59 ? 145 PRO A O     1 
ATOM   480  C CB    . PRO C 3 10 ? 10.229  7.627   8.978   1.00 26.15 ? 145 PRO A CB    1 
ATOM   481  C CG    . PRO C 3 10 ? 10.818  8.780   8.253   1.00 24.42 ? 145 PRO A CG    1 
ATOM   482  C CD    . PRO C 3 10 ? 10.984  8.337   6.842   1.00 21.96 ? 145 PRO A CD    1 
ATOM   483  N N     . ARG C 3 11 ? 9.484   4.631   9.261   1.00 17.57 ? 146 ARG A N     1 
ATOM   484  C CA    . ARG C 3 11 ? 8.445   3.613   9.329   1.00 19.13 ? 146 ARG A CA    1 
ATOM   485  C C     . ARG C 3 11 ? 7.096   4.203   8.980   1.00 19.35 ? 146 ARG A C     1 
ATOM   486  O O     . ARG C 3 11 ? 6.709   5.254   9.494   1.00 18.79 ? 146 ARG A O     1 
ATOM   487  C CB    . ARG C 3 11 ? 8.383   3.010   10.724  1.00 21.02 ? 146 ARG A CB    1 
ATOM   488  C CG    . ARG C 3 11 ? 9.580   2.166   11.061  1.00 23.33 ? 146 ARG A CG    1 
ATOM   489  C CD    . ARG C 3 11 ? 9.423   1.553   12.432  1.00 27.97 ? 146 ARG A CD    1 
ATOM   490  N NE    . ARG C 3 11 ? 9.238   0.108   12.353  1.00 32.93 ? 146 ARG A NE    1 
ATOM   491  C CZ    . ARG C 3 11 ? 8.118   -0.510  12.706  1.00 26.81 ? 146 ARG A CZ    1 
ATOM   492  N NH1   . ARG C 3 11 ? 7.090   0.189   13.181  1.00 26.59 ? 146 ARG A NH1   1 
ATOM   493  N NH2   . ARG C 3 11 ? 8.033   -1.826  12.604  1.00 21.12 ? 146 ARG A NH2   1 
ATOM   494  N N     . LEU C 3 12 ? 6.367   3.511   8.119   1.00 18.63 ? 147 LEU A N     1 
ATOM   495  C CA    . LEU C 3 12 ? 5.058   3.983   7.700   1.00 17.87 ? 147 LEU A CA    1 
ATOM   496  C C     . LEU C 3 12 ? 4.042   3.592   8.758   1.00 18.09 ? 147 LEU A C     1 
ATOM   497  O O     . LEU C 3 12 ? 3.782   2.404   8.968   1.00 19.52 ? 147 LEU A O     1 
ATOM   498  C CB    . LEU C 3 12 ? 4.692   3.397   6.343   1.00 20.83 ? 147 LEU A CB    1 
ATOM   499  C CG    . LEU C 3 12 ? 3.263   3.689   5.926   1.00 17.43 ? 147 LEU A CG    1 
ATOM   500  C CD1   . LEU C 3 12 ? 3.076   5.175   5.755   1.00 22.34 ? 147 LEU A CD1   1 
ATOM   501  C CD2   . LEU C 3 12 ? 2.942   2.967   4.665   1.00 21.05 ? 147 LEU A CD2   1 
ATOM   502  N N     . VAL C 3 13 ? 3.476   4.583   9.433   1.00 15.24 ? 148 VAL A N     1 
ATOM   503  C CA    . VAL C 3 13 ? 2.358   4.370   10.347  1.00 18.04 ? 148 VAL A CA    1 
ATOM   504  C C     . VAL C 3 13 ? 1.053   4.429   9.543   1.00 14.22 ? 148 VAL A C     1 
ATOM   505  O O     . VAL C 3 13 ? 0.775   5.402   8.841   1.00 17.99 ? 148 VAL A O     1 
ATOM   506  C CB    . VAL C 3 13 ? 2.390   5.410   11.479  1.00 18.75 ? 148 VAL A CB    1 
ATOM   507  C CG1   . VAL C 3 13 ? 1.117   5.388   12.297  1.00 20.38 ? 148 VAL A CG1   1 
ATOM   508  C CG2   . VAL C 3 13 ? 3.571   5.134   12.369  1.00 20.85 ? 148 VAL A CG2   1 
ATOM   509  N N     . TRP C 3 14 ? 0.266   3.372   9.594   1.00 17.85 ? 149 TRP A N     1 
ATOM   510  C CA    . TRP C 3 14 ? -0.981  3.358   8.828   1.00 18.03 ? 149 TRP A CA    1 
ATOM   511  C C     . TRP C 3 14 ? -2.046  4.075   9.640   1.00 17.99 ? 149 TRP A C     1 
ATOM   512  O O     . TRP C 3 14 ? -2.671  3.485   10.521  1.00 22.27 ? 149 TRP A O     1 
ATOM   513  C CB    . TRP C 3 14 ? -1.401  1.931   8.503   1.00 15.28 ? 149 TRP A CB    1 
ATOM   514  C CG    . TRP C 3 14 ? -0.582  1.321   7.393   1.00 17.79 ? 149 TRP A CG    1 
ATOM   515  C CD1   . TRP C 3 14 ? 0.595   0.644   7.513   1.00 15.35 ? 149 TRP A CD1   1 
ATOM   516  C CD2   . TRP C 3 14 ? -0.893  1.346   5.997   1.00 14.20 ? 149 TRP A CD2   1 
ATOM   517  N NE1   . TRP C 3 14 ? 1.043   0.255   6.270   1.00 16.63 ? 149 TRP A NE1   1 
ATOM   518  C CE2   . TRP C 3 14 ? 0.145   0.677   5.325   1.00 15.39 ? 149 TRP A CE2   1 
ATOM   519  C CE3   . TRP C 3 14 ? -1.948  1.873   5.253   1.00 13.93 ? 149 TRP A CE3   1 
ATOM   520  C CZ2   . TRP C 3 14 ? 0.150   0.511   3.945   1.00 16.33 ? 149 TRP A CZ2   1 
ATOM   521  C CZ3   . TRP C 3 14 ? -1.943  1.706   3.888   1.00 15.96 ? 149 TRP A CZ3   1 
ATOM   522  C CH2   . TRP C 3 14 ? -0.897  1.033   3.244   1.00 13.27 ? 149 TRP A CH2   1 
ATOM   523  N N     . THR C 3 15 ? -2.248  5.358   9.344   1.00 20.95 ? 150 THR A N     1 
ATOM   524  C CA    . THR C 3 15 ? -3.323  6.130   9.952   1.00 21.23 ? 150 THR A CA    1 
ATOM   525  C C     . THR C 3 15 ? -4.680  5.647   9.448   1.00 18.59 ? 150 THR A C     1 
ATOM   526  O O     . THR C 3 15 ? -4.767  5.007   8.406   1.00 18.30 ? 150 THR A O     1 
ATOM   527  C CB    . THR C 3 15 ? -3.173  7.600   9.610   1.00 23.46 ? 150 THR A CB    1 
ATOM   528  O OG1   . THR C 3 15 ? -3.374  7.769   8.200   1.00 26.03 ? 150 THR A OG1   1 
ATOM   529  C CG2   . THR C 3 15 ? -1.781  8.099   9.999   1.00 26.78 ? 150 THR A CG2   1 
ATOM   530  N N     . PRO C 3 16 ? -5.765  5.964   10.159  1.00 21.30 ? 151 PRO A N     1 
ATOM   531  C CA    . PRO C 3 16 ? -7.080  5.530   9.676   1.00 23.05 ? 151 PRO A CA    1 
ATOM   532  C C     . PRO C 3 16 ? -7.365  6.014   8.269   1.00 21.45 ? 151 PRO A C     1 
ATOM   533  O O     . PRO C 3 16 ? -7.991  5.287   7.491   1.00 19.92 ? 151 PRO A O     1 
ATOM   534  C CB    . PRO C 3 16 ? -8.049  6.129   10.707  1.00 22.14 ? 151 PRO A CB    1 
ATOM   535  C CG    . PRO C 3 16 ? -7.217  6.278   11.950  1.00 23.63 ? 151 PRO A CG    1 
ATOM   536  C CD    . PRO C 3 16 ? -5.845  6.636   11.466  1.00 20.99 ? 151 PRO A CD    1 
ATOM   537  N N     . GLN C 3 17 ? -6.899  7.216   7.910   1.00 22.89 ? 152 GLN A N     1 
ATOM   538  C CA    . GLN C 3 17 ? -7.137  7.745   6.569   1.00 23.07 ? 152 GLN A CA    1 
ATOM   539  C C     . GLN C 3 17 ? -6.326  6.995   5.521   1.00 21.05 ? 152 GLN A C     1 
ATOM   540  O O     . GLN C 3 17 ? -6.831  6.682   4.437   1.00 20.46 ? 152 GLN A O     1 
ATOM   541  C CB    . GLN C 3 17 ? -6.800  9.240   6.525   1.00 30.95 ? 152 GLN A CB    1 
ATOM   542  C CG    . GLN C 3 17 ? -7.674  10.102  7.437   1.00 32.27 ? 152 GLN A CG    1 
ATOM   543  C CD    . GLN C 3 17 ? -7.153  10.209  8.875   1.00 38.58 ? 152 GLN A CD    1 
ATOM   544  O OE1   . GLN C 3 17 ? -6.420  9.341   9.373   1.00 31.50 ? 152 GLN A OE1   1 
ATOM   545  N NE2   . GLN C 3 17 ? -7.535  11.295  9.549   1.00 46.50 ? 152 GLN A NE2   1 
ATOM   546  N N     . LEU C 3 18 ? -5.061  6.724   5.812   1.00 21.68 ? 153 LEU A N     1 
ATOM   547  C CA    . LEU C 3 18 ? -4.259  5.943   4.882   1.00 17.60 ? 153 LEU A CA    1 
ATOM   548  C C     . LEU C 3 18 ? -4.868  4.562   4.677   1.00 17.68 ? 153 LEU A C     1 
ATOM   549  O O     . LEU C 3 18 ? -4.968  4.077   3.543   1.00 19.10 ? 153 LEU A O     1 
ATOM   550  C CB    . LEU C 3 18 ? -2.835  5.841   5.408   1.00 21.99 ? 153 LEU A CB    1 
ATOM   551  C CG    . LEU C 3 18 ? -1.678  5.594   4.444   1.00 25.62 ? 153 LEU A CG    1 
ATOM   552  C CD1   . LEU C 3 18 ? -1.870  6.297   3.125   1.00 21.76 ? 153 LEU A CD1   1 
ATOM   553  C CD2   . LEU C 3 18 ? -0.399  6.079   5.103   1.00 21.38 ? 153 LEU A CD2   1 
ATOM   554  N N     . HIS C 3 19 ? -5.271  3.913   5.764   1.00 14.37 ? 154 HIS A N     1 
ATOM   555  C CA    . HIS C 3 19 ? -5.858  2.582   5.660   1.00 19.85 ? 154 HIS A CA    1 
ATOM   556  C C     . HIS C 3 19 ? -7.150  2.610   4.857   1.00 19.02 ? 154 HIS A C     1 
ATOM   557  O O     . HIS C 3 19 ? -7.399  1.729   4.029   1.00 20.47 ? 154 HIS A O     1 
ATOM   558  C CB    . HIS C 3 19 ? -6.117  2.007   7.057   1.00 14.86 ? 154 HIS A CB    1 
ATOM   559  C CG    . HIS C 3 19 ? -6.794  0.670   7.026   1.00 21.02 ? 154 HIS A CG    1 
ATOM   560  N ND1   . HIS C 3 19 ? -6.164  -0.471  6.579   1.00 17.92 ? 154 HIS A ND1   1 
ATOM   561  C CD2   . HIS C 3 19 ? -8.058  0.303   7.346   1.00 23.44 ? 154 HIS A CD2   1 
ATOM   562  C CE1   . HIS C 3 19 ? -7.006  -1.490  6.645   1.00 21.00 ? 154 HIS A CE1   1 
ATOM   563  N NE2   . HIS C 3 19 ? -8.162  -1.047  7.105   1.00 18.08 ? 154 HIS A NE2   1 
ATOM   564  N N     . LYS C 3 20 ? -8.010  3.589   5.125   1.00 20.78 ? 155 LYS A N     1 
ATOM   565  C CA    . LYS C 3 20 ? -9.256  3.693   4.381   1.00 18.17 ? 155 LYS A CA    1 
ATOM   566  C C     . LYS C 3 20 ? -8.982  3.872   2.893   1.00 22.92 ? 155 LYS A C     1 
ATOM   567  O O     . LYS C 3 20 ? -9.677  3.289   2.054   1.00 23.89 ? 155 LYS A O     1 
ATOM   568  C CB    . LYS C 3 20 ? -10.098 4.847   4.946   1.00 23.04 ? 155 LYS A CB    1 
ATOM   569  C CG    . LYS C 3 20 ? -11.491 4.988   4.320   1.00 38.02 ? 155 LYS A CG    1 
ATOM   570  C CD    . LYS C 3 20 ? -12.133 6.360   4.619   1.00 38.81 ? 155 LYS A CD    1 
ATOM   571  C CE    . LYS C 3 20 ? -13.470 6.530   3.885   1.00 33.94 ? 155 LYS A CE    1 
ATOM   572  N NZ    . LYS C 3 20 ? -13.337 6.302   2.413   1.00 41.56 ? 155 LYS A NZ    1 
ATOM   573  N N     . ARG C 3 21 ? -7.945  4.641   2.549   1.00 22.29 ? 156 ARG A N     1 
ATOM   574  C CA    . ARG C 3 21 ? -7.569  4.798   1.148   1.00 21.25 ? 156 ARG A CA    1 
ATOM   575  C C     . ARG C 3 21 ? -7.159  3.462   0.540   1.00 20.43 ? 156 ARG A C     1 
ATOM   576  O O     . ARG C 3 21 ? -7.603  3.101   -0.558  1.00 19.08 ? 156 ARG A O     1 
ATOM   577  C CB    . ARG C 3 21 ? -6.443  5.821   1.024   1.00 21.70 ? 156 ARG A CB    1 
ATOM   578  C CG    . ARG C 3 21 ? -5.980  6.037   -0.393  1.00 25.62 ? 156 ARG A CG    1 
ATOM   579  C CD    . ARG C 3 21 ? -5.153  7.279   -0.528  1.00 32.72 ? 156 ARG A CD    1 
ATOM   580  N NE    . ARG C 3 21 ? -5.983  8.476   -0.405  1.00 42.95 ? 156 ARG A NE    1 
ATOM   581  C CZ    . ARG C 3 21 ? -5.765  9.607   -1.068  1.00 39.77 ? 156 ARG A CZ    1 
ATOM   582  N NH1   . ARG C 3 21 ? -4.747  9.700   -1.920  1.00 32.25 ? 156 ARG A NH1   1 
ATOM   583  N NH2   . ARG C 3 21 ? -6.574  10.639  -0.887  1.00 35.41 ? 156 ARG A NH2   1 
ATOM   584  N N     . PHE C 3 22 ? -6.319  2.714   1.256   1.00 17.52 ? 157 PHE A N     1 
ATOM   585  C CA    . PHE C 3 22 ? -5.928  1.364   0.839   1.00 15.44 ? 157 PHE A CA    1 
ATOM   586  C C     . PHE C 3 22 ? -7.150  0.473   0.608   1.00 17.31 ? 157 PHE A C     1 
ATOM   587  O O     . PHE C 3 22 ? -7.281  -0.167  -0.440  1.00 14.54 ? 157 PHE A O     1 
ATOM   588  C CB    . PHE C 3 22 ? -4.998  0.780   1.907   1.00 13.18 ? 157 PHE A CB    1 
ATOM   589  C CG    . PHE C 3 22 ? -4.785  -0.713  1.816   1.00 18.32 ? 157 PHE A CG    1 
ATOM   590  C CD1   . PHE C 3 22 ? -3.793  -1.241  1.004   1.00 12.68 ? 157 PHE A CD1   1 
ATOM   591  C CD2   . PHE C 3 22 ? -5.541  -1.585  2.590   1.00 16.11 ? 157 PHE A CD2   1 
ATOM   592  C CE1   . PHE C 3 22 ? -3.582  -2.620  0.948   1.00 15.65 ? 157 PHE A CE1   1 
ATOM   593  C CE2   . PHE C 3 22 ? -5.337  -2.944  2.531   1.00 17.95 ? 157 PHE A CE2   1 
ATOM   594  C CZ    . PHE C 3 22 ? -4.371  -3.464  1.708   1.00 15.91 ? 157 PHE A CZ    1 
ATOM   595  N N     . VAL C 3 23 ? -8.058  0.413   1.585   1.00 20.09 ? 158 VAL A N     1 
ATOM   596  C CA    . VAL C 3 23 ? -9.222  -0.469  1.474   1.00 20.08 ? 158 VAL A CA    1 
ATOM   597  C C     . VAL C 3 23 ? -10.089 -0.084  0.278   1.00 22.41 ? 158 VAL A C     1 
ATOM   598  O O     . VAL C 3 23 ? -10.591 -0.948  -0.451  1.00 23.60 ? 158 VAL A O     1 
ATOM   599  C CB    . VAL C 3 23 ? -10.034 -0.449  2.786   1.00 23.14 ? 158 VAL A CB    1 
ATOM   600  C CG1   . VAL C 3 23 ? -11.426 -1.060  2.559   1.00 24.34 ? 158 VAL A CG1   1 
ATOM   601  C CG2   . VAL C 3 23 ? -9.285  -1.187  3.904   1.00 18.37 ? 158 VAL A CG2   1 
ATOM   602  N N     . ASP C 3 24 ? -10.298 1.213   0.063   1.00 20.95 ? 159 ASP A N     1 
ATOM   603  C CA    . ASP C 3 24 ? -11.133 1.618   -1.057  1.00 23.34 ? 159 ASP A CA    1 
ATOM   604  C C     . ASP C 3 24 ? -10.511 1.209   -2.385  1.00 25.68 ? 159 ASP A C     1 
ATOM   605  O O     . ASP C 3 24 ? -11.229 0.849   -3.321  1.00 24.24 ? 159 ASP A O     1 
ATOM   606  C CB    . ASP C 3 24 ? -11.385 3.123   -0.999  1.00 26.01 ? 159 ASP A CB    1 
ATOM   607  C CG    . ASP C 3 24 ? -12.071 3.552   0.308   1.00 42.09 ? 159 ASP A CG    1 
ATOM   608  O OD1   . ASP C 3 24 ? -12.224 2.701   1.225   1.00 43.81 ? 159 ASP A OD1   1 
ATOM   609  O OD2   . ASP C 3 24 ? -12.463 4.737   0.429   1.00 47.35 ? 159 ASP A OD2   1 
ATOM   610  N N     . VAL C 3 25 ? -9.182  1.235   -2.494  1.00 20.24 ? 160 VAL A N     1 
ATOM   611  C CA    . VAL C 3 25 ? -8.547  0.757   -3.722  1.00 19.58 ? 160 VAL A CA    1 
ATOM   612  C C     . VAL C 3 25 ? -8.687  -0.760  -3.844  1.00 21.37 ? 160 VAL A C     1 
ATOM   613  O O     . VAL C 3 25 ? -9.123  -1.280  -4.876  1.00 24.87 ? 160 VAL A O     1 
ATOM   614  C CB    . VAL C 3 25 ? -7.070  1.200   -3.778  1.00 19.60 ? 160 VAL A CB    1 
ATOM   615  C CG1   . VAL C 3 25 ? -6.326  0.488   -4.891  1.00 17.56 ? 160 VAL A CG1   1 
ATOM   616  C CG2   . VAL C 3 25 ? -6.966  2.715   -3.952  1.00 17.81 ? 160 VAL A CG2   1 
ATOM   617  N N     . VAL C 3 26 ? -8.309  -1.500  -2.799  1.00 20.93 ? 161 VAL A N     1 
ATOM   618  C CA    . VAL C 3 26 ? -8.336  -2.962  -2.899  1.00 21.08 ? 161 VAL A CA    1 
ATOM   619  C C     . VAL C 3 26 ? -9.752  -3.456  -3.137  1.00 27.41 ? 161 VAL A C     1 
ATOM   620  O O     . VAL C 3 26 ? -9.979  -4.394  -3.909  1.00 27.78 ? 161 VAL A O     1 
ATOM   621  C CB    . VAL C 3 26 ? -7.746  -3.604  -1.634  1.00 20.42 ? 161 VAL A CB    1 
ATOM   622  C CG1   . VAL C 3 26 ? -7.904  -5.118  -1.700  1.00 23.90 ? 161 VAL A CG1   1 
ATOM   623  C CG2   . VAL C 3 26 ? -6.310  -3.231  -1.493  1.00 17.11 ? 161 VAL A CG2   1 
ATOM   624  N N     . ALA C 3 27 ? -10.723 -2.856  -2.453  1.00 26.70 ? 162 ALA A N     1 
ATOM   625  C CA    . ALA C 3 27 ? -12.089 -3.351  -2.542  1.00 31.73 ? 162 ALA A CA    1 
ATOM   626  C C     . ALA C 3 27 ? -12.622 -3.260  -3.966  1.00 31.97 ? 162 ALA A C     1 
ATOM   627  O O     . ALA C 3 27 ? -13.419 -4.109  -4.380  1.00 36.56 ? 162 ALA A O     1 
ATOM   628  C CB    . ALA C 3 27 ? -12.995 -2.580  -1.576  1.00 30.07 ? 162 ALA A CB    1 
ATOM   629  N N     . HIS C 3 28 ? -12.179 -2.267  -4.734  1.00 28.56 ? 163 HIS A N     1 
ATOM   630  C CA    . HIS C 3 28 ? -12.700 -2.025  -6.072  1.00 32.44 ? 163 HIS A CA    1 
ATOM   631  C C     . HIS C 3 28 ? -11.767 -2.498  -7.180  1.00 34.38 ? 163 HIS A C     1 
ATOM   632  O O     . HIS C 3 28 ? -12.054 -2.260  -8.359  1.00 34.24 ? 163 HIS A O     1 
ATOM   633  C CB    . HIS C 3 28 ? -13.011 -0.544  -6.237  1.00 33.98 ? 163 HIS A CB    1 
ATOM   634  C CG    . HIS C 3 28 ? -14.049 -0.054  -5.273  1.00 42.48 ? 163 HIS A CG    1 
ATOM   635  N ND1   . HIS C 3 28 ? -13.738 0.697   -4.157  1.00 37.13 ? 163 HIS A ND1   1 
ATOM   636  C CD2   . HIS C 3 28 ? -15.389 -0.245  -5.237  1.00 37.92 ? 163 HIS A CD2   1 
ATOM   637  C CE1   . HIS C 3 28 ? -14.846 0.967   -3.488  1.00 41.01 ? 163 HIS A CE1   1 
ATOM   638  N NE2   . HIS C 3 28 ? -15.861 0.406   -4.123  1.00 36.64 ? 163 HIS A NE2   1 
ATOM   639  N N     . LEU C 3 29 ? -10.667 -3.165  -6.834  1.00 29.96 ? 164 LEU A N     1 
ATOM   640  C CA    . LEU C 3 29 ? -9.759  -3.730  -7.820  1.00 28.14 ? 164 LEU A CA    1 
ATOM   641  C C     . LEU C 3 29 ? -10.212 -5.128  -8.204  1.00 25.64 ? 164 LEU A C     1 
ATOM   642  O O     . LEU C 3 29 ? -10.674 -5.899  -7.358  1.00 22.76 ? 164 LEU A O     1 
ATOM   643  C CB    . LEU C 3 29 ? -8.323  -3.786  -7.283  1.00 24.97 ? 164 LEU A CB    1 
ATOM   644  C CG    . LEU C 3 29 ? -7.364  -2.626  -7.555  1.00 24.28 ? 164 LEU A CG    1 
ATOM   645  C CD1   . LEU C 3 29 ? -6.073  -2.780  -6.732  1.00 20.59 ? 164 LEU A CD1   1 
ATOM   646  C CD2   . LEU C 3 29 ? -7.043  -2.514  -9.039  1.00 23.56 ? 164 LEU A CD2   1 
ATOM   647  N N     . GLY C 3 30 ? -10.079 -5.452  -9.490  1.00 30.92 ? 165 GLY A N     1 
ATOM   648  C CA    . GLY C 3 30 ? -10.206 -6.834  -9.909  1.00 29.17 ? 165 GLY A CA    1 
ATOM   649  C C     . GLY C 3 30 ? -9.295  -7.701  -9.059  1.00 31.08 ? 165 GLY A C     1 
ATOM   650  O O     . GLY C 3 30 ? -8.111  -7.368  -8.891  1.00 30.11 ? 165 GLY A O     1 
ATOM   651  N N     . ILE C 3 31 ? -9.823  -8.797  -8.497  1.00 24.54 ? 166 ILE A N     1 
ATOM   652  C CA    . ILE C 3 31 ? -9.026  -9.594  -7.565  1.00 29.67 ? 166 ILE A CA    1 
ATOM   653  C C     . ILE C 3 31 ? -7.694  -9.972  -8.188  1.00 26.02 ? 166 ILE A C     1 
ATOM   654  O O     . ILE C 3 31 ? -6.680  -10.089 -7.487  1.00 26.22 ? 166 ILE A O     1 
ATOM   655  C CB    . ILE C 3 31 ? -9.798  -10.843 -7.099  1.00 26.02 ? 166 ILE A CB    1 
ATOM   656  C CG1   . ILE C 3 31 ? -10.083 -11.778 -8.272  1.00 32.07 ? 166 ILE A CG1   1 
ATOM   657  C CG2   . ILE C 3 31 ? -11.100 -10.451 -6.428  1.00 33.90 ? 166 ILE A CG2   1 
ATOM   658  C CD1   . ILE C 3 31 ? -10.992 -12.929 -7.893  1.00 30.68 ? 166 ILE A CD1   1 
ATOM   659  N N     . LYS C 3 32 ? -7.665  -10.154 -9.509  1.00 26.39 ? 167 LYS A N     1 
ATOM   660  C CA    . LYS C 3 32 ? -6.405  -10.474 -10.171 1.00 31.79 ? 167 LYS A CA    1 
ATOM   661  C C     . LYS C 3 32 ? -5.381  -9.360  -10.001 1.00 29.83 ? 167 LYS A C     1 
ATOM   662  O O     . LYS C 3 32 ? -4.177  -9.639  -9.911  1.00 31.54 ? 167 LYS A O     1 
ATOM   663  C CB    . LYS C 3 32 ? -6.633  -10.753 -11.663 1.00 28.76 ? 167 LYS A CB    1 
ATOM   664  C CG    . LYS C 3 32 ? -5.936  -12.020 -12.142 1.00 33.37 ? 167 LYS A CG    1 
ATOM   665  C CD    . LYS C 3 32 ? -5.937  -12.162 -13.662 1.00 35.78 ? 167 LYS A CD    1 
ATOM   666  C CE    . LYS C 3 32 ? -7.347  -12.193 -14.239 1.00 28.48 ? 167 LYS A CE    1 
ATOM   667  N NZ    . LYS C 3 32 ? -7.329  -12.658 -15.665 1.00 32.50 ? 167 LYS A NZ    1 
ATOM   668  N N     . ASN C 3 33 ? -5.836  -8.100  -9.945  1.00 25.71 ? 168 ASN A N     1 
ATOM   669  C CA    . ASN C 3 33 ? -4.960  -6.934  -9.901  1.00 24.73 ? 168 ASN A CA    1 
ATOM   670  C C     . ASN C 3 33 ? -4.709  -6.412  -8.495  1.00 20.48 ? 168 ASN A C     1 
ATOM   671  O O     . ASN C 3 33 ? -4.001  -5.411  -8.342  1.00 22.53 ? 168 ASN A O     1 
ATOM   672  C CB    . ASN C 3 33 ? -5.535  -5.803  -10.761 1.00 25.29 ? 168 ASN A CB    1 
ATOM   673  C CG    . ASN C 3 33 ? -5.471  -6.115  -12.237 1.00 28.94 ? 168 ASN A CG    1 
ATOM   674  O OD1   . ASN C 3 33 ? -4.510  -6.730  -12.708 1.00 24.97 ? 168 ASN A OD1   1 
ATOM   675  N ND2   . ASN C 3 33 ? -6.506  -5.716  -12.975 1.00 25.41 ? 168 ASN A ND2   1 
ATOM   676  N N     . ALA C 3 34 ? -5.260  -7.064  -7.471  1.00 23.26 ? 169 ALA A N     1 
ATOM   677  C CA    . ALA C 3 34 ? -5.076  -6.650  -6.079  1.00 18.86 ? 169 ALA A CA    1 
ATOM   678  C C     . ALA C 3 34 ? -3.723  -7.147  -5.570  1.00 15.60 ? 169 ALA A C     1 
ATOM   679  O O     . ALA C 3 34 ? -3.622  -8.005  -4.692  1.00 16.41 ? 169 ALA A O     1 
ATOM   680  C CB    . ALA C 3 34 ? -6.214  -7.164  -5.210  1.00 23.30 ? 169 ALA A CB    1 
ATOM   681  N N     . VAL C 3 35 ? -2.673  -6.581  -6.149  1.00 16.20 ? 170 VAL A N     1 
ATOM   682  C CA    . VAL C 3 35 ? -1.287  -6.889  -5.798  1.00 12.10 ? 170 VAL A CA    1 
ATOM   683  C C     . VAL C 3 35 ? -0.595  -5.587  -5.419  1.00 18.85 ? 170 VAL A C     1 
ATOM   684  O O     . VAL C 3 35 ? -0.991  -4.492  -5.858  1.00 14.23 ? 170 VAL A O     1 
ATOM   685  C CB    . VAL C 3 35 ? -0.547  -7.593  -6.958  1.00 19.49 ? 170 VAL A CB    1 
ATOM   686  C CG1   . VAL C 3 35 ? -1.243  -8.906  -7.321  1.00 18.00 ? 170 VAL A CG1   1 
ATOM   687  C CG2   . VAL C 3 35 ? -0.468  -6.674  -8.163  1.00 19.26 ? 170 VAL A CG2   1 
ATOM   688  N N     . PRO C 3 36 ? 0.462   -5.665  -4.615  1.00 15.05 ? 171 PRO A N     1 
ATOM   689  C CA    . PRO C 3 36 ? 1.038   -4.431  -4.051  1.00 14.09 ? 171 PRO A CA    1 
ATOM   690  C C     . PRO C 3 36 ? 1.431   -3.380  -5.084  1.00 18.26 ? 171 PRO A C     1 
ATOM   691  O O     . PRO C 3 36 ? 1.207   -2.188  -4.840  1.00 18.02 ? 171 PRO A O     1 
ATOM   692  C CB    . PRO C 3 36 ? 2.243   -4.944  -3.256  1.00 15.35 ? 171 PRO A CB    1 
ATOM   693  C CG    . PRO C 3 36 ? 1.848   -6.377  -2.866  1.00 16.74 ? 171 PRO A CG    1 
ATOM   694  C CD    . PRO C 3 36 ? 1.043   -6.893  -4.041  1.00 14.95 ? 171 PRO A CD    1 
ATOM   695  N N     . LYS C 3 37 ? 1.987   -3.761  -6.233  1.00 15.72 ? 172 LYS A N     1 
ATOM   696  C CA    . LYS C 3 37 ? 2.377   -2.740  -7.197  1.00 20.77 ? 172 LYS A CA    1 
ATOM   697  C C     . LYS C 3 37 ? 1.166   -1.945  -7.660  1.00 24.65 ? 172 LYS A C     1 
ATOM   698  O O     . LYS C 3 37 ? 1.186   -0.708  -7.657  1.00 23.67 ? 172 LYS A O     1 
ATOM   699  C CB    . LYS C 3 37 ? 3.094   -3.358  -8.401  1.00 25.10 ? 172 LYS A CB    1 
ATOM   700  C CG    . LYS C 3 37 ? 3.547   -2.293  -9.407  1.00 30.39 ? 172 LYS A CG    1 
ATOM   701  C CD    . LYS C 3 37 ? 4.477   -2.848  -10.475 1.00 36.81 ? 172 LYS A CD    1 
ATOM   702  C CE    . LYS C 3 37 ? 3.727   -3.650  -11.536 1.00 44.73 ? 172 LYS A CE    1 
ATOM   703  N NZ    . LYS C 3 37 ? 4.662   -4.277  -12.533 1.00 45.40 ? 172 LYS A NZ    1 
ATOM   704  N N     . THR C 3 38 ? 0.100   -2.644  -8.070  1.00 19.29 ? 173 THR A N     1 
ATOM   705  C CA    . THR C 3 38 ? -1.089  -1.967  -8.580  1.00 20.46 ? 173 THR A CA    1 
ATOM   706  C C     . THR C 3 38 ? -1.755  -1.135  -7.492  1.00 21.96 ? 173 THR A C     1 
ATOM   707  O O     . THR C 3 38 ? -2.107  0.034   -7.706  1.00 22.48 ? 173 THR A O     1 
ATOM   708  C CB    . THR C 3 38 ? -2.070  -2.996  -9.142  1.00 20.63 ? 173 THR A CB    1 
ATOM   709  O OG1   . THR C 3 38 ? -1.415  -3.765  -10.154 1.00 23.93 ? 173 THR A OG1   1 
ATOM   710  C CG2   . THR C 3 38 ? -3.272  -2.303  -9.749  1.00 23.55 ? 173 THR A CG2   1 
ATOM   711  N N     . ILE C 3 39 ? -1.943  -1.731  -6.315  1.00 13.03 ? 174 ILE A N     1 
ATOM   712  C CA    . ILE C 3 39 ? -2.474  -0.987  -5.178  1.00 15.63 ? 174 ILE A CA    1 
ATOM   713  C C     . ILE C 3 39 ? -1.662  0.280   -4.946  1.00 16.98 ? 174 ILE A C     1 
ATOM   714  O O     . ILE C 3 39 ? -2.207  1.369   -4.741  1.00 15.98 ? 174 ILE A O     1 
ATOM   715  C CB    . ILE C 3 39 ? -2.483  -1.877  -3.925  1.00 15.43 ? 174 ILE A CB    1 
ATOM   716  C CG1   . ILE C 3 39 ? -3.403  -3.075  -4.135  1.00 12.44 ? 174 ILE A CG1   1 
ATOM   717  C CG2   . ILE C 3 39 ? -2.872  -1.060  -2.690  1.00 14.14 ? 174 ILE A CG2   1 
ATOM   718  C CD1   . ILE C 3 39 ? -3.215  -4.172  -3.107  1.00 13.91 ? 174 ILE A CD1   1 
ATOM   719  N N     . MET C 3 40 ? -0.342  0.147   -4.952  1.00 14.20 ? 175 MET A N     1 
ATOM   720  C CA    A MET C 3 40 ? 0.519   1.294   -4.677  0.65 20.19 ? 175 MET A CA    1 
ATOM   721  C CA    B MET C 3 40 ? 0.522   1.293   -4.677  0.35 21.27 ? 175 MET A CA    1 
ATOM   722  C C     . MET C 3 40 ? 0.253   2.428   -5.658  1.00 23.04 ? 175 MET A C     1 
ATOM   723  O O     . MET C 3 40 ? 0.093   3.589   -5.255  1.00 23.22 ? 175 MET A O     1 
ATOM   724  C CB    A MET C 3 40 ? 1.979   0.859   -4.733  0.65 18.24 ? 175 MET A CB    1 
ATOM   725  C CB    B MET C 3 40 ? 1.990   0.860   -4.727  0.35 19.14 ? 175 MET A CB    1 
ATOM   726  C CG    A MET C 3 40 ? 2.971   1.981   -4.652  0.65 20.00 ? 175 MET A CG    1 
ATOM   727  C CG    B MET C 3 40 ? 2.995   1.940   -4.365  0.35 19.90 ? 175 MET A CG    1 
ATOM   728  S SD    A MET C 3 40 ? 4.556   1.322   -5.162  0.65 19.85 ? 175 MET A SD    1 
ATOM   729  S SD    B MET C 3 40 ? 3.575   2.866   -5.798  0.35 20.40 ? 175 MET A SD    1 
ATOM   730  C CE    A MET C 3 40 ? 4.231   1.038   -6.889  0.65 19.63 ? 175 MET A CE    1 
ATOM   731  C CE    B MET C 3 40 ? 5.176   3.417   -5.218  0.35 17.44 ? 175 MET A CE    1 
ATOM   732  N N     . GLN C 3 41 ? 0.199   2.112   -6.955  1.00 23.71 ? 176 GLN A N     1 
ATOM   733  C CA    . GLN C 3 41 ? -0.049  3.135   -7.966  1.00 24.62 ? 176 GLN A CA    1 
ATOM   734  C C     . GLN C 3 41 ? -1.418  3.795   -7.769  1.00 28.17 ? 176 GLN A C     1 
ATOM   735  O O     . GLN C 3 41 ? -1.522  5.029   -7.705  1.00 26.73 ? 176 GLN A O     1 
ATOM   736  C CB    . GLN C 3 41 ? 0.086   2.518   -9.363  1.00 32.12 ? 176 GLN A CB    1 
ATOM   737  C CG    . GLN C 3 41 ? 1.513   2.007   -9.653  1.00 34.40 ? 176 GLN A CG    1 
ATOM   738  C CD    . GLN C 3 41 ? 1.622   1.131   -10.907 1.00 41.21 ? 176 GLN A CD    1 
ATOM   739  O OE1   . GLN C 3 41 ? 0.625   0.609   -11.408 1.00 46.52 ? 176 GLN A OE1   1 
ATOM   740  N NE2   . GLN C 3 41 ? 2.844   0.963   -11.409 1.00 44.34 ? 176 GLN A NE2   1 
ATOM   741  N N     . LEU C 3 42 ? -2.478  2.991   -7.631  1.00 23.30 ? 177 LEU A N     1 
ATOM   742  C CA    . LEU C 3 42 ? -3.817  3.563   -7.488  1.00 21.63 ? 177 LEU A CA    1 
ATOM   743  C C     . LEU C 3 42 ? -4.014  4.364   -6.197  1.00 24.18 ? 177 LEU A C     1 
ATOM   744  O O     . LEU C 3 42 ? -4.902  5.217   -6.154  1.00 23.42 ? 177 LEU A O     1 
ATOM   745  C CB    . LEU C 3 42 ? -4.884  2.468   -7.567  1.00 20.66 ? 177 LEU A CB    1 
ATOM   746  C CG    . LEU C 3 42 ? -5.015  1.927   -8.985  1.00 24.37 ? 177 LEU A CG    1 
ATOM   747  C CD1   . LEU C 3 42 ? -6.188  0.958   -9.143  1.00 23.00 ? 177 LEU A CD1   1 
ATOM   748  C CD2   . LEU C 3 42 ? -5.136  3.097   -9.941  1.00 28.81 ? 177 LEU A CD2   1 
ATOM   749  N N     . MET C 3 43 ? -3.226  4.129   -5.151  1.00 19.35 ? 178 MET A N     1 
ATOM   750  C CA    . MET C 3 43 ? -3.459  4.850   -3.901  1.00 22.90 ? 178 MET A CA    1 
ATOM   751  C C     . MET C 3 43 ? -3.014  6.310   -3.942  1.00 26.41 ? 178 MET A C     1 
ATOM   752  O O     . MET C 3 43 ? -3.501  7.118   -3.138  1.00 24.11 ? 178 MET A O     1 
ATOM   753  C CB    . MET C 3 43 ? -2.752  4.139   -2.750  1.00 19.19 ? 178 MET A CB    1 
ATOM   754  C CG    . MET C 3 43 ? -3.510  2.945   -2.244  1.00 19.76 ? 178 MET A CG    1 
ATOM   755  S SD    . MET C 3 43 ? -2.725  2.288   -0.800  1.00 18.19 ? 178 MET A SD    1 
ATOM   756  C CE    . MET C 3 43 ? -2.810  3.694   0.311   1.00 21.62 ? 178 MET A CE    1 
ATOM   757  N N     . ASN C 3 44 ? -2.070  6.658   -4.816  1.00 26.15 ? 179 ASN A N     1 
ATOM   758  C CA    . ASN C 3 44 ? -1.740  8.055   -5.085  1.00 26.04 ? 179 ASN A CA    1 
ATOM   759  C C     . ASN C 3 44 ? -1.221  8.758   -3.827  1.00 26.09 ? 179 ASN A C     1 
ATOM   760  O O     . ASN C 3 44 ? -1.701  9.821   -3.432  1.00 27.84 ? 179 ASN A O     1 
ATOM   761  C CB    . ASN C 3 44 ? -2.961  8.775   -5.671  1.00 29.43 ? 179 ASN A CB    1 
ATOM   762  C CG    . ASN C 3 44 ? -2.605  10.095  -6.320  1.00 38.64 ? 179 ASN A CG    1 
ATOM   763  O OD1   . ASN C 3 44 ? -1.428  10.403  -6.534  1.00 31.23 ? 179 ASN A OD1   1 
ATOM   764  N ND2   . ASN C 3 44 ? -3.621  10.890  -6.637  1.00 43.51 ? 179 ASN A ND2   1 
ATOM   765  N N     . VAL C 3 45 ? -0.215  8.159   -3.201  1.00 25.91 ? 180 VAL A N     1 
ATOM   766  C CA    . VAL C 3 45 ? 0.400   8.677   -1.979  1.00 21.50 ? 180 VAL A CA    1 
ATOM   767  C C     . VAL C 3 45 ? 1.880   8.867   -2.265  1.00 26.22 ? 180 VAL A C     1 
ATOM   768  O O     . VAL C 3 45 ? 2.622   7.886   -2.386  1.00 25.30 ? 180 VAL A O     1 
ATOM   769  C CB    . VAL C 3 45 ? 0.192   7.731   -0.786  1.00 22.81 ? 180 VAL A CB    1 
ATOM   770  C CG1   . VAL C 3 45 ? 0.802   8.296   0.507   1.00 18.99 ? 180 VAL A CG1   1 
ATOM   771  C CG2   . VAL C 3 45 ? -1.283  7.401   -0.613  1.00 24.34 ? 180 VAL A CG2   1 
ATOM   772  N N     . GLU C 3 46 ? 2.316   10.113  -2.391  1.00 30.08 ? 181 GLU A N     1 
ATOM   773  C CA    . GLU C 3 46 ? 3.736   10.366  -2.601  1.00 30.50 ? 181 GLU A CA    1 
ATOM   774  C C     . GLU C 3 46 ? 4.531   9.778   -1.442  1.00 28.13 ? 181 GLU A C     1 
ATOM   775  O O     . GLU C 3 46 ? 4.248   10.057  -0.275  1.00 25.21 ? 181 GLU A O     1 
ATOM   776  C CB    . GLU C 3 46 ? 3.999   11.869  -2.722  1.00 35.00 ? 181 GLU A CB    1 
ATOM   777  C CG    . GLU C 3 46 ? 5.422   12.287  -2.332  1.00 42.03 ? 181 GLU A CG    1 
ATOM   778  C CD    . GLU C 3 46 ? 5.491   13.713  -1.738  1.00 57.68 ? 181 GLU A CD    1 
ATOM   779  O OE1   . GLU C 3 46 ? 4.480   14.443  -1.828  1.00 57.12 ? 181 GLU A OE1   1 
ATOM   780  O OE2   . GLU C 3 46 ? 6.547   14.083  -1.174  1.00 55.09 ? 181 GLU A OE2   1 
ATOM   781  N N     . GLY C 3 47 ? 5.516   8.947   -1.762  1.00 28.32 ? 182 GLY A N     1 
ATOM   782  C CA    . GLY C 3 47 ? 6.361   8.364   -0.741  1.00 24.12 ? 182 GLY A CA    1 
ATOM   783  C C     . GLY C 3 47 ? 5.945   6.997   -0.245  1.00 23.56 ? 182 GLY A C     1 
ATOM   784  O O     . GLY C 3 47 ? 6.662   6.417   0.579   1.00 23.28 ? 182 GLY A O     1 
ATOM   785  N N     . LEU C 3 48 ? 4.813   6.465   -0.706  1.00 18.71 ? 183 LEU A N     1 
ATOM   786  C CA    . LEU C 3 48 ? 4.415   5.106   -0.355  1.00 20.19 ? 183 LEU A CA    1 
ATOM   787  C C     . LEU C 3 48 ? 5.190   4.116   -1.209  1.00 20.01 ? 183 LEU A C     1 
ATOM   788  O O     . LEU C 3 48 ? 5.256   4.269   -2.431  1.00 21.18 ? 183 LEU A O     1 
ATOM   789  C CB    . LEU C 3 48 ? 2.915   4.915   -0.572  1.00 18.09 ? 183 LEU A CB    1 
ATOM   790  C CG    . LEU C 3 48 ? 2.282   3.564   -0.227  1.00 12.45 ? 183 LEU A CG    1 
ATOM   791  C CD1   . LEU C 3 48 ? 2.280   3.362   1.268   1.00 14.08 ? 183 LEU A CD1   1 
ATOM   792  C CD2   . LEU C 3 48 ? 0.855   3.489   -0.759  1.00 15.10 ? 183 LEU A CD2   1 
ATOM   793  N N     . THR C 3 49 ? 5.777   3.097   -0.581  1.00 16.87 ? 184 THR A N     1 
ATOM   794  C CA    . THR C 3 49 ? 6.528   2.111   -1.349  1.00 14.52 ? 184 THR A CA    1 
ATOM   795  C C     . THR C 3 49 ? 5.697   0.856   -1.584  1.00 14.37 ? 184 THR A C     1 
ATOM   796  O O     . THR C 3 49 ? 4.733   0.572   -0.868  1.00 12.49 ? 184 THR A O     1 
ATOM   797  C CB    . THR C 3 49 ? 7.839   1.733   -0.652  1.00 18.56 ? 184 THR A CB    1 
ATOM   798  O OG1   . THR C 3 49 ? 7.555   0.876   0.457   1.00 15.16 ? 184 THR A OG1   1 
ATOM   799  C CG2   . THR C 3 49 ? 8.575   2.972   -0.169  1.00 18.81 ? 184 THR A CG2   1 
ATOM   800  N N     . ARG C 3 50 ? 6.099   0.085   -2.598  1.00 17.82 ? 185 ARG A N     1 
ATOM   801  C CA    . ARG C 3 50 ? 5.447   -1.198  -2.849  1.00 16.38 ? 185 ARG A CA    1 
ATOM   802  C C     . ARG C 3 50 ? 5.605   -2.139  -1.655  1.00 14.98 ? 185 ARG A C     1 
ATOM   803  O O     . ARG C 3 50 ? 4.690   -2.905  -1.333  1.00 14.80 ? 185 ARG A O     1 
ATOM   804  C CB    . ARG C 3 50 ? 6.015   -1.832  -4.124  1.00 17.12 ? 185 ARG A CB    1 
ATOM   805  C CG    . ARG C 3 50 ? 5.278   -3.091  -4.579  1.00 17.44 ? 185 ARG A CG    1 
ATOM   806  C CD    . ARG C 3 50 ? 6.104   -3.912  -5.567  1.00 17.94 ? 185 ARG A CD    1 
ATOM   807  N NE    . ARG C 3 50 ? 7.343   -4.400  -4.961  1.00 19.90 ? 185 ARG A NE    1 
ATOM   808  C CZ    . ARG C 3 50 ? 7.457   -5.525  -4.241  1.00 19.20 ? 185 ARG A CZ    1 
ATOM   809  N NH1   . ARG C 3 50 ? 6.410   -6.324  -4.028  1.00 16.48 ? 185 ARG A NH1   1 
ATOM   810  N NH2   . ARG C 3 50 ? 8.638   -5.852  -3.736  1.00 25.33 ? 185 ARG A NH2   1 
ATOM   811  N N     . GLU C 3 51 ? 6.747   -2.080  -0.974  1.00 14.75 ? 186 GLU A N     1 
ATOM   812  C CA    . GLU C 3 51 ? 6.967   -2.889  0.221   1.00 13.54 ? 186 GLU A CA    1 
ATOM   813  C C     . GLU C 3 51 ? 6.075   -2.457  1.384   1.00 15.19 ? 186 GLU A C     1 
ATOM   814  O O     . GLU C 3 51 ? 5.644   -3.299  2.181   1.00 11.27 ? 186 GLU A O     1 
ATOM   815  C CB    . GLU C 3 51 ? 8.436   -2.800  0.624   1.00 19.74 ? 186 GLU A CB    1 
ATOM   816  C CG    . GLU C 3 51 ? 9.361   -3.452  -0.361  1.00 18.14 ? 186 GLU A CG    1 
ATOM   817  C CD    . GLU C 3 51 ? 9.445   -4.942  -0.115  1.00 29.44 ? 186 GLU A CD    1 
ATOM   818  O OE1   . GLU C 3 51 ? 10.575  -5.471  0.022   1.00 38.88 ? 186 GLU A OE1   1 
ATOM   819  O OE2   . GLU C 3 51 ? 8.371   -5.585  -0.039  1.00 33.69 ? 186 GLU A OE2   1 
ATOM   820  N N     . ASN C 3 52 ? 5.838   -1.151  1.547   1.00 13.03 ? 187 ASN A N     1 
ATOM   821  C CA    . ASN C 3 52 ? 4.869   -0.719  2.545   1.00 12.99 ? 187 ASN A CA    1 
ATOM   822  C C     . ASN C 3 52 ? 3.540   -1.411  2.294   1.00 13.05 ? 187 ASN A C     1 
ATOM   823  O O     . ASN C 3 52 ? 2.887   -1.903  3.223   1.00 10.56 ? 187 ASN A O     1 
ATOM   824  C CB    . ASN C 3 52 ? 4.653   0.800   2.505   1.00 13.41 ? 187 ASN A CB    1 
ATOM   825  C CG    . ASN C 3 52 ? 5.850   1.606   2.989   1.00 17.50 ? 187 ASN A CG    1 
ATOM   826  O OD1   . ASN C 3 52 ? 6.016   2.759   2.571   1.00 14.59 ? 187 ASN A OD1   1 
ATOM   827  N ND2   . ASN C 3 52 ? 6.673   1.029   3.876   1.00 15.52 ? 187 ASN A ND2   1 
ATOM   828  N N     . VAL C 3 53 ? 3.114   -1.437  1.028   1.00 12.84 ? 188 VAL A N     1 
ATOM   829  C CA    . VAL C 3 53 ? 1.801   -1.994  0.711   1.00 12.75 ? 188 VAL A CA    1 
ATOM   830  C C     . VAL C 3 53 ? 1.789   -3.507  0.922   1.00 12.52 ? 188 VAL A C     1 
ATOM   831  O O     . VAL C 3 53 ? 0.836   -4.060  1.476   1.00 12.62 ? 188 VAL A O     1 
ATOM   832  C CB    . VAL C 3 53 ? 1.392   -1.606  -0.719  1.00 13.72 ? 188 VAL A CB    1 
ATOM   833  C CG1   . VAL C 3 53 ? 0.141   -2.377  -1.137  1.00 14.03 ? 188 VAL A CG1   1 
ATOM   834  C CG2   . VAL C 3 53 ? 1.133   -0.122  -0.797  1.00 12.52 ? 188 VAL A CG2   1 
ATOM   835  N N     . ALA C 3 54 ? 2.846   -4.199  0.498   1.00 9.72  ? 189 ALA A N     1 
ATOM   836  C CA    . ALA C 3 54 ? 2.838   -5.656  0.585   1.00 11.94 ? 189 ALA A CA    1 
ATOM   837  C C     . ALA C 3 54 ? 2.639   -6.114  2.026   1.00 11.15 ? 189 ALA A C     1 
ATOM   838  O O     . ALA C 3 54 ? 1.779   -6.951  2.316   1.00 11.38 ? 189 ALA A O     1 
ATOM   839  C CB    . ALA C 3 54 ? 4.137   -6.213  0.013   1.00 9.31  ? 189 ALA A CB    1 
ATOM   840  N N     . SER C 3 55 ? 3.413   -5.545  2.951   1.00 11.92 ? 190 SER A N     1 
ATOM   841  C CA    . SER C 3 55 ? 3.296   -5.904  4.357   1.00 14.42 ? 190 SER A CA    1 
ATOM   842  C C     . SER C 3 55 ? 1.902   -5.602  4.903   1.00 13.70 ? 190 SER A C     1 
ATOM   843  O O     . SER C 3 55 ? 1.366   -6.365  5.712   1.00 16.38 ? 190 SER A O     1 
ATOM   844  C CB    . SER C 3 55 ? 4.362   -5.156  5.166   1.00 10.73 ? 190 SER A CB    1 
ATOM   845  O OG    . SER C 3 55 ? 4.069   -5.270  6.530   1.00 16.96 ? 190 SER A OG    1 
ATOM   846  N N     . HIS C 3 56 ? 1.313   -4.478  4.503   1.00 11.12 ? 191 HIS A N     1 
ATOM   847  C CA    . HIS C 3 56 ? -0.013  -4.136  5.000   1.00 13.27 ? 191 HIS A CA    1 
ATOM   848  C C     . HIS C 3 56 ? -1.077  -5.058  4.403   1.00 14.63 ? 191 HIS A C     1 
ATOM   849  O O     . HIS C 3 56 ? -1.992  -5.506  5.103   1.00 14.18 ? 191 HIS A O     1 
ATOM   850  C CB    . HIS C 3 56 ? -0.308  -2.672  4.680   1.00 17.72 ? 191 HIS A CB    1 
ATOM   851  C CG    . HIS C 3 56 ? -1.549  -2.148  5.323   1.00 15.71 ? 191 HIS A CG    1 
ATOM   852  N ND1   . HIS C 3 56 ? -1.678  -2.014  6.691   1.00 17.66 ? 191 HIS A ND1   1 
ATOM   853  C CD2   . HIS C 3 56 ? -2.715  -1.713  4.791   1.00 15.00 ? 191 HIS A CD2   1 
ATOM   854  C CE1   . HIS C 3 56 ? -2.873  -1.528  6.973   1.00 13.39 ? 191 HIS A CE1   1 
ATOM   855  N NE2   . HIS C 3 56 ? -3.523  -1.334  5.838   1.00 16.07 ? 191 HIS A NE2   1 
ATOM   856  N N     . LEU C 3 57 ? -0.939  -5.381  3.118   1.00 11.80 ? 192 LEU A N     1 
ATOM   857  C CA    . LEU C 3 57 ? -1.850  -6.290  2.427   1.00 14.55 ? 192 LEU A CA    1 
ATOM   858  C C     . LEU C 3 57 ? -1.794  -7.706  2.981   1.00 12.85 ? 192 LEU A C     1 
ATOM   859  O O     . LEU C 3 57 ? -2.797  -8.424  2.944   1.00 13.74 ? 192 LEU A O     1 
ATOM   860  C CB    . LEU C 3 57 ? -1.504  -6.316  0.938   1.00 13.69 ? 192 LEU A CB    1 
ATOM   861  C CG    . LEU C 3 57 ? -2.228  -7.283  0.012   1.00 15.84 ? 192 LEU A CG    1 
ATOM   862  C CD1   . LEU C 3 57 ? -3.695  -6.930  -0.034  1.00 14.54 ? 192 LEU A CD1   1 
ATOM   863  C CD2   . LEU C 3 57 ? -1.613  -7.183  -1.369  1.00 16.52 ? 192 LEU A CD2   1 
ATOM   864  N N     . GLN C 3 58 ? -0.630  -8.137  3.461   1.00 13.72 ? 193 GLN A N     1 
ATOM   865  C CA    . GLN C 3 58 ? -0.527  -9.457  4.059   1.00 12.58 ? 193 GLN A CA    1 
ATOM   866  C C     . GLN C 3 58 ? -1.483  -9.580  5.241   1.00 17.33 ? 193 GLN A C     1 
ATOM   867  O O     . GLN C 3 58 ? -2.312  -10.500 5.300   1.00 20.87 ? 193 GLN A O     1 
ATOM   868  C CB    . GLN C 3 58 ? 0.916   -9.724  4.490   1.00 11.65 ? 193 GLN A CB    1 
ATOM   869  C CG    . GLN C 3 58 ? 1.130   -11.166 4.894   1.00 17.85 ? 193 GLN A CG    1 
ATOM   870  C CD    . GLN C 3 58 ? 2.481   -11.447 5.495   1.00 17.10 ? 193 GLN A CD    1 
ATOM   871  O OE1   . GLN C 3 58 ? 3.347   -10.577 5.576   1.00 15.45 ? 193 GLN A OE1   1 
ATOM   872  N NE2   . GLN C 3 58 ? 2.670   -12.682 5.925   1.00 16.03 ? 193 GLN A NE2   1 
ATOM   873  N N     . LYS C 3 59 ? -1.395  -8.647  6.197   1.00 17.32 ? 194 LYS A N     1 
ATOM   874  C CA    . LYS C 3 59 ? -2.312  -8.683  7.337   1.00 20.60 ? 194 LYS A CA    1 
ATOM   875  C C     . LYS C 3 59 ? -3.749  -8.536  6.882   1.00 19.46 ? 194 LYS A C     1 
ATOM   876  O O     . LYS C 3 59 ? -4.642  -9.219  7.387   1.00 20.14 ? 194 LYS A O     1 
ATOM   877  C CB    . LYS C 3 59 ? -1.983  -7.580  8.340   1.00 19.62 ? 194 LYS A CB    1 
ATOM   878  C CG    . LYS C 3 59 ? -0.550  -7.614  8.845   1.00 27.25 ? 194 LYS A CG    1 
ATOM   879  C CD    . LYS C 3 59 ? -0.150  -9.005  9.352   1.00 32.14 ? 194 LYS A CD    1 
ATOM   880  C CE    . LYS C 3 59 ? -0.869  -9.370  10.657  1.00 30.61 ? 194 LYS A CE    1 
ATOM   881  N NZ    . LYS C 3 59 ? -0.523  -8.495  11.837  1.00 34.03 ? 194 LYS A NZ    1 
ATOM   882  N N     . TYR C 3 60 ? -3.993  -7.631  5.938   1.00 18.48 ? 195 TYR A N     1 
ATOM   883  C CA    . TYR C 3 60 ? -5.350  -7.419  5.456   1.00 19.35 ? 195 TYR A CA    1 
ATOM   884  C C     . TYR C 3 60 ? -5.976  -8.720  4.975   1.00 16.18 ? 195 TYR A C     1 
ATOM   885  O O     . TYR C 3 60 ? -7.148  -9.000  5.259   1.00 19.62 ? 195 TYR A O     1 
ATOM   886  C CB    . TYR C 3 60 ? -5.337  -6.368  4.342   1.00 20.45 ? 195 TYR A CB    1 
ATOM   887  C CG    . TYR C 3 60 ? -6.708  -5.891  3.952   1.00 19.38 ? 195 TYR A CG    1 
ATOM   888  C CD1   . TYR C 3 60 ? -7.537  -5.274  4.879   1.00 22.35 ? 195 TYR A CD1   1 
ATOM   889  C CD2   . TYR C 3 60 ? -7.182  -6.079  2.667   1.00 20.46 ? 195 TYR A CD2   1 
ATOM   890  C CE1   . TYR C 3 60 ? -8.803  -4.853  4.533   1.00 26.68 ? 195 TYR A CE1   1 
ATOM   891  C CE2   . TYR C 3 60 ? -8.441  -5.650  2.308   1.00 24.52 ? 195 TYR A CE2   1 
ATOM   892  C CZ    . TYR C 3 60 ? -9.246  -5.042  3.240   1.00 23.77 ? 195 TYR A CZ    1 
ATOM   893  O OH    . TYR C 3 60 ? -10.500 -4.617  2.871   1.00 29.31 ? 195 TYR A OH    1 
ATOM   894  N N     . ARG C 3 61 ? -5.216  -9.536  4.247   1.00 15.19 ? 196 ARG A N     1 
ATOM   895  C CA    . ARG C 3 61 ? -5.783  -10.779 3.735   1.00 20.79 ? 196 ARG A CA    1 
ATOM   896  C C     . ARG C 3 61 ? -6.148  -11.736 4.860   1.00 19.88 ? 196 ARG A C     1 
ATOM   897  O O     . ARG C 3 61 ? -7.104  -12.508 4.725   1.00 19.21 ? 196 ARG A O     1 
ATOM   898  C CB    . ARG C 3 61 ? -4.818  -11.451 2.759   1.00 17.00 ? 196 ARG A CB    1 
ATOM   899  C CG    . ARG C 3 61 ? -4.790  -10.787 1.401   1.00 16.72 ? 196 ARG A CG    1 
ATOM   900  C CD    . ARG C 3 61 ? -3.554  -11.208 0.628   1.00 16.34 ? 196 ARG A CD    1 
ATOM   901  N NE    . ARG C 3 61 ? -3.624  -10.779 -0.766  1.00 18.16 ? 196 ARG A NE    1 
ATOM   902  C CZ    . ARG C 3 61 ? -2.605  -10.841 -1.622  1.00 23.01 ? 196 ARG A CZ    1 
ATOM   903  N NH1   . ARG C 3 61 ? -1.417  -11.302 -1.230  1.00 15.08 ? 196 ARG A NH1   1 
ATOM   904  N NH2   . ARG C 3 61 ? -2.776  -10.435 -2.876  1.00 19.94 ? 196 ARG A NH2   1 
ATOM   905  N N     . LEU C 3 62 ? -5.393  -11.711 5.960   1.00 19.66 ? 197 LEU A N     1 
ATOM   906  C CA    . LEU C 3 62 ? -5.763  -12.511 7.126   1.00 22.83 ? 197 LEU A CA    1 
ATOM   907  C C     . LEU C 3 62 ? -7.028  -11.963 7.781   1.00 23.97 ? 197 LEU A C     1 
ATOM   908  O O     . LEU C 3 62 ? -7.874  -12.731 8.252   1.00 21.28 ? 197 LEU A O     1 
ATOM   909  C CB    . LEU C 3 62 ? -4.599  -12.554 8.123   1.00 21.68 ? 197 LEU A CB    1 
ATOM   910  C CG    . LEU C 3 62 ? -3.370  -13.345 7.635   1.00 25.11 ? 197 LEU A CG    1 
ATOM   911  C CD1   . LEU C 3 62 ? -2.222  -13.259 8.613   1.00 25.88 ? 197 LEU A CD1   1 
ATOM   912  C CD2   . LEU C 3 62 ? -3.718  -14.803 7.364   1.00 27.23 ? 197 LEU A CD2   1 
ATOM   913  N N     . TYR C 3 63 ? -7.181  -10.635 7.794   1.00 21.67 ? 198 TYR A N     1 
ATOM   914  C CA    . TYR C 3 63 ? -8.371  -10.014 8.363   1.00 19.23 ? 198 TYR A CA    1 
ATOM   915  C C     . TYR C 3 63 ? -9.626  -10.373 7.575   1.00 22.30 ? 198 TYR A C     1 
ATOM   916  O O     . TYR C 3 63 ? -10.723 -10.409 8.141   1.00 19.68 ? 198 TYR A O     1 
ATOM   917  C CB    . TYR C 3 63 ? -8.195  -8.499  8.404   1.00 22.87 ? 198 TYR A CB    1 
ATOM   918  C CG    . TYR C 3 63 ? -9.474  -7.765  8.704   1.00 22.87 ? 198 TYR A CG    1 
ATOM   919  C CD1   . TYR C 3 63 ? -9.979  -7.738  9.990   1.00 23.34 ? 198 TYR A CD1   1 
ATOM   920  C CD2   . TYR C 3 63 ? -10.192 -7.121  7.699   1.00 22.63 ? 198 TYR A CD2   1 
ATOM   921  C CE1   . TYR C 3 63 ? -11.164 -7.083  10.288  1.00 28.29 ? 198 TYR A CE1   1 
ATOM   922  C CE2   . TYR C 3 63 ? -11.385 -6.458  7.985   1.00 25.38 ? 198 TYR A CE2   1 
ATOM   923  C CZ    . TYR C 3 63 ? -11.862 -6.449  9.287   1.00 26.77 ? 198 TYR A CZ    1 
ATOM   924  O OH    . TYR C 3 63 ? -13.029 -5.811  9.623   1.00 27.99 ? 198 TYR A OH    1 
ATOM   925  N N     . LEU C 3 64 ? -9.489  -10.626 6.273   1.00 21.76 ? 199 LEU A N     1 
ATOM   926  C CA    . LEU C 3 64 ? -10.641 -10.881 5.423   1.00 19.65 ? 199 LEU A CA    1 
ATOM   927  C C     . LEU C 3 64 ? -11.168 -12.300 5.542   1.00 24.24 ? 199 LEU A C     1 
ATOM   928  O O     . LEU C 3 64 ? -12.316 -12.556 5.161   1.00 25.46 ? 199 LEU A O     1 
ATOM   929  C CB    . LEU C 3 64 ? -10.299 -10.603 3.959   1.00 23.04 ? 199 LEU A CB    1 
ATOM   930  C CG    . LEU C 3 64 ? -10.087 -9.141  3.588   1.00 22.06 ? 199 LEU A CG    1 
ATOM   931  C CD1   . LEU C 3 64 ? -9.904  -8.998  2.080   1.00 21.80 ? 199 LEU A CD1   1 
ATOM   932  C CD2   . LEU C 3 64 ? -11.269 -8.320  4.092   1.00 22.32 ? 199 LEU A CD2   1 
ATOM   933  N N     . LYS C 3 65 ? -10.362 -13.228 6.034   1.00 22.30 ? 200 LYS A N     1 
ATOM   934  C CA    . LYS C 3 65 ? -10.878 -14.552 6.311   1.00 22.83 ? 200 LYS A CA    1 
ATOM   935  C C     . LYS C 3 65 ? -12.040 -14.431 7.304   1.00 25.62 ? 200 LYS A C     1 
ATOM   936  O O     . LYS C 3 65 ? -12.916 -15.283 7.368   1.00 22.64 ? 200 LYS A O     1 
ATOM   937  C CB    . LYS C 3 65 ? -9.768  -15.452 6.847   1.00 25.92 ? 200 LYS A CB    1 
ATOM   938  C CG    . LYS C 3 65 ? -8.627  -15.672 5.839   1.00 26.19 ? 200 LYS A CG    1 
ATOM   939  C CD    . LYS C 3 65 ? -9.137  -16.309 4.535   1.00 36.73 ? 200 LYS A CD    1 
ATOM   940  C CE    . LYS C 3 65 ? -8.005  -16.918 3.672   1.00 37.30 ? 200 LYS A CE    1 
ATOM   941  N NZ    . LYS C 3 65 ? -7.143  -15.927 2.928   1.00 35.76 ? 200 LYS A NZ    1 
ATOM   942  O OXT   . LYS C 3 65 ? -12.159 -13.459 8.058   1.00 23.19 ? 200 LYS A OXT   1 
HETATM 943  C C1    . GOL D 4 .  ? 0.471   12.126  0.670   1.00 37.77 ? 301 GOL A C1    1 
HETATM 944  O O1    . GOL D 4 .  ? 1.620   12.852  1.051   1.00 35.22 ? 301 GOL A O1    1 
HETATM 945  C C2    . GOL D 4 .  ? -0.097  12.741  -0.662  1.00 36.23 ? 301 GOL A C2    1 
HETATM 946  O O2    . GOL D 4 .  ? 0.708   12.432  -1.755  1.00 34.74 ? 301 GOL A O2    1 
HETATM 947  C C3    . GOL D 4 .  ? -1.567  12.165  -0.825  1.00 34.24 ? 301 GOL A C3    1 
HETATM 948  O O3    . GOL D 4 .  ? -2.105  12.710  -2.029  1.00 32.46 ? 301 GOL A O3    1 
HETATM 949  H H11   . GOL D 4 .  ? 0.654   11.184  0.533   1.00 45.32 ? 301 GOL A H11   1 
HETATM 950  H H12   . GOL D 4 .  ? -0.211  12.160  1.360   1.00 45.32 ? 301 GOL A H12   1 
HETATM 951  H HO1   . GOL D 4 .  ? 1.481   13.125  1.844   1.00 42.26 ? 301 GOL A HO1   1 
HETATM 952  H H2    . GOL D 4 .  ? -0.111  13.709  -0.610  1.00 43.48 ? 301 GOL A H2    1 
HETATM 953  H HO2   . GOL D 4 .  ? 1.438   12.859  -1.670  1.00 41.69 ? 301 GOL A HO2   1 
HETATM 954  H H31   . GOL D 4 .  ? -1.534  11.196  -0.814  1.00 41.08 ? 301 GOL A H31   1 
HETATM 955  H H32   . GOL D 4 .  ? -2.097  12.410  -0.050  1.00 41.08 ? 301 GOL A H32   1 
HETATM 956  H HO3   . GOL D 4 .  ? -1.496  12.649  -2.618  1.00 38.95 ? 301 GOL A HO3   1 
HETATM 957  C C1    . GOL E 4 .  ? -6.638  12.000  -5.466  1.00 42.69 ? 302 GOL A C1    1 
HETATM 958  O O1    . GOL E 4 .  ? -7.823  11.537  -4.879  1.00 45.78 ? 302 GOL A O1    1 
HETATM 959  C C2    . GOL E 4 .  ? -6.109  13.174  -4.573  1.00 46.40 ? 302 GOL A C2    1 
HETATM 960  O O2    . GOL E 4 .  ? -7.145  13.740  -3.817  1.00 49.24 ? 302 GOL A O2    1 
HETATM 961  C C3    . GOL E 4 .  ? -4.950  12.602  -3.673  1.00 37.22 ? 302 GOL A C3    1 
HETATM 962  O O3    . GOL E 4 .  ? -3.820  13.417  -3.892  1.00 41.02 ? 302 GOL A O3    1 
HETATM 963  H H11   . GOL E 4 .  ? -5.958  11.312  -5.534  1.00 51.23 ? 302 GOL A H11   1 
HETATM 964  H H12   . GOL E 4 .  ? -6.788  12.315  -6.371  1.00 51.23 ? 302 GOL A H12   1 
HETATM 965  H HO1   . GOL E 4 .  ? -8.451  11.732  -5.417  1.00 54.94 ? 302 GOL A HO1   1 
HETATM 966  H H2    . GOL E 4 .  ? -5.775  13.894  -5.132  1.00 55.68 ? 302 GOL A H2    1 
HETATM 967  H HO2   . GOL E 4 .  ? -7.586  13.107  -3.463  1.00 59.09 ? 302 GOL A HO2   1 
HETATM 968  H H31   . GOL E 4 .  ? -5.244  12.578  -2.749  1.00 44.67 ? 302 GOL A H31   1 
HETATM 969  H H32   . GOL E 4 .  ? -4.781  11.677  -3.912  1.00 44.67 ? 302 GOL A H32   1 
HETATM 970  H HO3   . GOL E 4 .  ? -3.211  13.134  -3.372  1.00 49.22 ? 302 GOL A HO3   1 
HETATM 971  O O     . HOH F 5 .  ? 13.233  -3.439  -15.991 1.00 32.78 ? 101 HOH U O     1 
HETATM 972  O O     . HOH F 5 .  ? 3.212   -21.921 3.697   1.00 34.68 ? 102 HOH U O     1 
HETATM 973  O O     . HOH F 5 .  ? -1.912  -16.138 -1.301  1.00 30.88 ? 103 HOH U O     1 
HETATM 974  O O     . HOH F 5 .  ? 17.443  -4.989  -11.212 1.00 28.98 ? 104 HOH U O     1 
HETATM 975  O O     . HOH F 5 .  ? -0.310  -11.638 1.329   1.00 16.91 ? 105 HOH U O     1 
HETATM 976  O O     . HOH F 5 .  ? 10.081  -3.685  11.879  1.00 30.42 ? 106 HOH U O     1 
HETATM 977  O O     . HOH F 5 .  ? 12.903  -13.670 14.419  1.00 43.89 ? 107 HOH U O     1 
HETATM 978  O O     . HOH F 5 .  ? 11.162  -15.435 5.823   1.00 33.73 ? 108 HOH U O     1 
HETATM 979  O O     . HOH F 5 .  ? 2.781   -16.724 7.770   1.00 27.41 ? 109 HOH U O     1 
HETATM 980  O O     . HOH F 5 .  ? 19.669  -7.286  12.286  1.00 35.56 ? 110 HOH U O     1 
HETATM 981  O O     . HOH F 5 .  ? 2.410   -7.072  -10.342 1.00 27.09 ? 111 HOH U O     1 
HETATM 982  O O     . HOH F 5 .  ? 12.564  -11.506 7.826   1.00 24.53 ? 112 HOH U O     1 
HETATM 983  O O     . HOH F 5 .  ? 12.361  -7.311  9.705   1.00 22.99 ? 113 HOH U O     1 
HETATM 984  O O     . HOH F 5 .  ? 6.367   -7.958  -1.611  1.00 23.91 ? 114 HOH U O     1 
HETATM 985  O O     . HOH F 5 .  ? 3.881   -10.347 2.439   1.00 17.34 ? 115 HOH U O     1 
HETATM 986  O O     . HOH F 5 .  ? 10.930  -8.383  -3.809  1.00 21.59 ? 116 HOH U O     1 
HETATM 987  O O     . HOH F 5 .  ? 5.547   -16.514 -0.417  1.00 29.70 ? 117 HOH U O     1 
HETATM 988  O O     . HOH F 5 .  ? 14.877  -9.142  16.033  1.00 40.00 ? 118 HOH U O     1 
HETATM 989  O O     . HOH F 5 .  ? 2.020   -9.539  -1.925  1.00 12.25 ? 119 HOH U O     1 
HETATM 990  O O     . HOH F 5 .  ? 6.418   -12.149 13.769  1.00 33.36 ? 120 HOH U O     1 
HETATM 991  O O     . HOH F 5 .  ? 16.668  -9.197  9.234   1.00 29.98 ? 121 HOH U O     1 
HETATM 992  O O     . HOH F 5 .  ? 5.163   -12.194 -9.522  1.00 29.26 ? 122 HOH U O     1 
HETATM 993  O O     . HOH F 5 .  ? 2.568   -11.359 9.069   1.00 32.95 ? 123 HOH U O     1 
HETATM 994  O O     . HOH F 5 .  ? 4.184   -8.386  -2.983  1.00 18.97 ? 124 HOH U O     1 
HETATM 995  O O     . HOH F 5 .  ? 9.924   -17.692 13.820  1.00 29.93 ? 125 HOH U O     1 
HETATM 996  O O     . HOH F 5 .  ? 10.743  -5.496  -7.185  1.00 36.32 ? 126 HOH U O     1 
HETATM 997  O O     . HOH F 5 .  ? 13.657  -1.251  13.595  1.00 26.61 ? 127 HOH U O     1 
HETATM 998  O O     . HOH F 5 .  ? 13.203  -4.667  10.199  1.00 26.79 ? 128 HOH U O     1 
HETATM 999  O O     . HOH F 5 .  ? 13.111  -4.493  -8.381  1.00 36.00 ? 129 HOH U O     1 
HETATM 1000 O O     . HOH F 5 .  ? 20.568  -7.633  9.439   1.00 36.50 ? 130 HOH U O     1 
HETATM 1001 O O     . HOH F 5 .  ? 2.098   -24.296 3.045   1.00 43.23 ? 131 HOH U O     1 
HETATM 1002 O O     . HOH G 5 .  ? -3.360  -2.405  14.534  1.00 35.20 ? 101 HOH B O     1 
HETATM 1003 O O     . HOH G 5 .  ? 5.553   -11.878 17.270  1.00 36.31 ? 102 HOH B O     1 
HETATM 1004 O O     . HOH G 5 .  ? 8.548   -18.629 -1.811  1.00 29.46 ? 103 HOH B O     1 
HETATM 1005 O O     . HOH G 5 .  ? 11.974  -4.031  3.199   1.00 26.07 ? 104 HOH B O     1 
HETATM 1006 O O     . HOH G 5 .  ? 0.063   -2.960  8.739   1.00 18.07 ? 105 HOH B O     1 
HETATM 1007 O O     . HOH G 5 .  ? -1.238  2.174   12.609  1.00 23.56 ? 106 HOH B O     1 
HETATM 1008 O O     . HOH G 5 .  ? 5.525   -7.972  2.815   1.00 13.42 ? 107 HOH B O     1 
HETATM 1009 O O     . HOH G 5 .  ? 3.378   -1.187  5.927   1.00 12.42 ? 108 HOH B O     1 
HETATM 1010 O O     . HOH G 5 .  ? -2.703  -1.022  10.511  1.00 22.98 ? 109 HOH B O     1 
HETATM 1011 O O     . HOH G 5 .  ? 9.744   -23.565 -1.356  1.00 44.74 ? 110 HOH B O     1 
HETATM 1012 O O     . HOH G 5 .  ? 12.135  -18.378 -10.614 1.00 30.22 ? 111 HOH B O     1 
HETATM 1013 O O     . HOH G 5 .  ? 13.564  -8.420  -1.375  1.00 22.33 ? 112 HOH B O     1 
HETATM 1014 O O     . HOH G 5 .  ? 7.137   -2.526  4.583   1.00 12.72 ? 113 HOH B O     1 
HETATM 1015 O O     . HOH G 5 .  ? 14.179  -12.209 -4.657  1.00 20.79 ? 114 HOH B O     1 
HETATM 1016 O O     . HOH G 5 .  ? 15.059  -4.995  1.626   1.00 33.31 ? 115 HOH B O     1 
HETATM 1017 O O     . HOH G 5 .  ? 2.586   0.727   14.705  1.00 25.27 ? 116 HOH B O     1 
HETATM 1018 O O     . HOH G 5 .  ? 3.235   -9.883  13.429  1.00 45.08 ? 117 HOH B O     1 
HETATM 1019 O O     . HOH G 5 .  ? 17.650  -12.218 0.095   1.00 38.82 ? 118 HOH B O     1 
HETATM 1020 O O     . HOH G 5 .  ? -0.158  -3.773  19.344  1.00 33.11 ? 119 HOH B O     1 
HETATM 1021 O O     . HOH G 5 .  ? 12.323  -21.539 -7.981  1.00 36.57 ? 120 HOH B O     1 
HETATM 1022 O O     . HOH G 5 .  ? 15.404  -8.842  0.463   1.00 22.25 ? 121 HOH B O     1 
HETATM 1023 O O     . HOH G 5 .  ? 1.515   -2.331  17.805  1.00 30.56 ? 122 HOH B O     1 
HETATM 1024 O O     . HOH G 5 .  ? 9.521   -1.441  3.578   1.00 17.97 ? 123 HOH B O     1 
HETATM 1025 O O     . HOH G 5 .  ? 14.170  -8.971  8.631   1.00 24.77 ? 124 HOH B O     1 
HETATM 1026 O O     . HOH G 5 .  ? 13.435  -14.296 7.091   1.00 28.89 ? 125 HOH B O     1 
HETATM 1027 O O     . HOH G 5 .  ? 9.586   -21.474 0.806   1.00 38.06 ? 126 HOH B O     1 
HETATM 1028 O O     . HOH G 5 .  ? 16.238  2.036   7.887   1.00 29.66 ? 127 HOH B O     1 
HETATM 1029 O O     . HOH G 5 .  ? 20.421  -21.384 -4.206  1.00 41.67 ? 128 HOH B O     1 
HETATM 1030 O O     . HOH H 5 .  ? 9.572   9.831   0.772   1.00 36.93 ? 401 HOH A O     1 
HETATM 1031 O O     . HOH H 5 .  ? 5.827   -1.198  14.125  1.00 34.68 ? 402 HOH A O     1 
HETATM 1032 O O     . HOH H 5 .  ? 13.656  2.762   -10.974 1.00 41.49 ? 403 HOH A O     1 
HETATM 1033 O O     . HOH H 5 .  ? 7.544   -7.565  0.417   1.00 18.43 ? 404 HOH A O     1 
HETATM 1034 O O     . HOH H 5 .  ? 2.735   14.581  0.245   1.00 33.20 ? 405 HOH A O     1 
HETATM 1035 O O     . HOH H 5 .  ? -17.847 -0.764  -4.084  1.00 30.17 ? 406 HOH A O     1 
HETATM 1036 O O     . HOH H 5 .  ? 20.995  13.494  -3.929  1.00 29.62 ? 407 HOH A O     1 
HETATM 1037 O O     . HOH H 5 .  ? -9.615  3.755   8.653   1.00 26.43 ? 408 HOH A O     1 
HETATM 1038 O O     . HOH H 5 .  ? 12.082  4.036   0.689   1.00 27.09 ? 409 HOH A O     1 
HETATM 1039 O O     . HOH H 5 .  ? -7.895  -13.450 2.457   1.00 23.41 ? 410 HOH A O     1 
HETATM 1040 O O     . HOH H 5 .  ? 1.548   7.864   9.112   1.00 31.99 ? 411 HOH A O     1 
HETATM 1041 O O     . HOH H 5 .  ? -4.666  -9.631  9.961   1.00 32.78 ? 412 HOH A O     1 
HETATM 1042 O O     . HOH H 5 .  ? 9.697   0.438   1.903   1.00 16.64 ? 413 HOH A O     1 
HETATM 1043 O O     . HOH H 5 .  ? -10.002 -6.981  -4.431  1.00 35.38 ? 414 HOH A O     1 
HETATM 1044 O O     . HOH H 5 .  ? -5.364  -9.317  -3.181  1.00 23.89 ? 415 HOH A O     1 
HETATM 1045 O O     . HOH H 5 .  ? -13.273 -5.340  -6.727  1.00 33.02 ? 416 HOH A O     1 
HETATM 1046 O O     . HOH H 5 .  ? 1.211   5.772   -4.192  1.00 28.59 ? 417 HOH A O     1 
HETATM 1047 O O     . HOH H 5 .  ? 3.537   5.762   -3.875  1.00 31.94 ? 418 HOH A O     1 
HETATM 1048 O O     . HOH H 5 .  ? 6.881   5.263   3.072   1.00 21.91 ? 419 HOH A O     1 
HETATM 1049 O O     . HOH H 5 .  ? 11.966  2.592   -1.504  1.00 24.01 ? 420 HOH A O     1 
HETATM 1050 O O     . HOH H 5 .  ? -8.376  -4.034  -11.998 1.00 27.65 ? 421 HOH A O     1 
HETATM 1051 O O     . HOH H 5 .  ? 2.115   -3.613  7.427   1.00 17.36 ? 422 HOH A O     1 
HETATM 1052 O O     . HOH H 5 .  ? 14.611  5.658   -7.706  1.00 30.73 ? 423 HOH A O     1 
HETATM 1053 O O     . HOH H 5 .  ? -8.713  9.221   -3.713  1.00 43.46 ? 424 HOH A O     1 
HETATM 1054 O O     . HOH H 5 .  ? 17.833  8.162   2.755   1.00 28.42 ? 425 HOH A O     1 
HETATM 1055 O O     . HOH H 5 .  ? -1.777  -13.154 4.576   1.00 19.12 ? 426 HOH A O     1 
HETATM 1056 O O     . HOH H 5 .  ? 2.993   -8.204  7.097   1.00 12.04 ? 427 HOH A O     1 
HETATM 1057 O O     . HOH H 5 .  ? 1.787   -9.323  0.747   1.00 10.38 ? 428 HOH A O     1 
HETATM 1058 O O     . HOH H 5 .  ? 21.778  0.003   1.564   1.00 26.58 ? 429 HOH A O     1 
HETATM 1059 O O     . HOH H 5 .  ? -10.030 -3.066  7.961   1.00 33.08 ? 430 HOH A O     1 
HETATM 1060 O O     . HOH H 5 .  ? 17.895  6.155   -6.668  1.00 23.82 ? 431 HOH A O     1 
HETATM 1061 O O     . HOH H 5 .  ? 8.456   1.006   -4.053  1.00 11.65 ? 432 HOH A O     1 
HETATM 1062 O O     . HOH H 5 .  ? 8.696   3.102   4.967   1.00 31.49 ? 433 HOH A O     1 
HETATM 1063 O O     . HOH H 5 .  ? 7.363   6.065   -3.387  1.00 31.59 ? 434 HOH A O     1 
HETATM 1064 O O     . HOH H 5 .  ? -7.063  -15.059 9.839   1.00 30.28 ? 435 HOH A O     1 
HETATM 1065 O O     . HOH H 5 .  ? 6.227   8.305   -4.571  1.00 29.03 ? 436 HOH A O     1 
HETATM 1066 O O     . HOH H 5 .  ? -1.533  13.625  -5.780  1.00 34.38 ? 437 HOH A O     1 
HETATM 1067 O O     . HOH H 5 .  ? 7.212   6.787   5.540   1.00 24.97 ? 438 HOH A O     1 
HETATM 1068 O O     . HOH H 5 .  ? -14.922 -16.274 9.390   1.00 23.90 ? 439 HOH A O     1 
HETATM 1069 O O     . HOH H 5 .  ? -12.638 -9.614  -9.210  1.00 31.38 ? 440 HOH A O     1 
HETATM 1070 O O     . HOH H 5 .  ? 13.822  11.770  -4.108  1.00 34.55 ? 441 HOH A O     1 
HETATM 1071 O O     . HOH H 5 .  ? 10.060  -3.137  -4.047  1.00 24.18 ? 442 HOH A O     1 
HETATM 1072 O O     . HOH H 5 .  ? 0.241   -14.599 5.524   1.00 25.88 ? 443 HOH A O     1 
HETATM 1073 O O     . HOH H 5 .  ? -8.027  -15.647 -15.084 1.00 26.46 ? 444 HOH A O     1 
HETATM 1074 O O     . HOH H 5 .  ? -14.401 -6.647  -2.837  1.00 25.42 ? 445 HOH A O     1 
HETATM 1075 O O     . HOH H 5 .  ? -8.897  8.574   3.027   1.00 30.11 ? 446 HOH A O     1 
HETATM 1076 O O     . HOH H 5 .  ? -11.467 -15.938 10.110  1.00 43.45 ? 447 HOH A O     1 
HETATM 1077 O O     . HOH H 5 .  ? -6.722  13.261  11.948  1.00 37.84 ? 448 HOH A O     1 
HETATM 1078 O O     . HOH H 5 .  ? 9.422   -1.172  -2.506  1.00 20.88 ? 449 HOH A O     1 
HETATM 1079 O O     . HOH H 5 .  ? -0.176  -2.174  -12.823 1.00 43.07 ? 450 HOH A O     1 
HETATM 1080 O O     . HOH H 5 .  ? -4.029  -4.388  7.400   1.00 37.13 ? 451 HOH A O     1 
HETATM 1081 O O     . HOH H 5 .  ? -8.560  -3.877  8.739   1.00 31.39 ? 452 HOH A O     1 
HETATM 1082 O O     . HOH H 5 .  ? -9.153  9.604   -7.274  1.00 43.88 ? 453 HOH A O     1 
HETATM 1083 O O     . HOH H 5 .  ? 9.545   -2.452  -6.709  1.00 28.87 ? 454 HOH A O     1 
HETATM 1084 O O     . HOH H 5 .  ? -14.424 -4.736  -8.591  1.00 25.64 ? 455 HOH A O     1 
HETATM 1085 O O     . HOH H 5 .  ? 1.313   -3.473  -13.162 1.00 46.45 ? 456 HOH A O     1 
HETATM 1086 O O     . HOH H 5 .  ? -10.092 -9.984  -12.047 1.00 30.25 ? 457 HOH A O     1 
HETATM 1087 O O     . HOH H 5 .  ? -4.298  -0.056  9.604   1.00 25.56 ? 458 HOH A O     1 
HETATM 1088 O O     . HOH H 5 .  ? 1.349   -14.316 8.845   1.00 25.32 ? 459 HOH A O     1 
HETATM 1089 O O     . HOH H 5 .  ? -4.527  10.272  12.315  1.00 41.02 ? 460 HOH A O     1 
HETATM 1090 O O     . HOH H 5 .  ? -3.798  -14.956 4.017   1.00 29.40 ? 461 HOH A O     1 
HETATM 1091 O O     . HOH H 5 .  ? 3.941   11.661  3.623   1.00 44.08 ? 462 HOH A O     1 
HETATM 1092 O O     . HOH H 5 .  ? 5.965   8.165   7.319   1.00 26.71 ? 463 HOH A O     1 
HETATM 1093 O O     . HOH H 5 .  ? 0.798   13.423  -5.733  1.00 37.49 ? 464 HOH A O     1 
HETATM 1094 O O     . HOH H 5 .  ? 11.228  -0.199  -0.465  1.00 23.10 ? 465 HOH A O     1 
HETATM 1095 O O     . HOH H 5 .  ? -6.197  -14.045 11.613  1.00 40.87 ? 466 HOH A O     1 
HETATM 1096 O O     . HOH H 5 .  ? 3.561   9.159   3.610   1.00 33.76 ? 467 HOH A O     1 
HETATM 1097 O O     . HOH H 5 .  ? 16.606  3.974   8.707   1.00 36.99 ? 468 HOH A O     1 
HETATM 1098 O O     . HOH H 5 .  ? -5.520  -7.142  10.858  1.00 26.94 ? 469 HOH A O     1 
HETATM 1099 O O     . HOH H 5 .  ? 9.851   3.401   -3.544  1.00 24.99 ? 470 HOH A O     1 
HETATM 1100 O O     . HOH H 5 .  ? -7.214  -8.743  -1.359  1.00 28.91 ? 471 HOH A O     1 
HETATM 1101 O O     . HOH H 5 .  ? 15.104  8.309   -8.713  1.00 37.20 ? 472 HOH A O     1 
HETATM 1102 O O     . HOH H 5 .  ? -6.362  -5.011  8.682   1.00 30.46 ? 473 HOH A O     1 
HETATM 1103 O O     . HOH H 5 .  ? 8.464   -0.477  -6.862  1.00 28.93 ? 474 HOH A O     1 
HETATM 1104 O O     . HOH H 5 .  ? 0.863   8.852   11.917  1.00 32.97 ? 475 HOH A O     1 
HETATM 1105 O O     . HOH H 5 .  ? -8.259  -11.125 -0.368  1.00 33.40 ? 476 HOH A O     1 
HETATM 1106 O O     . HOH H 5 .  ? -10.213 8.340   -8.057  1.00 55.03 ? 477 HOH A O     1 
HETATM 1107 O O     . HOH H 5 .  ? -9.786  -18.019 12.884  1.00 51.87 ? 478 HOH A O     1 
# 
